data_4FFF
#
_entry.id   4FFF
#
_cell.length_a   81.958
_cell.length_b   166.625
_cell.length_c   261.964
_cell.angle_alpha   90.000
_cell.angle_beta   90.000
_cell.angle_gamma   90.000
#
_symmetry.space_group_name_H-M   'P 21 21 21'
#
loop_
_entity.id
_entity.type
_entity.pdbx_description
1 polymer 'Levan fructotransferase'
2 water water
#
_entity_poly.entity_id   1
_entity_poly.type   'polypeptide(L)'
_entity_poly.pdbx_seq_one_letter_code
;MAVYHMTPPSGWLCDPQRPVTTHGAYQLYYLHSDQNNGPGGWDHASTTDGVAFTHHGTVMPLRPDFPVWSGSAVVDTANT
AGFGAGAVVALATQPTDGVRKYQEQYLYWSTDGGFTFTALPDPVIVNTDGRAATTPAEIENAEWFRDPKIHWDTARGEWV
CVIGRLRYAAFYTSPNLRDWTLRRNFDYPNHALGGIECPDLFEITADDGTRHWVLAASMDAYGIGLPMTYAYWTGTWDGE
QFHADDLTPQWLDWGWDWYAAVTWPSIDAPETKRLAIAWMNNWKYAARDVPTDASDGYNGQNSIVRELRLARQPGGWYTL
LSTPVAALTNYVTATTTLPDRTVDGSAVLPWNGRAYEIELDIAWDTATNVGISVGRSPDGTRHTNIGKYGADLYVDRGPS
DLAGYSLAPYSRAAAPIDPGARSVHLRILVDTQSVEVFVNAGHTVLSQQVHFAEGDTGISLYTDGGPAHFTGIVVREIGQ
AIGSHHHHHH
;
_entity_poly.pdbx_strand_id   A,B,C,D
#
# COMPACT_ATOMS: atom_id res chain seq x y z
N ALA A 2 -32.31 29.74 8.18
CA ALA A 2 -31.25 30.80 8.24
C ALA A 2 -31.60 31.85 9.28
N VAL A 3 -30.72 32.03 10.27
CA VAL A 3 -30.94 32.99 11.33
C VAL A 3 -30.79 34.44 10.87
N TYR A 4 -29.68 34.76 10.21
CA TYR A 4 -29.47 36.13 9.77
C TYR A 4 -29.14 36.31 8.30
N HIS A 5 -29.73 35.48 7.45
CA HIS A 5 -29.53 35.56 6.01
C HIS A 5 -30.91 35.62 5.36
N MET A 6 -31.07 36.49 4.37
CA MET A 6 -32.36 36.61 3.71
C MET A 6 -32.74 35.33 2.97
N THR A 7 -33.98 34.93 3.13
CA THR A 7 -34.53 33.75 2.47
C THR A 7 -35.94 34.09 2.04
N PRO A 8 -36.36 33.61 0.87
CA PRO A 8 -37.73 33.91 0.40
C PRO A 8 -38.76 33.20 1.29
N PRO A 9 -39.87 33.86 1.63
CA PRO A 9 -40.87 33.18 2.47
C PRO A 9 -41.23 31.80 1.96
N SER A 10 -41.25 31.64 0.64
CA SER A 10 -41.54 30.34 0.04
C SER A 10 -41.01 30.35 -1.38
N GLY A 11 -40.88 29.17 -1.98
CA GLY A 11 -40.41 29.12 -3.35
C GLY A 11 -38.91 29.16 -3.54
N TRP A 12 -38.52 29.33 -4.80
CA TRP A 12 -37.13 29.35 -5.22
C TRP A 12 -36.54 30.74 -5.41
N LEU A 13 -35.47 31.01 -4.66
CA LEU A 13 -34.76 32.28 -4.69
C LEU A 13 -33.70 32.29 -5.80
N CYS A 14 -33.44 33.48 -6.36
CA CYS A 14 -32.43 33.61 -7.40
C CYS A 14 -31.82 35.02 -7.39
N ASP A 15 -31.19 35.39 -8.50
CA ASP A 15 -30.52 36.70 -8.67
C ASP A 15 -31.13 37.91 -8.00
N PRO A 16 -30.33 38.65 -7.22
CA PRO A 16 -30.85 39.86 -6.56
C PRO A 16 -30.67 41.00 -7.57
N GLN A 17 -31.36 42.12 -7.38
CA GLN A 17 -31.22 43.24 -8.31
C GLN A 17 -30.79 44.47 -7.51
N ARG A 18 -30.00 45.35 -8.12
CA ARG A 18 -29.54 46.56 -7.46
C ARG A 18 -30.67 47.21 -6.66
N PRO A 19 -30.48 47.38 -5.34
CA PRO A 19 -31.52 48.01 -4.52
C PRO A 19 -31.59 49.51 -4.72
N VAL A 20 -32.80 50.06 -4.57
CA VAL A 20 -33.01 51.50 -4.70
C VAL A 20 -33.25 52.03 -3.29
N THR A 21 -32.97 53.32 -3.09
CA THR A 21 -33.15 53.94 -1.78
C THR A 21 -34.39 54.84 -1.75
N THR A 22 -35.47 54.33 -1.18
CA THR A 22 -36.74 55.07 -1.05
C THR A 22 -37.36 54.81 0.32
N HIS A 23 -38.22 55.73 0.77
CA HIS A 23 -38.88 55.59 2.05
C HIS A 23 -37.90 55.18 3.14
N GLY A 24 -36.81 55.92 3.25
CA GLY A 24 -35.80 55.64 4.26
C GLY A 24 -35.45 54.17 4.45
N ALA A 25 -35.17 53.47 3.35
CA ALA A 25 -34.79 52.06 3.41
C ALA A 25 -34.29 51.59 2.05
N TYR A 26 -33.74 50.39 2.01
CA TYR A 26 -33.23 49.83 0.76
C TYR A 26 -34.28 48.88 0.25
N GLN A 27 -34.71 49.12 -0.99
CA GLN A 27 -35.71 48.25 -1.58
C GLN A 27 -34.94 47.26 -2.45
N LEU A 28 -34.83 46.03 -1.97
CA LEU A 28 -34.15 44.99 -2.71
C LEU A 28 -35.16 44.21 -3.54
N TYR A 29 -34.77 43.85 -4.75
CA TYR A 29 -35.64 43.06 -5.62
C TYR A 29 -34.85 41.80 -5.90
N TYR A 30 -35.55 40.71 -6.20
CA TYR A 30 -34.87 39.46 -6.50
C TYR A 30 -35.73 38.51 -7.31
N LEU A 31 -35.09 37.69 -8.14
CA LEU A 31 -35.82 36.74 -8.96
C LEU A 31 -36.44 35.66 -8.07
N HIS A 32 -37.68 35.32 -8.37
CA HIS A 32 -38.42 34.32 -7.61
C HIS A 32 -39.23 33.46 -8.55
N SER A 33 -39.38 32.18 -8.20
CA SER A 33 -40.17 31.25 -8.98
C SER A 33 -40.85 30.33 -7.97
N ASP A 34 -42.02 29.83 -8.31
CA ASP A 34 -42.73 28.94 -7.38
C ASP A 34 -42.11 27.55 -7.41
N GLN A 35 -41.39 27.22 -8.49
CA GLN A 35 -40.74 25.93 -8.62
C GLN A 35 -39.23 26.14 -8.75
N ASN A 36 -38.45 25.28 -8.13
CA ASN A 36 -37.01 25.40 -8.20
C ASN A 36 -36.53 25.46 -9.65
N ASN A 37 -35.94 26.60 -10.02
CA ASN A 37 -35.43 26.81 -11.37
C ASN A 37 -36.53 26.79 -12.43
N GLY A 38 -37.72 27.27 -12.08
CA GLY A 38 -38.81 27.29 -13.03
C GLY A 38 -39.06 28.73 -13.44
N PRO A 39 -40.05 28.99 -14.30
CA PRO A 39 -40.36 30.36 -14.74
C PRO A 39 -40.65 31.23 -13.52
N GLY A 40 -40.22 32.49 -13.55
CA GLY A 40 -40.45 33.38 -12.43
C GLY A 40 -40.41 34.88 -12.73
N GLY A 41 -40.42 35.69 -11.69
CA GLY A 41 -40.39 37.13 -11.85
C GLY A 41 -39.63 37.82 -10.72
N TRP A 42 -39.89 39.11 -10.52
CA TRP A 42 -39.24 39.91 -9.49
C TRP A 42 -40.07 40.03 -8.21
N ASP A 43 -39.48 39.66 -7.08
CA ASP A 43 -40.17 39.81 -5.80
C ASP A 43 -39.47 40.98 -5.10
N HIS A 44 -40.19 41.62 -4.19
CA HIS A 44 -39.68 42.79 -3.51
C HIS A 44 -39.48 42.59 -2.00
N ALA A 45 -38.39 43.12 -1.47
CA ALA A 45 -38.09 43.03 -0.04
C ALA A 45 -37.42 44.33 0.38
N SER A 46 -37.68 44.78 1.59
CA SER A 46 -37.03 46.00 2.04
C SER A 46 -36.26 45.77 3.33
N THR A 47 -35.24 46.59 3.52
CA THR A 47 -34.40 46.51 4.71
C THR A 47 -33.91 47.91 5.00
N THR A 48 -33.86 48.25 6.28
CA THR A 48 -33.39 49.55 6.71
C THR A 48 -31.96 49.48 7.21
N ASP A 49 -31.50 48.29 7.60
CA ASP A 49 -30.13 48.15 8.09
C ASP A 49 -29.25 47.20 7.30
N GLY A 50 -29.81 46.54 6.29
CA GLY A 50 -29.00 45.65 5.48
C GLY A 50 -28.86 44.25 6.04
N VAL A 51 -29.50 43.97 7.17
CA VAL A 51 -29.44 42.64 7.72
C VAL A 51 -30.82 42.01 7.83
N ALA A 52 -31.80 42.76 8.34
CA ALA A 52 -33.16 42.24 8.46
C ALA A 52 -34.03 42.73 7.30
N PHE A 53 -34.77 41.80 6.70
CA PHE A 53 -35.64 42.11 5.56
C PHE A 53 -37.13 41.83 5.78
N THR A 54 -37.98 42.66 5.19
CA THR A 54 -39.43 42.50 5.25
C THR A 54 -39.85 42.21 3.81
N HIS A 55 -40.45 41.05 3.57
CA HIS A 55 -40.85 40.72 2.21
C HIS A 55 -42.22 41.27 1.82
N HIS A 56 -42.33 41.72 0.57
CA HIS A 56 -43.58 42.30 0.08
C HIS A 56 -44.18 41.59 -1.12
N GLY A 57 -43.68 40.41 -1.44
CA GLY A 57 -44.24 39.66 -2.56
C GLY A 57 -43.82 40.10 -3.95
N THR A 58 -44.50 39.55 -4.95
CA THR A 58 -44.18 39.87 -6.34
C THR A 58 -44.44 41.33 -6.71
N VAL A 59 -43.59 41.85 -7.58
CA VAL A 59 -43.69 43.23 -8.01
C VAL A 59 -43.75 43.30 -9.55
N MET A 60 -42.94 42.48 -10.20
CA MET A 60 -42.88 42.39 -11.67
C MET A 60 -43.06 40.90 -11.98
N PRO A 61 -44.33 40.44 -11.98
CA PRO A 61 -44.81 39.07 -12.22
C PRO A 61 -44.45 38.30 -13.47
N LEU A 62 -44.54 36.99 -13.32
CA LEU A 62 -44.32 36.06 -14.40
C LEU A 62 -45.58 36.22 -15.24
N ARG A 63 -45.48 35.90 -16.52
CA ARG A 63 -46.63 36.01 -17.41
C ARG A 63 -46.46 34.93 -18.48
N PRO A 64 -47.58 34.42 -19.02
CA PRO A 64 -47.57 33.36 -20.04
C PRO A 64 -46.42 33.42 -21.05
N ASP A 65 -45.49 32.47 -20.93
CA ASP A 65 -44.32 32.42 -21.81
C ASP A 65 -43.60 33.76 -21.83
N PHE A 66 -43.44 34.36 -20.66
CA PHE A 66 -42.81 35.67 -20.58
C PHE A 66 -42.26 35.95 -19.18
N PRO A 67 -41.26 35.18 -18.75
CA PRO A 67 -40.68 35.38 -17.42
C PRO A 67 -39.98 36.74 -17.41
N VAL A 68 -39.61 37.18 -16.23
CA VAL A 68 -38.89 38.43 -16.08
C VAL A 68 -37.54 38.02 -15.55
N TRP A 69 -36.46 38.49 -16.17
CA TRP A 69 -35.14 38.13 -15.72
C TRP A 69 -34.40 39.28 -15.06
N SER A 70 -33.13 39.09 -14.79
CA SER A 70 -32.35 40.11 -14.13
C SER A 70 -32.17 41.40 -14.92
N GLY A 71 -31.91 42.47 -14.19
CA GLY A 71 -31.70 43.77 -14.78
C GLY A 71 -31.21 44.65 -13.65
N SER A 72 -31.85 45.81 -13.50
CA SER A 72 -31.47 46.73 -12.44
C SER A 72 -32.54 47.81 -12.31
N ALA A 73 -32.58 48.44 -11.14
CA ALA A 73 -33.53 49.51 -10.86
C ALA A 73 -32.81 50.70 -10.28
N VAL A 74 -33.32 51.88 -10.58
CA VAL A 74 -32.72 53.10 -10.08
C VAL A 74 -33.85 54.10 -9.86
N VAL A 75 -33.60 55.16 -9.11
CA VAL A 75 -34.63 56.17 -8.89
C VAL A 75 -34.29 57.38 -9.75
N ASP A 76 -35.21 57.75 -10.62
CA ASP A 76 -35.02 58.89 -11.52
C ASP A 76 -35.35 60.16 -10.76
N THR A 77 -34.43 60.58 -9.91
CA THR A 77 -34.63 61.77 -9.11
C THR A 77 -34.99 63.04 -9.89
N ALA A 78 -34.35 63.25 -11.03
CA ALA A 78 -34.61 64.45 -11.83
C ALA A 78 -35.71 64.31 -12.88
N ASN A 79 -36.46 63.21 -12.83
CA ASN A 79 -37.54 62.99 -13.79
C ASN A 79 -37.06 63.14 -15.23
N THR A 80 -35.90 62.55 -15.52
CA THR A 80 -35.33 62.60 -16.87
C THR A 80 -36.12 61.68 -17.79
N ALA A 81 -36.77 60.68 -17.20
CA ALA A 81 -37.53 59.71 -17.97
C ALA A 81 -38.95 60.20 -18.27
N GLY A 82 -39.43 61.12 -17.45
CA GLY A 82 -40.76 61.66 -17.66
C GLY A 82 -41.87 60.89 -16.96
N PHE A 83 -41.52 59.95 -16.11
CA PHE A 83 -42.53 59.19 -15.38
C PHE A 83 -42.77 59.79 -14.01
N GLY A 84 -42.20 60.97 -13.77
CA GLY A 84 -42.36 61.63 -12.49
C GLY A 84 -41.09 61.70 -11.67
N ALA A 85 -40.84 62.87 -11.10
CA ALA A 85 -39.65 63.07 -10.29
C ALA A 85 -39.62 62.07 -9.14
N GLY A 86 -38.52 61.33 -9.01
CA GLY A 86 -38.42 60.36 -7.94
C GLY A 86 -38.94 58.97 -8.30
N ALA A 87 -39.45 58.81 -9.51
CA ALA A 87 -39.97 57.53 -9.94
C ALA A 87 -38.89 56.47 -9.94
N VAL A 88 -39.25 55.24 -9.62
CA VAL A 88 -38.30 54.14 -9.63
C VAL A 88 -38.43 53.49 -11.00
N VAL A 89 -37.32 53.45 -11.72
CA VAL A 89 -37.32 52.84 -13.06
C VAL A 89 -36.44 51.60 -13.03
N ALA A 90 -36.84 50.59 -13.79
CA ALA A 90 -36.08 49.36 -13.85
C ALA A 90 -36.08 48.78 -15.26
N LEU A 91 -34.96 48.18 -15.65
CA LEU A 91 -34.88 47.53 -16.94
C LEU A 91 -34.60 46.07 -16.59
N ALA A 92 -35.32 45.16 -17.25
CA ALA A 92 -35.14 43.75 -17.01
C ALA A 92 -35.26 42.99 -18.33
N THR A 93 -34.48 41.93 -18.45
CA THR A 93 -34.47 41.11 -19.66
C THR A 93 -35.63 40.12 -19.68
N GLN A 94 -36.34 40.08 -20.80
CA GLN A 94 -37.46 39.16 -20.95
C GLN A 94 -37.38 38.56 -22.35
N PRO A 95 -37.70 37.26 -22.48
CA PRO A 95 -37.66 36.60 -23.79
C PRO A 95 -38.98 36.82 -24.53
N THR A 96 -39.02 37.83 -25.39
CA THR A 96 -40.22 38.14 -26.16
C THR A 96 -40.78 36.91 -26.88
N ASP A 97 -42.07 36.64 -26.66
CA ASP A 97 -42.74 35.49 -27.26
C ASP A 97 -42.15 34.19 -26.74
N GLY A 98 -41.37 34.30 -25.66
CA GLY A 98 -40.75 33.14 -25.07
C GLY A 98 -39.61 32.61 -25.91
N VAL A 99 -39.08 33.44 -26.78
CA VAL A 99 -37.97 33.03 -27.65
C VAL A 99 -36.65 33.54 -27.06
N ARG A 100 -35.71 32.63 -26.84
CA ARG A 100 -34.41 33.00 -26.29
C ARG A 100 -33.63 33.98 -27.14
N LYS A 101 -33.56 33.71 -28.44
CA LYS A 101 -32.81 34.61 -29.31
C LYS A 101 -33.45 35.97 -29.44
N TYR A 102 -34.58 36.17 -28.77
CA TYR A 102 -35.31 37.43 -28.80
C TYR A 102 -35.28 38.13 -27.44
N GLN A 103 -34.49 37.61 -26.51
CA GLN A 103 -34.39 38.19 -25.18
C GLN A 103 -33.96 39.64 -25.29
N GLU A 104 -34.72 40.53 -24.67
CA GLU A 104 -34.41 41.96 -24.71
C GLU A 104 -34.82 42.73 -23.46
N GLN A 105 -34.56 44.03 -23.46
CA GLN A 105 -34.81 44.87 -22.29
C GLN A 105 -36.12 45.63 -22.22
N TYR A 106 -36.92 45.28 -21.22
CA TYR A 106 -38.20 45.96 -21.00
C TYR A 106 -38.09 46.88 -19.80
N LEU A 107 -38.77 48.01 -19.89
CA LEU A 107 -38.75 49.01 -18.81
C LEU A 107 -40.02 48.93 -17.99
N TYR A 108 -39.87 49.04 -16.69
CA TYR A 108 -40.99 49.03 -15.75
C TYR A 108 -40.75 50.26 -14.89
N TRP A 109 -41.82 50.87 -14.38
CA TRP A 109 -41.65 52.03 -13.52
C TRP A 109 -42.63 52.03 -12.37
N SER A 110 -42.26 52.76 -11.32
CA SER A 110 -43.06 52.87 -10.10
C SER A 110 -43.07 54.32 -9.63
N THR A 111 -44.23 54.78 -9.18
CA THR A 111 -44.37 56.14 -8.69
C THR A 111 -44.73 56.10 -7.21
N ASP A 112 -44.61 54.92 -6.60
CA ASP A 112 -44.92 54.76 -5.19
C ASP A 112 -43.70 54.28 -4.40
N GLY A 113 -42.52 54.64 -4.87
CA GLY A 113 -41.30 54.26 -4.18
C GLY A 113 -40.82 52.83 -4.40
N GLY A 114 -41.26 52.21 -5.48
CA GLY A 114 -40.83 50.85 -5.75
C GLY A 114 -41.61 49.73 -5.09
N PHE A 115 -42.91 49.93 -4.89
CA PHE A 115 -43.75 48.90 -4.28
C PHE A 115 -44.74 48.30 -5.27
N THR A 116 -44.99 49.03 -6.35
CA THR A 116 -45.90 48.57 -7.40
C THR A 116 -45.34 49.13 -8.72
N PHE A 117 -45.31 48.29 -9.75
CA PHE A 117 -44.76 48.71 -11.03
C PHE A 117 -45.71 48.53 -12.19
N THR A 118 -45.56 49.39 -13.19
CA THR A 118 -46.36 49.33 -14.40
C THR A 118 -45.39 48.98 -15.52
N ALA A 119 -45.79 48.13 -16.45
CA ALA A 119 -44.89 47.76 -17.53
C ALA A 119 -45.02 48.68 -18.75
N LEU A 120 -43.89 48.92 -19.42
CA LEU A 120 -43.87 49.73 -20.63
C LEU A 120 -43.86 48.70 -21.75
N PRO A 121 -45.00 48.51 -22.42
CA PRO A 121 -45.25 47.57 -23.53
C PRO A 121 -44.09 47.21 -24.45
N ASP A 122 -43.46 48.22 -25.05
CA ASP A 122 -42.38 47.98 -26.00
C ASP A 122 -40.98 48.02 -25.41
N PRO A 123 -40.14 47.01 -25.71
CA PRO A 123 -38.78 46.96 -25.20
C PRO A 123 -38.01 48.23 -25.51
N VAL A 124 -37.37 48.78 -24.48
CA VAL A 124 -36.61 50.01 -24.62
C VAL A 124 -35.24 49.81 -25.30
N ILE A 125 -34.84 48.55 -25.48
CA ILE A 125 -33.59 48.20 -26.14
C ILE A 125 -33.87 46.85 -26.80
N VAL A 126 -33.97 46.85 -28.12
CA VAL A 126 -34.30 45.64 -28.86
C VAL A 126 -33.18 44.72 -29.33
N ASN A 127 -33.44 43.43 -29.24
CA ASN A 127 -32.47 42.44 -29.70
C ASN A 127 -32.77 42.30 -31.19
N THR A 128 -32.20 43.20 -32.00
CA THR A 128 -32.43 43.18 -33.44
C THR A 128 -31.77 42.01 -34.16
N ASP A 129 -30.47 41.83 -33.92
CA ASP A 129 -29.77 40.73 -34.57
C ASP A 129 -30.41 39.38 -34.27
N GLY A 130 -31.20 39.32 -33.21
CA GLY A 130 -31.86 38.07 -32.84
C GLY A 130 -32.82 37.60 -33.91
N ARG A 131 -33.40 38.55 -34.63
CA ARG A 131 -34.33 38.21 -35.71
C ARG A 131 -33.56 37.82 -36.96
N ALA A 132 -32.36 38.36 -37.11
CA ALA A 132 -31.53 38.08 -38.27
C ALA A 132 -30.65 36.84 -38.08
N ALA A 133 -30.69 36.24 -36.89
CA ALA A 133 -29.87 35.07 -36.60
C ALA A 133 -30.32 33.81 -37.34
N THR A 134 -29.38 33.24 -38.10
CA THR A 134 -29.64 32.03 -38.89
C THR A 134 -28.70 30.89 -38.49
N THR A 135 -27.40 31.19 -38.44
CA THR A 135 -26.40 30.19 -38.10
C THR A 135 -26.36 29.90 -36.60
N PRO A 136 -25.92 28.70 -36.22
CA PRO A 136 -25.82 28.29 -34.81
C PRO A 136 -25.08 29.31 -33.97
N ALA A 137 -24.12 30.00 -34.59
CA ALA A 137 -23.32 31.00 -33.91
C ALA A 137 -24.10 32.28 -33.65
N GLU A 138 -24.77 32.78 -34.67
CA GLU A 138 -25.56 34.00 -34.54
C GLU A 138 -26.62 33.79 -33.46
N ILE A 139 -27.25 32.62 -33.49
CA ILE A 139 -28.29 32.29 -32.53
C ILE A 139 -27.74 32.26 -31.11
N GLU A 140 -26.51 31.78 -30.96
CA GLU A 140 -25.91 31.71 -29.63
C GLU A 140 -25.71 33.12 -29.11
N ASN A 141 -25.20 33.99 -29.97
CA ASN A 141 -24.95 35.38 -29.60
C ASN A 141 -26.24 36.09 -29.19
N ALA A 142 -27.24 36.01 -30.05
CA ALA A 142 -28.53 36.64 -29.78
C ALA A 142 -29.14 36.10 -28.50
N GLU A 143 -28.74 34.89 -28.12
CA GLU A 143 -29.26 34.26 -26.92
C GLU A 143 -28.49 34.62 -25.65
N TRP A 144 -27.72 35.68 -25.72
CA TRP A 144 -26.97 36.17 -24.57
C TRP A 144 -26.92 37.68 -24.74
N PHE A 145 -28.00 38.33 -24.31
CA PHE A 145 -28.15 39.78 -24.41
C PHE A 145 -29.01 40.17 -23.21
N ARG A 146 -28.52 39.88 -22.01
CA ARG A 146 -29.27 40.11 -20.77
C ARG A 146 -28.61 40.89 -19.63
N ASP A 147 -29.40 41.06 -18.56
CA ASP A 147 -28.99 41.71 -17.31
C ASP A 147 -28.53 43.18 -17.38
N PRO A 148 -29.34 44.06 -17.99
CA PRO A 148 -28.94 45.46 -18.08
C PRO A 148 -28.74 46.09 -16.71
N LYS A 149 -27.60 46.77 -16.53
CA LYS A 149 -27.29 47.44 -15.28
C LYS A 149 -27.22 48.92 -15.60
N ILE A 150 -28.06 49.71 -14.95
CA ILE A 150 -28.11 51.15 -15.20
C ILE A 150 -27.20 51.93 -14.26
N HIS A 151 -26.71 53.07 -14.73
CA HIS A 151 -25.83 53.94 -13.94
C HIS A 151 -25.92 55.37 -14.42
N TRP A 152 -26.03 56.31 -13.49
CA TRP A 152 -26.06 57.72 -13.89
C TRP A 152 -24.63 58.26 -13.95
N ASP A 153 -24.21 58.65 -15.16
CA ASP A 153 -22.88 59.20 -15.37
C ASP A 153 -22.90 60.67 -14.96
N THR A 154 -22.38 60.98 -13.77
CA THR A 154 -22.40 62.36 -13.28
C THR A 154 -21.67 63.35 -14.18
N ALA A 155 -20.44 63.02 -14.58
CA ALA A 155 -19.65 63.88 -15.43
C ALA A 155 -20.33 64.21 -16.75
N ARG A 156 -20.83 63.18 -17.44
CA ARG A 156 -21.47 63.37 -18.73
C ARG A 156 -22.94 63.77 -18.60
N GLY A 157 -23.51 63.61 -17.41
CA GLY A 157 -24.91 63.95 -17.18
C GLY A 157 -25.89 63.13 -18.00
N GLU A 158 -25.72 61.82 -17.99
CA GLU A 158 -26.59 60.95 -18.77
C GLU A 158 -26.57 59.54 -18.20
N TRP A 159 -27.42 58.67 -18.76
CA TRP A 159 -27.47 57.28 -18.31
C TRP A 159 -26.59 56.39 -19.16
N VAL A 160 -25.93 55.43 -18.52
CA VAL A 160 -25.11 54.47 -19.25
C VAL A 160 -25.64 53.12 -18.80
N CYS A 161 -25.68 52.17 -19.73
CA CYS A 161 -26.20 50.85 -19.41
C CYS A 161 -25.28 49.73 -19.89
N VAL A 162 -24.94 48.82 -18.98
CA VAL A 162 -24.10 47.68 -19.34
C VAL A 162 -24.97 46.44 -19.49
N ILE A 163 -24.80 45.72 -20.60
CA ILE A 163 -25.55 44.51 -20.84
C ILE A 163 -24.61 43.34 -21.06
N GLY A 164 -24.93 42.19 -20.46
CA GLY A 164 -24.10 41.02 -20.60
C GLY A 164 -24.26 40.30 -21.92
N ARG A 165 -23.14 39.89 -22.50
CA ARG A 165 -23.13 39.19 -23.77
C ARG A 165 -22.16 38.02 -23.67
N LEU A 166 -22.09 37.19 -24.71
CA LEU A 166 -21.19 36.04 -24.68
C LEU A 166 -19.71 36.44 -24.69
N ARG A 167 -19.07 36.27 -23.54
CA ARG A 167 -17.65 36.58 -23.39
C ARG A 167 -17.27 38.05 -23.62
N TYR A 168 -18.25 38.94 -23.54
CA TYR A 168 -18.00 40.38 -23.70
C TYR A 168 -19.21 41.16 -23.19
N ALA A 169 -19.06 42.48 -23.06
CA ALA A 169 -20.13 43.35 -22.56
C ALA A 169 -20.44 44.51 -23.48
N ALA A 170 -21.73 44.85 -23.61
CA ALA A 170 -22.17 45.95 -24.46
C ALA A 170 -22.61 47.14 -23.64
N PHE A 171 -22.51 48.35 -24.22
CA PHE A 171 -22.90 49.57 -23.52
C PHE A 171 -23.84 50.45 -24.34
N TYR A 172 -24.74 51.14 -23.65
CA TYR A 172 -25.71 52.04 -24.25
C TYR A 172 -25.83 53.31 -23.42
N THR A 173 -26.05 54.45 -24.08
CA THR A 173 -26.21 55.70 -23.37
C THR A 173 -27.64 56.17 -23.59
N SER A 174 -28.12 57.07 -22.75
CA SER A 174 -29.47 57.57 -22.88
C SER A 174 -29.75 58.76 -21.98
N PRO A 175 -30.53 59.72 -22.48
CA PRO A 175 -30.85 60.91 -21.69
C PRO A 175 -32.12 60.75 -20.85
N ASN A 176 -32.89 59.70 -21.14
CA ASN A 176 -34.15 59.49 -20.43
C ASN A 176 -34.56 58.04 -20.14
N LEU A 177 -33.61 57.11 -20.18
CA LEU A 177 -33.90 55.69 -19.91
C LEU A 177 -34.79 55.03 -20.95
N ARG A 178 -35.31 55.81 -21.89
CA ARG A 178 -36.18 55.28 -22.94
C ARG A 178 -35.48 55.15 -24.29
N ASP A 179 -34.69 56.15 -24.65
CA ASP A 179 -33.99 56.13 -25.93
C ASP A 179 -32.51 55.82 -25.72
N TRP A 180 -32.08 54.64 -26.13
CA TRP A 180 -30.69 54.22 -25.95
C TRP A 180 -29.88 54.25 -27.24
N THR A 181 -28.58 54.45 -27.09
CA THR A 181 -27.66 54.52 -28.23
C THR A 181 -26.49 53.57 -28.00
N LEU A 182 -26.32 52.59 -28.90
CA LEU A 182 -25.25 51.61 -28.78
C LEU A 182 -23.84 52.21 -28.78
N ARG A 183 -22.99 51.70 -27.89
CA ARG A 183 -21.62 52.17 -27.78
C ARG A 183 -20.62 51.05 -27.99
N ARG A 184 -19.35 51.33 -27.76
CA ARG A 184 -18.29 50.35 -27.93
C ARG A 184 -18.40 49.22 -26.91
N ASN A 185 -18.22 47.98 -27.38
CA ASN A 185 -18.25 46.83 -26.50
C ASN A 185 -16.95 46.82 -25.70
N PHE A 186 -16.90 45.97 -24.69
CA PHE A 186 -15.71 45.83 -23.87
C PHE A 186 -15.25 44.39 -23.99
N ASP A 187 -14.00 44.19 -24.38
CA ASP A 187 -13.49 42.84 -24.50
C ASP A 187 -12.35 42.62 -23.54
N TYR A 188 -12.14 41.36 -23.17
CA TYR A 188 -11.05 40.98 -22.29
C TYR A 188 -10.43 39.77 -22.96
N PRO A 189 -9.11 39.61 -22.81
CA PRO A 189 -8.34 38.50 -23.39
C PRO A 189 -8.60 37.07 -22.98
N ASN A 190 -8.81 36.82 -21.70
CA ASN A 190 -9.02 35.46 -21.19
C ASN A 190 -10.48 34.99 -21.17
N HIS A 191 -10.94 34.33 -22.23
CA HIS A 191 -12.32 33.88 -22.29
C HIS A 191 -12.65 32.61 -21.51
N ALA A 192 -11.64 32.01 -20.90
CA ALA A 192 -11.87 30.80 -20.11
C ALA A 192 -12.33 31.27 -18.74
N LEU A 193 -12.48 32.59 -18.65
CA LEU A 193 -12.87 33.28 -17.43
C LEU A 193 -14.37 33.27 -17.15
N GLY A 194 -15.19 33.28 -18.19
CA GLY A 194 -16.63 33.32 -18.02
C GLY A 194 -17.12 34.40 -18.97
N GLY A 195 -18.39 34.37 -19.35
CA GLY A 195 -18.88 35.34 -20.32
C GLY A 195 -19.81 36.47 -19.96
N ILE A 196 -19.47 37.23 -18.94
CA ILE A 196 -20.28 38.37 -18.51
C ILE A 196 -21.79 38.17 -18.29
N GLU A 197 -22.15 37.83 -17.04
CA GLU A 197 -23.55 37.67 -16.66
C GLU A 197 -23.75 38.58 -15.44
N CYS A 198 -24.90 39.26 -15.37
CA CYS A 198 -25.20 40.17 -14.26
C CYS A 198 -24.07 41.18 -14.10
N PRO A 199 -23.76 41.92 -15.17
CA PRO A 199 -22.70 42.91 -15.10
C PRO A 199 -23.02 44.01 -14.12
N ASP A 200 -21.98 44.61 -13.56
CA ASP A 200 -22.14 45.70 -12.62
C ASP A 200 -21.32 46.87 -13.14
N LEU A 201 -21.78 48.08 -12.86
CA LEU A 201 -21.07 49.27 -13.32
C LEU A 201 -21.33 50.43 -12.38
N PHE A 202 -20.27 50.95 -11.77
CA PHE A 202 -20.43 52.07 -10.85
C PHE A 202 -19.17 52.91 -10.72
N GLU A 203 -19.30 54.03 -10.02
CA GLU A 203 -18.18 54.92 -9.77
C GLU A 203 -18.01 54.92 -8.26
N ILE A 204 -16.76 54.97 -7.79
CA ILE A 204 -16.49 54.97 -6.36
C ILE A 204 -15.20 55.77 -6.08
N THR A 205 -15.19 56.47 -4.95
CA THR A 205 -14.01 57.25 -4.59
C THR A 205 -13.15 56.44 -3.63
N ALA A 206 -11.84 56.41 -3.85
CA ALA A 206 -10.92 55.65 -3.00
C ALA A 206 -10.46 56.43 -1.77
N ASP A 207 -9.67 55.78 -0.92
CA ASP A 207 -9.19 56.40 0.29
C ASP A 207 -8.20 57.53 0.09
N ASP A 208 -7.83 57.80 -1.16
CA ASP A 208 -6.92 58.89 -1.44
C ASP A 208 -7.68 60.02 -2.13
N GLY A 209 -9.01 59.93 -2.10
CA GLY A 209 -9.84 60.96 -2.70
C GLY A 209 -10.04 60.85 -4.20
N THR A 210 -9.41 59.86 -4.82
CA THR A 210 -9.51 59.66 -6.25
C THR A 210 -10.78 58.95 -6.70
N ARG A 211 -11.35 59.41 -7.81
CA ARG A 211 -12.57 58.82 -8.38
C ARG A 211 -12.23 57.76 -9.41
N HIS A 212 -12.94 56.64 -9.38
CA HIS A 212 -12.69 55.54 -10.30
C HIS A 212 -13.96 54.83 -10.77
N TRP A 213 -13.91 54.27 -11.96
CA TRP A 213 -15.06 53.52 -12.47
C TRP A 213 -14.72 52.06 -12.23
N VAL A 214 -15.74 51.24 -12.05
CA VAL A 214 -15.55 49.83 -11.84
C VAL A 214 -16.54 49.06 -12.70
N LEU A 215 -16.03 48.07 -13.42
CA LEU A 215 -16.85 47.23 -14.27
C LEU A 215 -16.66 45.82 -13.73
N ALA A 216 -17.75 45.10 -13.55
CA ALA A 216 -17.66 43.74 -13.02
C ALA A 216 -18.81 42.88 -13.55
N ALA A 217 -18.78 41.60 -13.22
CA ALA A 217 -19.83 40.69 -13.64
C ALA A 217 -19.59 39.35 -12.97
N SER A 218 -20.57 38.46 -13.06
CA SER A 218 -20.41 37.12 -12.47
C SER A 218 -19.78 36.23 -13.53
N MET A 219 -18.83 35.39 -13.11
CA MET A 219 -18.11 34.54 -14.06
C MET A 219 -18.11 33.07 -13.66
N ASP A 220 -17.32 32.29 -14.38
CA ASP A 220 -17.18 30.86 -14.15
C ASP A 220 -15.81 30.40 -14.64
N ALA A 221 -14.78 30.71 -13.86
CA ALA A 221 -13.41 30.36 -14.19
C ALA A 221 -12.92 29.06 -13.54
N TYR A 222 -13.85 28.18 -13.22
CA TYR A 222 -13.50 26.91 -12.59
C TYR A 222 -12.49 26.16 -13.44
N GLY A 223 -12.63 26.27 -14.76
CA GLY A 223 -11.74 25.59 -15.69
C GLY A 223 -10.28 25.98 -15.58
N ILE A 224 -10.00 27.24 -15.26
CA ILE A 224 -8.63 27.69 -15.12
C ILE A 224 -8.26 27.88 -13.66
N GLY A 225 -8.92 27.13 -12.80
CA GLY A 225 -8.64 27.20 -11.37
C GLY A 225 -9.04 28.48 -10.64
N LEU A 226 -9.92 29.27 -11.25
CA LEU A 226 -10.36 30.51 -10.62
C LEU A 226 -11.81 30.43 -10.13
N PRO A 227 -12.25 31.44 -9.36
CA PRO A 227 -13.62 31.47 -8.82
C PRO A 227 -14.73 31.57 -9.86
N MET A 228 -15.93 31.13 -9.46
CA MET A 228 -17.12 31.16 -10.30
C MET A 228 -17.98 32.22 -9.63
N THR A 229 -17.35 33.33 -9.28
CA THR A 229 -18.06 34.36 -8.54
C THR A 229 -18.19 35.75 -9.18
N TYR A 230 -17.56 36.76 -8.60
CA TYR A 230 -17.66 38.13 -9.12
C TYR A 230 -16.27 38.70 -9.38
N ALA A 231 -16.01 39.07 -10.63
CA ALA A 231 -14.71 39.62 -10.99
C ALA A 231 -14.92 41.04 -11.47
N TYR A 232 -13.97 41.93 -11.18
CA TYR A 232 -14.07 43.32 -11.59
C TYR A 232 -12.79 43.94 -12.16
N TRP A 233 -13.01 44.99 -12.96
CA TRP A 233 -11.96 45.75 -13.61
C TRP A 233 -12.11 47.22 -13.22
N THR A 234 -11.08 47.83 -12.64
CA THR A 234 -11.18 49.25 -12.35
C THR A 234 -10.82 49.92 -13.68
N GLY A 235 -11.29 51.15 -13.89
CA GLY A 235 -10.99 51.83 -15.12
C GLY A 235 -11.78 53.09 -15.29
N THR A 236 -12.17 53.39 -16.53
CA THR A 236 -12.94 54.59 -16.79
C THR A 236 -13.97 54.41 -17.88
N TRP A 237 -14.90 55.35 -17.94
CA TRP A 237 -15.94 55.36 -18.95
C TRP A 237 -15.95 56.77 -19.51
N ASP A 238 -15.55 56.92 -20.76
CA ASP A 238 -15.50 58.24 -21.38
C ASP A 238 -16.83 58.60 -22.02
N GLY A 239 -17.80 57.69 -21.90
CA GLY A 239 -19.11 57.94 -22.47
C GLY A 239 -19.33 57.19 -23.76
N GLU A 240 -18.33 56.43 -24.17
CA GLU A 240 -18.42 55.67 -25.40
C GLU A 240 -17.71 54.32 -25.30
N GLN A 241 -16.73 54.24 -24.43
CA GLN A 241 -15.96 53.01 -24.27
C GLN A 241 -15.41 52.88 -22.84
N PHE A 242 -15.19 51.66 -22.39
CA PHE A 242 -14.66 51.47 -21.06
C PHE A 242 -13.22 51.02 -21.13
N HIS A 243 -12.35 51.72 -20.43
CA HIS A 243 -10.94 51.35 -20.43
C HIS A 243 -10.52 50.80 -19.07
N ALA A 244 -10.04 49.57 -19.06
CA ALA A 244 -9.62 48.93 -17.83
C ALA A 244 -8.16 49.24 -17.54
N ASP A 245 -7.87 49.56 -16.28
CA ASP A 245 -6.50 49.86 -15.89
C ASP A 245 -5.63 48.63 -16.16
N ASP A 246 -6.23 47.46 -16.12
CA ASP A 246 -5.55 46.20 -16.38
C ASP A 246 -6.59 45.19 -16.88
N LEU A 247 -6.25 44.48 -17.96
CA LEU A 247 -7.17 43.50 -18.56
C LEU A 247 -7.42 42.23 -17.76
N THR A 248 -6.61 41.97 -16.74
CA THR A 248 -6.80 40.80 -15.90
C THR A 248 -7.57 41.27 -14.67
N PRO A 249 -8.84 40.87 -14.55
CA PRO A 249 -9.69 41.25 -13.43
C PRO A 249 -9.27 40.74 -12.06
N GLN A 250 -9.86 41.34 -11.02
CA GLN A 250 -9.64 40.97 -9.62
C GLN A 250 -10.90 40.26 -9.14
N TRP A 251 -10.78 39.50 -8.06
CA TRP A 251 -11.95 38.79 -7.54
C TRP A 251 -12.46 39.30 -6.20
N LEU A 252 -13.78 39.25 -6.02
CA LEU A 252 -14.40 39.72 -4.79
C LEU A 252 -14.73 38.59 -3.80
N ASP A 253 -14.77 37.35 -4.29
CA ASP A 253 -15.03 36.22 -3.41
C ASP A 253 -14.36 34.96 -3.97
N TRP A 254 -13.84 34.12 -3.09
CA TRP A 254 -13.18 32.90 -3.50
C TRP A 254 -13.90 31.62 -3.11
N GLY A 255 -15.06 31.77 -2.48
CA GLY A 255 -15.84 30.61 -2.09
C GLY A 255 -16.61 30.09 -3.29
N TRP A 256 -17.49 29.11 -3.08
CA TRP A 256 -18.28 28.55 -4.17
C TRP A 256 -19.59 29.28 -4.44
N ASP A 257 -20.19 29.84 -3.40
CA ASP A 257 -21.49 30.47 -3.54
C ASP A 257 -21.62 31.96 -3.30
N TRP A 258 -21.38 32.75 -4.34
CA TRP A 258 -21.49 34.21 -4.26
C TRP A 258 -21.69 34.70 -5.69
N TYR A 259 -22.82 34.32 -6.25
CA TYR A 259 -23.16 34.61 -7.63
C TYR A 259 -24.20 35.69 -7.84
N ALA A 260 -24.17 36.27 -9.05
CA ALA A 260 -25.10 37.32 -9.43
C ALA A 260 -25.06 38.50 -8.48
N ALA A 261 -23.90 38.75 -7.89
CA ALA A 261 -23.76 39.85 -6.94
C ALA A 261 -24.11 41.22 -7.52
N VAL A 262 -24.67 42.08 -6.69
CA VAL A 262 -25.01 43.43 -7.11
C VAL A 262 -24.53 44.37 -6.02
N THR A 263 -24.22 45.61 -6.41
CA THR A 263 -23.77 46.59 -5.44
C THR A 263 -24.62 47.85 -5.57
N TRP A 264 -24.66 48.64 -4.50
CA TRP A 264 -25.43 49.89 -4.49
C TRP A 264 -24.81 50.85 -3.46
N PRO A 265 -25.03 52.17 -3.64
CA PRO A 265 -24.51 53.20 -2.73
C PRO A 265 -25.12 53.07 -1.34
N SER A 266 -24.33 53.35 -0.31
CA SER A 266 -24.83 53.30 1.06
C SER A 266 -25.35 54.71 1.27
N ILE A 267 -26.39 54.85 2.10
CA ILE A 267 -26.96 56.16 2.35
C ILE A 267 -26.05 57.16 3.05
N ASP A 268 -25.30 56.71 4.05
CA ASP A 268 -24.42 57.60 4.80
C ASP A 268 -23.13 58.04 4.11
N ALA A 269 -22.70 57.28 3.11
CA ALA A 269 -21.46 57.63 2.39
C ALA A 269 -21.55 57.01 1.00
N PRO A 270 -22.52 57.46 0.20
CA PRO A 270 -22.78 56.99 -1.16
C PRO A 270 -21.60 56.84 -2.12
N GLU A 271 -20.67 57.79 -2.10
CA GLU A 271 -19.57 57.74 -3.04
C GLU A 271 -18.31 57.05 -2.56
N THR A 272 -18.25 56.81 -1.26
CA THR A 272 -17.09 56.19 -0.65
C THR A 272 -17.29 54.77 -0.17
N LYS A 273 -18.51 54.46 0.27
CA LYS A 273 -18.84 53.14 0.77
C LYS A 273 -20.06 52.53 0.08
N ARG A 274 -19.90 51.35 -0.50
CA ARG A 274 -21.01 50.67 -1.14
C ARG A 274 -21.37 49.40 -0.39
N LEU A 275 -22.55 48.91 -0.66
CA LEU A 275 -23.01 47.69 -0.03
C LEU A 275 -23.12 46.69 -1.14
N ALA A 276 -23.13 45.41 -0.79
CA ALA A 276 -23.22 44.38 -1.79
C ALA A 276 -23.86 43.15 -1.20
N ILE A 277 -24.61 42.46 -2.03
CA ILE A 277 -25.26 41.23 -1.61
C ILE A 277 -25.24 40.30 -2.82
N ALA A 278 -25.21 39.00 -2.57
CA ALA A 278 -25.18 38.04 -3.66
C ALA A 278 -26.01 36.83 -3.31
N TRP A 279 -26.30 36.04 -4.34
CA TRP A 279 -27.06 34.82 -4.18
C TRP A 279 -26.07 33.74 -3.76
N MET A 280 -26.29 33.15 -2.58
CA MET A 280 -25.41 32.09 -2.10
C MET A 280 -25.74 30.77 -2.79
N ASN A 281 -25.39 30.68 -4.07
CA ASN A 281 -25.62 29.47 -4.85
C ASN A 281 -24.65 29.40 -6.03
N ASN A 282 -24.65 28.27 -6.72
CA ASN A 282 -23.79 28.05 -7.87
C ASN A 282 -24.60 27.19 -8.85
N TRP A 283 -24.54 27.49 -10.14
CA TRP A 283 -25.33 26.72 -11.09
C TRP A 283 -24.93 25.27 -11.28
N LYS A 284 -23.77 24.87 -10.76
CA LYS A 284 -23.36 23.48 -10.87
C LYS A 284 -24.38 22.62 -10.14
N TYR A 285 -25.06 23.20 -9.14
CA TYR A 285 -26.06 22.44 -8.39
C TYR A 285 -27.30 23.25 -7.96
N ALA A 286 -27.30 24.53 -8.28
CA ALA A 286 -28.39 25.44 -7.92
C ALA A 286 -29.80 24.86 -8.08
N ALA A 287 -30.03 24.20 -9.20
CA ALA A 287 -31.34 23.60 -9.51
C ALA A 287 -31.82 22.44 -8.64
N ARG A 288 -30.89 21.74 -7.97
CA ARG A 288 -31.28 20.61 -7.13
C ARG A 288 -32.10 20.96 -5.89
N ASP A 289 -32.51 19.91 -5.17
CA ASP A 289 -33.29 20.08 -3.95
C ASP A 289 -32.40 20.33 -2.75
N VAL A 290 -32.87 21.17 -1.84
CA VAL A 290 -32.12 21.54 -0.65
C VAL A 290 -32.92 21.14 0.61
N PRO A 291 -32.23 20.79 1.71
CA PRO A 291 -32.88 20.41 2.96
C PRO A 291 -34.10 21.26 3.28
N THR A 292 -33.94 22.56 3.07
CA THR A 292 -34.98 23.54 3.35
C THR A 292 -36.22 23.38 2.45
N ASP A 293 -36.08 22.60 1.39
CA ASP A 293 -37.18 22.35 0.46
C ASP A 293 -38.29 21.56 1.13
N ALA A 294 -37.91 20.44 1.74
CA ALA A 294 -38.84 19.55 2.39
C ALA A 294 -39.26 19.99 3.79
N SER A 295 -38.51 20.89 4.40
CA SER A 295 -38.84 21.33 5.74
C SER A 295 -39.57 22.66 5.82
N ASP A 296 -39.36 23.53 4.83
CA ASP A 296 -40.02 24.83 4.84
C ASP A 296 -40.48 25.28 3.46
N GLY A 297 -40.46 24.37 2.50
CA GLY A 297 -40.90 24.67 1.15
C GLY A 297 -40.25 25.86 0.46
N TYR A 298 -38.93 26.00 0.60
CA TYR A 298 -38.23 27.08 -0.05
C TYR A 298 -36.80 26.66 -0.34
N ASN A 299 -36.18 27.28 -1.35
CA ASN A 299 -34.82 26.94 -1.75
C ASN A 299 -34.02 28.22 -1.99
N GLY A 300 -32.96 28.39 -1.21
CA GLY A 300 -32.10 29.55 -1.41
C GLY A 300 -32.05 30.66 -0.37
N GLN A 301 -30.89 31.29 -0.29
CA GLN A 301 -30.67 32.40 0.62
C GLN A 301 -29.61 33.31 0.02
N ASN A 302 -29.61 34.58 0.43
CA ASN A 302 -28.63 35.52 -0.05
C ASN A 302 -27.50 35.54 0.97
N SER A 303 -26.38 36.14 0.61
CA SER A 303 -25.24 36.20 1.51
C SER A 303 -25.47 37.34 2.49
N ILE A 304 -24.57 37.47 3.45
CA ILE A 304 -24.66 38.56 4.39
C ILE A 304 -24.35 39.78 3.51
N VAL A 305 -24.86 40.96 3.88
CA VAL A 305 -24.55 42.13 3.10
C VAL A 305 -23.16 42.63 3.51
N ARG A 306 -22.31 42.91 2.53
CA ARG A 306 -20.99 43.38 2.86
C ARG A 306 -20.78 44.83 2.43
N GLU A 307 -19.83 45.48 3.10
CA GLU A 307 -19.47 46.87 2.81
C GLU A 307 -18.23 46.86 1.94
N LEU A 308 -18.22 47.68 0.90
CA LEU A 308 -17.07 47.74 0.01
C LEU A 308 -16.42 49.11 0.00
N ARG A 309 -15.09 49.12 -0.10
CA ARG A 309 -14.34 50.37 -0.18
C ARG A 309 -13.17 50.11 -1.11
N LEU A 310 -12.76 51.14 -1.85
CA LEU A 310 -11.66 51.02 -2.79
C LEU A 310 -10.40 51.61 -2.18
N ALA A 311 -9.35 50.79 -2.05
CA ALA A 311 -8.09 51.23 -1.45
C ALA A 311 -6.91 51.28 -2.42
N ARG A 312 -6.16 52.38 -2.38
CA ARG A 312 -5.00 52.56 -3.24
C ARG A 312 -3.95 51.52 -2.85
N GLN A 313 -3.15 51.10 -3.83
CA GLN A 313 -2.10 50.12 -3.57
C GLN A 313 -0.79 50.64 -4.15
N PRO A 314 0.35 50.17 -3.61
CA PRO A 314 1.65 50.63 -4.10
C PRO A 314 1.69 50.39 -5.61
N GLY A 315 2.13 51.40 -6.35
CA GLY A 315 2.18 51.30 -7.79
C GLY A 315 1.07 52.11 -8.42
N GLY A 316 0.20 52.66 -7.56
CA GLY A 316 -0.90 53.46 -8.05
C GLY A 316 -2.09 52.70 -8.63
N TRP A 317 -2.32 51.46 -8.19
CA TRP A 317 -3.48 50.70 -8.67
C TRP A 317 -4.48 50.57 -7.52
N TYR A 318 -5.69 50.14 -7.80
CA TYR A 318 -6.72 50.06 -6.76
C TYR A 318 -7.45 48.72 -6.62
N THR A 319 -7.76 48.37 -5.38
CA THR A 319 -8.43 47.11 -5.07
C THR A 319 -9.55 47.34 -4.04
N LEU A 320 -10.53 46.46 -4.04
CA LEU A 320 -11.65 46.57 -3.10
C LEU A 320 -11.42 45.77 -1.83
N LEU A 321 -12.01 46.23 -0.72
CA LEU A 321 -11.90 45.53 0.55
C LEU A 321 -13.32 45.28 1.05
N SER A 322 -13.58 44.07 1.54
CA SER A 322 -14.90 43.70 2.04
C SER A 322 -14.94 43.59 3.57
N THR A 323 -16.13 43.72 4.11
CA THR A 323 -16.34 43.63 5.55
C THR A 323 -17.83 43.48 5.82
N PRO A 324 -18.21 42.67 6.82
CA PRO A 324 -19.62 42.48 7.13
C PRO A 324 -20.30 43.81 7.42
N VAL A 325 -21.52 43.98 6.93
CA VAL A 325 -22.27 45.22 7.17
C VAL A 325 -22.18 45.53 8.66
N ALA A 326 -21.92 46.80 8.99
CA ALA A 326 -21.75 47.20 10.38
C ALA A 326 -22.92 46.93 11.31
N ALA A 327 -24.14 47.08 10.80
CA ALA A 327 -25.35 46.87 11.58
C ALA A 327 -25.48 45.47 12.18
N LEU A 328 -24.77 44.50 11.60
CA LEU A 328 -24.84 43.13 12.10
C LEU A 328 -24.57 43.04 13.58
N THR A 329 -23.77 43.98 14.10
CA THR A 329 -23.42 44.00 15.51
C THR A 329 -24.61 44.15 16.45
N ASN A 330 -25.68 44.78 15.97
CA ASN A 330 -26.88 44.96 16.79
C ASN A 330 -27.66 43.68 17.01
N TYR A 331 -27.24 42.62 16.34
CA TYR A 331 -27.93 41.37 16.49
C TYR A 331 -27.17 40.40 17.38
N VAL A 332 -26.09 40.88 17.97
CA VAL A 332 -25.30 40.07 18.87
C VAL A 332 -26.05 39.92 20.20
N THR A 333 -26.37 38.67 20.55
CA THR A 333 -27.11 38.41 21.77
C THR A 333 -26.18 37.96 22.91
N ALA A 334 -24.95 37.63 22.57
CA ALA A 334 -23.98 37.17 23.57
C ALA A 334 -22.56 37.18 23.02
N THR A 335 -21.61 37.46 23.90
CA THR A 335 -20.20 37.51 23.55
C THR A 335 -19.38 36.59 24.46
N THR A 336 -18.73 35.61 23.86
CA THR A 336 -17.91 34.68 24.61
C THR A 336 -16.45 34.78 24.17
N THR A 337 -15.57 34.98 25.14
CA THR A 337 -14.15 35.04 24.86
C THR A 337 -13.59 33.75 25.44
N LEU A 338 -12.55 33.21 24.82
CA LEU A 338 -11.94 32.00 25.33
C LEU A 338 -10.44 32.22 25.44
N PRO A 339 -9.83 31.68 26.50
CA PRO A 339 -8.39 31.78 26.78
C PRO A 339 -7.51 31.48 25.57
N ASP A 340 -6.43 32.25 25.42
CA ASP A 340 -5.54 31.98 24.32
C ASP A 340 -5.06 30.56 24.58
N ARG A 341 -4.59 29.87 23.54
CA ARG A 341 -4.12 28.51 23.76
C ARG A 341 -3.22 28.04 22.63
N THR A 342 -2.40 27.04 22.94
CA THR A 342 -1.49 26.48 21.95
C THR A 342 -1.94 25.04 21.72
N VAL A 343 -2.00 24.63 20.47
CA VAL A 343 -2.42 23.27 20.19
C VAL A 343 -1.48 22.62 19.17
N ASP A 344 -1.20 21.34 19.36
CA ASP A 344 -0.34 20.59 18.47
C ASP A 344 -1.10 19.32 18.09
N GLY A 345 -1.80 19.39 16.97
CA GLY A 345 -2.60 18.25 16.55
C GLY A 345 -4.03 18.76 16.55
N SER A 346 -4.80 18.46 17.59
CA SER A 346 -6.19 18.90 17.65
C SER A 346 -6.69 19.22 19.07
N ALA A 347 -7.84 19.89 19.13
CA ALA A 347 -8.44 20.26 20.39
C ALA A 347 -9.86 20.77 20.15
N VAL A 348 -10.78 20.37 21.01
CA VAL A 348 -12.17 20.80 20.87
C VAL A 348 -12.42 22.00 21.78
N LEU A 349 -13.16 22.97 21.27
CA LEU A 349 -13.46 24.15 22.07
C LEU A 349 -14.75 23.97 22.88
N PRO A 350 -14.74 24.43 24.14
CA PRO A 350 -15.90 24.33 25.03
C PRO A 350 -16.96 25.37 24.66
N TRP A 351 -17.56 25.20 23.49
CA TRP A 351 -18.58 26.13 23.03
C TRP A 351 -19.38 25.44 21.91
N ASN A 352 -20.65 25.80 21.78
CA ASN A 352 -21.49 25.20 20.75
C ASN A 352 -22.55 26.19 20.30
N GLY A 353 -22.86 26.20 19.01
CA GLY A 353 -23.87 27.12 18.50
C GLY A 353 -24.05 26.93 17.01
N ARG A 354 -25.01 27.62 16.42
CA ARG A 354 -25.27 27.49 14.99
C ARG A 354 -25.27 28.81 14.23
N ALA A 355 -25.60 29.90 14.91
CA ALA A 355 -25.63 31.21 14.29
C ALA A 355 -24.72 32.15 15.07
N TYR A 356 -23.51 32.37 14.58
CA TYR A 356 -22.61 33.23 15.29
C TYR A 356 -21.53 33.80 14.39
N GLU A 357 -20.64 34.55 15.00
CA GLU A 357 -19.54 35.20 14.33
C GLU A 357 -18.32 34.94 15.22
N ILE A 358 -17.29 34.32 14.66
CA ILE A 358 -16.08 34.06 15.44
C ILE A 358 -14.86 34.73 14.84
N GLU A 359 -14.07 35.37 15.70
CA GLU A 359 -12.85 36.03 15.27
C GLU A 359 -11.68 35.45 16.03
N LEU A 360 -10.54 35.29 15.34
CA LEU A 360 -9.38 34.77 16.02
C LEU A 360 -8.11 34.98 15.22
N ASP A 361 -6.99 34.79 15.91
CA ASP A 361 -5.67 34.91 15.32
C ASP A 361 -4.95 33.60 15.48
N ILE A 362 -4.22 33.22 14.45
CA ILE A 362 -3.46 32.00 14.49
C ILE A 362 -2.03 32.34 14.13
N ALA A 363 -1.10 31.84 14.92
CA ALA A 363 0.31 32.09 14.69
C ALA A 363 1.01 30.77 14.86
N TRP A 364 1.99 30.50 14.01
CA TRP A 364 2.70 29.24 14.09
C TRP A 364 4.09 29.43 13.53
N ASP A 365 4.84 28.34 13.45
CA ASP A 365 6.19 28.37 12.92
C ASP A 365 6.40 27.28 11.87
N THR A 366 6.66 26.05 12.32
CA THR A 366 6.92 24.93 11.40
C THR A 366 5.67 24.24 10.88
N ALA A 367 4.55 24.39 11.59
CA ALA A 367 3.31 23.76 11.19
C ALA A 367 3.01 23.97 9.70
N THR A 368 2.75 22.89 8.98
CA THR A 368 2.47 22.96 7.55
C THR A 368 0.98 23.21 7.30
N ASN A 369 0.17 22.87 8.29
CA ASN A 369 -1.26 23.09 8.19
C ASN A 369 -1.78 23.57 9.52
N VAL A 370 -2.63 24.58 9.48
CA VAL A 370 -3.19 25.12 10.70
C VAL A 370 -4.61 25.58 10.37
N GLY A 371 -5.54 25.34 11.29
CA GLY A 371 -6.91 25.77 11.03
C GLY A 371 -7.90 25.56 12.15
N ILE A 372 -9.14 25.95 11.86
CA ILE A 372 -10.24 25.85 12.80
C ILE A 372 -11.37 25.10 12.10
N SER A 373 -12.03 24.20 12.83
CA SER A 373 -13.15 23.43 12.28
C SER A 373 -14.44 23.99 12.84
N VAL A 374 -15.36 24.28 11.94
CA VAL A 374 -16.63 24.88 12.29
C VAL A 374 -17.78 23.88 12.01
N GLY A 375 -18.88 24.01 12.73
CA GLY A 375 -20.00 23.11 12.53
C GLY A 375 -19.60 21.67 12.82
N ARG A 376 -18.93 21.48 13.96
CA ARG A 376 -18.46 20.15 14.34
C ARG A 376 -19.46 19.34 15.15
N SER A 377 -19.74 18.13 14.66
CA SER A 377 -20.66 17.22 15.32
C SER A 377 -19.84 16.44 16.34
N PRO A 378 -20.41 16.19 17.53
CA PRO A 378 -19.67 15.45 18.56
C PRO A 378 -19.18 14.07 18.15
N ASP A 379 -19.78 13.46 17.12
CA ASP A 379 -19.31 12.13 16.71
C ASP A 379 -17.99 12.32 15.95
N GLY A 380 -17.67 13.57 15.69
CA GLY A 380 -16.43 13.94 15.01
C GLY A 380 -16.36 13.72 13.52
N THR A 381 -17.43 13.23 12.92
CA THR A 381 -17.44 12.96 11.48
C THR A 381 -17.79 14.14 10.58
N ARG A 382 -18.49 15.13 11.11
CA ARG A 382 -18.89 16.29 10.32
C ARG A 382 -18.26 17.60 10.79
N HIS A 383 -17.79 18.40 9.83
CA HIS A 383 -17.17 19.68 10.14
C HIS A 383 -16.63 20.33 8.87
N THR A 384 -16.65 21.67 8.85
CA THR A 384 -16.12 22.43 7.73
C THR A 384 -14.82 23.03 8.23
N ASN A 385 -13.74 22.80 7.49
CA ASN A 385 -12.43 23.27 7.89
C ASN A 385 -11.99 24.58 7.24
N ILE A 386 -11.42 25.46 8.05
CA ILE A 386 -10.95 26.75 7.60
C ILE A 386 -9.51 26.86 8.10
N GLY A 387 -8.58 26.93 7.16
CA GLY A 387 -7.18 27.00 7.54
C GLY A 387 -6.22 27.49 6.48
N LYS A 388 -4.94 27.51 6.85
CA LYS A 388 -3.88 27.97 5.98
C LYS A 388 -2.94 26.81 5.63
N TYR A 389 -2.74 26.61 4.33
CA TYR A 389 -1.85 25.56 3.85
C TYR A 389 -1.08 26.07 2.65
N GLY A 390 0.25 26.03 2.73
CA GLY A 390 1.05 26.51 1.62
C GLY A 390 0.66 27.93 1.25
N ALA A 391 0.22 28.13 0.01
CA ALA A 391 -0.18 29.44 -0.46
C ALA A 391 -1.71 29.56 -0.48
N ASP A 392 -2.38 28.74 0.33
CA ASP A 392 -3.83 28.77 0.37
C ASP A 392 -4.51 29.07 1.71
N LEU A 393 -5.56 29.90 1.65
CA LEU A 393 -6.39 30.14 2.81
C LEU A 393 -7.61 29.40 2.26
N TYR A 394 -7.84 28.20 2.76
CA TYR A 394 -8.93 27.38 2.26
C TYR A 394 -10.10 27.16 3.18
N VAL A 395 -11.21 26.76 2.57
CA VAL A 395 -12.43 26.42 3.27
C VAL A 395 -12.87 25.13 2.62
N ASP A 396 -12.91 24.07 3.42
CA ASP A 396 -13.28 22.75 2.93
C ASP A 396 -14.57 22.27 3.60
N ARG A 397 -15.66 22.26 2.83
CA ARG A 397 -16.95 21.83 3.33
C ARG A 397 -17.19 20.35 3.07
N GLY A 398 -16.24 19.69 2.42
CA GLY A 398 -16.36 18.28 2.12
C GLY A 398 -16.89 17.43 3.27
N PRO A 399 -16.26 17.46 4.46
CA PRO A 399 -16.71 16.68 5.61
C PRO A 399 -18.07 17.12 6.13
N SER A 400 -18.72 18.03 5.41
CA SER A 400 -20.03 18.52 5.82
C SER A 400 -21.07 18.12 4.80
N ASP A 401 -20.67 17.32 3.81
CA ASP A 401 -21.61 16.87 2.81
C ASP A 401 -22.71 16.10 3.53
N LEU A 402 -23.95 16.46 3.23
CA LEU A 402 -25.09 15.83 3.85
C LEU A 402 -25.73 14.80 2.94
N ALA A 403 -26.01 13.62 3.49
CA ALA A 403 -26.63 12.53 2.72
C ALA A 403 -27.90 13.02 2.05
N GLY A 404 -27.94 12.91 0.73
CA GLY A 404 -29.09 13.33 -0.03
C GLY A 404 -28.97 14.76 -0.54
N TYR A 405 -27.89 15.45 -0.19
CA TYR A 405 -27.72 16.84 -0.65
C TYR A 405 -26.24 17.19 -0.76
N SER A 406 -25.42 16.23 -1.17
CA SER A 406 -23.98 16.47 -1.26
C SER A 406 -23.59 17.59 -2.21
N LEU A 407 -22.61 18.38 -1.79
CA LEU A 407 -22.10 19.47 -2.62
C LEU A 407 -20.86 18.98 -3.35
N ALA A 408 -20.48 17.72 -3.12
CA ALA A 408 -19.32 17.17 -3.79
C ALA A 408 -19.57 17.31 -5.29
N PRO A 409 -18.51 17.43 -6.10
CA PRO A 409 -17.09 17.44 -5.72
C PRO A 409 -16.53 18.82 -5.39
N TYR A 410 -17.41 19.83 -5.30
CA TYR A 410 -16.98 21.19 -4.97
C TYR A 410 -16.85 21.37 -3.47
N SER A 411 -15.75 20.89 -2.91
CA SER A 411 -15.55 20.93 -1.47
C SER A 411 -14.52 21.92 -0.93
N ARG A 412 -13.35 21.94 -1.55
CA ARG A 412 -12.27 22.80 -1.08
C ARG A 412 -12.12 24.06 -1.88
N ALA A 413 -12.52 25.18 -1.28
CA ALA A 413 -12.39 26.46 -1.94
C ALA A 413 -11.10 27.06 -1.39
N ALA A 414 -10.54 28.02 -2.10
CA ALA A 414 -9.30 28.61 -1.62
C ALA A 414 -9.03 30.00 -2.16
N ALA A 415 -8.51 30.84 -1.29
CA ALA A 415 -8.14 32.18 -1.68
C ALA A 415 -6.62 32.25 -1.50
N PRO A 416 -5.96 33.09 -2.31
CA PRO A 416 -4.51 33.24 -2.23
C PRO A 416 -4.10 33.91 -0.93
N ILE A 417 -2.97 33.48 -0.38
CA ILE A 417 -2.41 34.08 0.82
C ILE A 417 -0.90 33.87 0.74
N ASP A 418 -0.14 34.88 1.14
CA ASP A 418 1.31 34.79 1.10
C ASP A 418 1.84 33.50 1.75
N PRO A 419 2.46 32.63 0.95
CA PRO A 419 3.01 31.37 1.47
C PRO A 419 3.96 31.57 2.64
N GLY A 420 4.55 32.76 2.70
CA GLY A 420 5.48 33.07 3.78
C GLY A 420 4.80 33.54 5.05
N ALA A 421 3.48 33.69 5.04
CA ALA A 421 2.77 34.12 6.23
C ALA A 421 2.90 33.09 7.35
N ARG A 422 3.12 33.57 8.57
CA ARG A 422 3.25 32.68 9.72
C ARG A 422 2.18 32.99 10.78
N SER A 423 1.18 33.76 10.37
CA SER A 423 0.06 34.09 11.23
C SER A 423 -1.03 34.65 10.33
N VAL A 424 -2.28 34.58 10.79
CA VAL A 424 -3.42 35.06 10.02
C VAL A 424 -4.51 35.45 11.01
N HIS A 425 -5.38 36.35 10.58
CA HIS A 425 -6.51 36.75 11.41
C HIS A 425 -7.73 36.32 10.60
N LEU A 426 -8.76 35.82 11.28
CA LEU A 426 -9.96 35.36 10.59
C LEU A 426 -11.26 35.79 11.25
N ARG A 427 -12.23 36.15 10.43
CA ARG A 427 -13.54 36.51 10.93
C ARG A 427 -14.46 35.60 10.14
N ILE A 428 -15.11 34.68 10.85
CA ILE A 428 -15.97 33.68 10.24
C ILE A 428 -17.44 33.76 10.67
N LEU A 429 -18.33 33.94 9.70
CA LEU A 429 -19.76 34.01 9.98
C LEU A 429 -20.42 32.65 9.71
N VAL A 430 -20.99 32.07 10.76
CA VAL A 430 -21.63 30.78 10.67
C VAL A 430 -23.13 30.87 10.92
N ASP A 431 -23.90 30.33 9.99
CA ASP A 431 -25.35 30.32 10.11
C ASP A 431 -25.76 28.90 9.78
N THR A 432 -27.05 28.57 9.93
CA THR A 432 -27.51 27.20 9.71
C THR A 432 -27.26 26.56 8.33
N GLN A 433 -27.10 27.37 7.29
CA GLN A 433 -26.84 26.79 5.97
C GLN A 433 -25.71 27.53 5.27
N SER A 434 -24.74 28.03 6.04
CA SER A 434 -23.61 28.77 5.44
C SER A 434 -22.42 29.08 6.33
N VAL A 435 -21.34 29.45 5.64
CA VAL A 435 -20.07 29.80 6.26
C VAL A 435 -19.44 30.86 5.38
N GLU A 436 -19.17 32.03 5.95
CA GLU A 436 -18.54 33.10 5.19
C GLU A 436 -17.25 33.52 5.91
N VAL A 437 -16.16 33.56 5.17
CA VAL A 437 -14.87 33.89 5.77
C VAL A 437 -14.18 35.15 5.28
N PHE A 438 -14.01 36.12 6.17
CA PHE A 438 -13.33 37.37 5.86
C PHE A 438 -11.91 37.25 6.41
N VAL A 439 -10.95 37.14 5.51
CA VAL A 439 -9.56 36.98 5.87
C VAL A 439 -8.86 38.32 6.08
N ASN A 440 -8.17 38.43 7.21
CA ASN A 440 -7.41 39.63 7.53
C ASN A 440 -8.19 40.93 7.40
N ALA A 441 -7.71 41.84 6.55
CA ALA A 441 -8.37 43.13 6.37
C ALA A 441 -9.45 43.16 5.31
N GLY A 442 -9.87 41.99 4.84
CA GLY A 442 -10.92 41.96 3.85
C GLY A 442 -10.56 41.94 2.38
N HIS A 443 -9.29 41.74 2.04
CA HIS A 443 -8.96 41.70 0.62
C HIS A 443 -9.48 40.40 0.00
N THR A 444 -9.57 39.34 0.80
CA THR A 444 -10.07 38.06 0.31
C THR A 444 -11.22 37.58 1.21
N VAL A 445 -12.26 37.06 0.57
CA VAL A 445 -13.43 36.55 1.27
C VAL A 445 -13.85 35.23 0.62
N LEU A 446 -14.35 34.30 1.42
CA LEU A 446 -14.83 33.03 0.89
C LEU A 446 -16.24 32.77 1.42
N SER A 447 -17.20 32.78 0.52
CA SER A 447 -18.59 32.54 0.87
C SER A 447 -19.04 31.17 0.35
N GLN A 448 -19.62 30.35 1.23
CA GLN A 448 -20.09 29.04 0.83
C GLN A 448 -21.31 28.55 1.58
N GLN A 449 -22.18 27.91 0.84
CA GLN A 449 -23.37 27.30 1.37
C GLN A 449 -22.89 25.98 1.99
N VAL A 450 -23.49 25.57 3.10
CA VAL A 450 -23.11 24.33 3.77
C VAL A 450 -24.35 23.76 4.42
N HIS A 451 -24.69 22.52 4.09
CA HIS A 451 -25.87 21.90 4.67
C HIS A 451 -25.59 21.24 6.00
N PHE A 452 -25.54 22.06 7.04
CA PHE A 452 -25.28 21.58 8.39
C PHE A 452 -26.47 20.78 8.91
N ALA A 453 -26.19 19.89 9.84
CA ALA A 453 -27.21 19.06 10.47
C ALA A 453 -27.42 19.68 11.84
N GLU A 454 -28.63 19.54 12.39
CA GLU A 454 -28.96 20.12 13.68
C GLU A 454 -27.85 20.00 14.72
N GLY A 455 -27.20 18.84 14.76
CA GLY A 455 -26.14 18.61 15.74
C GLY A 455 -24.76 19.19 15.47
N ASP A 456 -24.53 19.74 14.27
CA ASP A 456 -23.22 20.31 13.93
C ASP A 456 -23.09 21.65 14.65
N THR A 457 -22.67 21.60 15.91
CA THR A 457 -22.60 22.80 16.73
C THR A 457 -21.26 23.14 17.35
N GLY A 458 -20.31 22.22 17.27
CA GLY A 458 -19.03 22.46 17.90
C GLY A 458 -18.01 23.19 17.07
N ILE A 459 -16.91 23.51 17.74
CA ILE A 459 -15.77 24.20 17.13
C ILE A 459 -14.49 23.54 17.64
N SER A 460 -13.53 23.32 16.76
CA SER A 460 -12.26 22.70 17.18
C SER A 460 -11.07 23.33 16.48
N LEU A 461 -9.89 23.19 17.07
CA LEU A 461 -8.67 23.74 16.51
C LEU A 461 -7.75 22.62 16.05
N TYR A 462 -6.97 22.88 15.00
CA TYR A 462 -6.07 21.85 14.51
C TYR A 462 -4.79 22.38 13.89
N THR A 463 -3.73 21.56 13.96
CA THR A 463 -2.42 21.87 13.38
C THR A 463 -1.76 20.60 12.85
N ASP A 464 -0.76 20.76 11.99
CA ASP A 464 0.00 19.67 11.39
C ASP A 464 1.45 20.15 11.23
N GLY A 465 2.40 19.37 11.73
CA GLY A 465 3.79 19.75 11.59
C GLY A 465 4.31 20.68 12.66
N GLY A 466 3.51 20.93 13.69
CA GLY A 466 3.96 21.81 14.75
C GLY A 466 2.82 22.50 15.46
N PRO A 467 3.10 23.08 16.63
CA PRO A 467 2.11 23.81 17.43
C PRO A 467 1.72 25.16 16.82
N ALA A 468 0.55 25.65 17.22
CA ALA A 468 0.08 26.95 16.75
C ALA A 468 -0.51 27.68 17.95
N HIS A 469 -0.41 29.01 17.93
CA HIS A 469 -0.92 29.81 19.01
C HIS A 469 -2.23 30.45 18.54
N PHE A 470 -3.35 30.09 19.18
CA PHE A 470 -4.66 30.60 18.83
C PHE A 470 -5.05 31.69 19.83
N THR A 471 -5.10 32.94 19.36
CA THR A 471 -5.41 34.05 20.26
C THR A 471 -6.57 34.93 19.83
N GLY A 472 -6.96 35.81 20.74
CA GLY A 472 -8.04 36.75 20.50
C GLY A 472 -9.31 36.04 20.07
N ILE A 473 -9.62 34.91 20.70
CA ILE A 473 -10.81 34.16 20.33
C ILE A 473 -12.06 34.80 20.93
N VAL A 474 -12.91 35.32 20.05
CA VAL A 474 -14.16 35.95 20.46
C VAL A 474 -15.29 35.38 19.62
N VAL A 475 -16.37 34.98 20.27
CA VAL A 475 -17.52 34.39 19.59
C VAL A 475 -18.78 35.16 19.93
N ARG A 476 -19.32 35.88 18.96
CA ARG A 476 -20.53 36.65 19.18
C ARG A 476 -21.71 35.92 18.54
N GLU A 477 -22.67 35.49 19.37
CA GLU A 477 -23.83 34.78 18.83
C GLU A 477 -24.79 35.79 18.23
N ILE A 478 -25.37 35.43 17.09
CA ILE A 478 -26.28 36.30 16.38
C ILE A 478 -27.70 35.78 16.46
N GLY A 479 -28.63 36.68 16.80
CA GLY A 479 -30.02 36.30 16.90
C GLY A 479 -30.87 37.04 15.89
N GLN A 480 -32.01 37.55 16.34
CA GLN A 480 -32.91 38.28 15.48
C GLN A 480 -33.63 39.37 16.28
N ALA B 2 22.30 -48.58 -4.81
CA ALA B 2 22.52 -47.15 -5.17
C ALA B 2 23.72 -46.98 -6.06
N VAL B 3 23.52 -46.39 -7.24
CA VAL B 3 24.59 -46.20 -8.20
C VAL B 3 25.68 -45.22 -7.75
N TYR B 4 25.30 -44.02 -7.32
CA TYR B 4 26.31 -43.08 -6.89
C TYR B 4 26.13 -42.53 -5.46
N HIS B 5 25.65 -43.39 -4.57
CA HIS B 5 25.48 -43.03 -3.16
C HIS B 5 26.16 -44.10 -2.29
N MET B 6 26.77 -43.65 -1.20
CA MET B 6 27.45 -44.58 -0.30
C MET B 6 26.46 -45.48 0.44
N THR B 7 26.79 -46.75 0.53
CA THR B 7 25.98 -47.72 1.23
C THR B 7 26.92 -48.66 1.96
N PRO B 8 26.50 -49.19 3.12
CA PRO B 8 27.39 -50.11 3.83
C PRO B 8 27.40 -51.41 3.04
N PRO B 9 28.55 -52.08 2.95
CA PRO B 9 28.61 -53.34 2.20
C PRO B 9 27.53 -54.30 2.71
N SER B 10 27.27 -54.23 4.00
CA SER B 10 26.23 -55.04 4.63
C SER B 10 25.92 -54.45 6.01
N GLY B 11 24.76 -54.79 6.55
CA GLY B 11 24.40 -54.28 7.86
C GLY B 11 23.57 -53.01 7.78
N TRP B 12 23.44 -52.35 8.93
CA TRP B 12 22.66 -51.13 9.02
C TRP B 12 23.54 -49.88 9.19
N LEU B 13 23.21 -48.85 8.42
CA LEU B 13 23.92 -47.57 8.43
C LEU B 13 23.29 -46.53 9.33
N CYS B 14 24.12 -45.64 9.86
CA CYS B 14 23.62 -44.58 10.72
C CYS B 14 24.51 -43.33 10.65
N ASP B 15 24.52 -42.56 11.74
CA ASP B 15 25.28 -41.31 11.81
C ASP B 15 26.70 -41.26 11.25
N PRO B 16 26.94 -40.35 10.30
CA PRO B 16 28.30 -40.24 9.74
C PRO B 16 29.05 -39.35 10.75
N GLN B 17 30.38 -39.31 10.69
CA GLN B 17 31.17 -38.50 11.61
C GLN B 17 32.10 -37.61 10.80
N ARG B 18 32.40 -36.41 11.31
CA ARG B 18 33.29 -35.46 10.62
C ARG B 18 34.50 -36.10 9.96
N PRO B 19 34.53 -36.16 8.62
CA PRO B 19 35.66 -36.76 7.92
C PRO B 19 36.97 -36.08 8.28
N VAL B 20 38.02 -36.86 8.37
CA VAL B 20 39.34 -36.35 8.70
C VAL B 20 40.16 -36.43 7.40
N THR B 21 41.12 -35.53 7.21
CA THR B 21 41.90 -35.54 5.97
C THR B 21 43.33 -36.05 6.16
N THR B 22 43.59 -37.27 5.69
CA THR B 22 44.91 -37.89 5.79
C THR B 22 45.15 -38.82 4.61
N HIS B 23 46.43 -39.13 4.35
CA HIS B 23 46.82 -40.01 3.27
C HIS B 23 46.16 -39.63 1.94
N GLY B 24 46.05 -38.32 1.72
CA GLY B 24 45.48 -37.82 0.49
C GLY B 24 43.96 -37.80 0.35
N ALA B 25 43.30 -38.81 0.90
CA ALA B 25 41.85 -38.87 0.78
C ALA B 25 41.13 -38.34 2.01
N TYR B 26 39.81 -38.43 1.98
CA TYR B 26 38.98 -38.01 3.11
C TYR B 26 38.61 -39.28 3.88
N GLN B 27 38.90 -39.31 5.17
CA GLN B 27 38.57 -40.48 5.97
C GLN B 27 37.24 -40.27 6.69
N LEU B 28 36.19 -40.91 6.18
CA LEU B 28 34.85 -40.82 6.75
C LEU B 28 34.53 -41.99 7.67
N TYR B 29 33.97 -41.69 8.84
CA TYR B 29 33.58 -42.75 9.77
C TYR B 29 32.07 -42.66 9.92
N TYR B 30 31.42 -43.80 10.09
CA TYR B 30 29.96 -43.81 10.24
C TYR B 30 29.49 -44.93 11.15
N LEU B 31 28.47 -44.63 11.96
CA LEU B 31 27.91 -45.61 12.88
C LEU B 31 27.36 -46.79 12.09
N HIS B 32 27.75 -47.99 12.51
CA HIS B 32 27.29 -49.19 11.84
C HIS B 32 26.90 -50.27 12.83
N SER B 33 25.91 -51.08 12.45
CA SER B 33 25.43 -52.19 13.28
C SER B 33 25.10 -53.35 12.36
N ASP B 34 25.24 -54.58 12.87
CA ASP B 34 24.93 -55.76 12.08
C ASP B 34 23.42 -55.87 11.95
N GLN B 35 22.71 -55.38 12.95
CA GLN B 35 21.25 -55.44 12.98
C GLN B 35 20.64 -54.04 12.87
N ASN B 36 19.51 -53.94 12.18
CA ASN B 36 18.86 -52.65 12.03
C ASN B 36 18.54 -52.06 13.40
N ASN B 37 19.11 -50.91 13.67
CA ASN B 37 18.93 -50.21 14.94
C ASN B 37 19.50 -51.00 16.12
N GLY B 38 20.36 -51.97 15.84
CA GLY B 38 20.96 -52.73 16.91
C GLY B 38 22.19 -52.00 17.41
N PRO B 39 22.83 -52.47 18.49
CA PRO B 39 24.03 -51.78 18.99
C PRO B 39 25.19 -51.89 18.00
N GLY B 40 26.02 -50.86 17.93
CA GLY B 40 27.14 -50.89 17.00
C GLY B 40 28.27 -49.95 17.36
N GLY B 41 29.13 -49.69 16.38
CA GLY B 41 30.27 -48.81 16.57
C GLY B 41 30.57 -48.04 15.30
N TRP B 42 31.80 -47.55 15.18
CA TRP B 42 32.24 -46.80 14.01
C TRP B 42 32.87 -47.68 12.94
N ASP B 43 32.45 -47.49 11.68
CA ASP B 43 33.04 -48.22 10.56
C ASP B 43 33.80 -47.17 9.76
N HIS B 44 34.74 -47.61 8.93
CA HIS B 44 35.56 -46.67 8.17
C HIS B 44 35.47 -46.82 6.65
N ALA B 45 35.39 -45.68 5.98
CA ALA B 45 35.33 -45.61 4.52
C ALA B 45 36.14 -44.39 4.11
N SER B 46 36.70 -44.41 2.91
CA SER B 46 37.48 -43.28 2.45
C SER B 46 37.10 -42.87 1.04
N THR B 47 37.33 -41.61 0.72
CA THR B 47 37.01 -41.09 -0.60
C THR B 47 38.00 -39.99 -0.98
N THR B 48 38.41 -40.00 -2.24
CA THR B 48 39.36 -39.03 -2.75
C THR B 48 38.64 -37.89 -3.47
N ASP B 49 37.48 -38.17 -4.04
CA ASP B 49 36.77 -37.14 -4.77
C ASP B 49 35.44 -36.72 -4.12
N GLY B 50 35.01 -37.45 -3.11
CA GLY B 50 33.76 -37.12 -2.44
C GLY B 50 32.57 -37.82 -3.07
N VAL B 51 32.83 -38.69 -4.05
CA VAL B 51 31.78 -39.43 -4.72
C VAL B 51 31.95 -40.93 -4.46
N ALA B 52 33.08 -41.49 -4.90
CA ALA B 52 33.36 -42.90 -4.72
C ALA B 52 33.96 -43.17 -3.34
N PHE B 53 33.49 -44.23 -2.68
CA PHE B 53 33.98 -44.57 -1.36
C PHE B 53 34.54 -45.98 -1.33
N THR B 54 35.58 -46.17 -0.51
CA THR B 54 36.18 -47.49 -0.33
C THR B 54 36.06 -47.78 1.16
N HIS B 55 35.37 -48.87 1.48
CA HIS B 55 35.14 -49.26 2.86
C HIS B 55 36.30 -50.06 3.46
N HIS B 56 36.57 -49.84 4.74
CA HIS B 56 37.66 -50.51 5.43
C HIS B 56 37.24 -51.20 6.71
N GLY B 57 35.96 -51.51 6.84
CA GLY B 57 35.49 -52.19 8.04
C GLY B 57 35.41 -51.34 9.30
N THR B 58 35.33 -52.02 10.45
CA THR B 58 35.21 -51.37 11.75
C THR B 58 36.53 -50.86 12.30
N VAL B 59 36.48 -49.74 13.02
CA VAL B 59 37.67 -49.17 13.64
C VAL B 59 37.46 -48.95 15.15
N MET B 60 36.23 -48.62 15.54
CA MET B 60 35.87 -48.41 16.94
C MET B 60 34.63 -49.30 17.18
N PRO B 61 34.88 -50.59 17.40
CA PRO B 61 33.93 -51.69 17.63
C PRO B 61 33.03 -51.73 18.85
N LEU B 62 31.89 -52.39 18.66
CA LEU B 62 30.91 -52.59 19.72
C LEU B 62 31.56 -53.55 20.70
N ARG B 63 31.21 -53.39 21.97
CA ARG B 63 31.74 -54.27 23.00
C ARG B 63 30.58 -54.55 23.94
N PRO B 64 30.57 -55.73 24.55
CA PRO B 64 29.51 -56.14 25.49
C PRO B 64 28.90 -55.01 26.30
N ASP B 65 27.63 -54.68 26.02
CA ASP B 65 26.92 -53.62 26.73
C ASP B 65 27.68 -52.29 26.69
N PHE B 66 28.44 -52.08 25.62
CA PHE B 66 29.24 -50.87 25.50
C PHE B 66 29.39 -50.47 24.03
N PRO B 67 28.30 -49.99 23.41
CA PRO B 67 28.32 -49.57 22.01
C PRO B 67 28.98 -48.20 21.85
N VAL B 68 29.31 -47.84 20.63
CA VAL B 68 29.94 -46.54 20.38
C VAL B 68 28.96 -45.69 19.58
N TRP B 69 28.70 -44.48 20.08
CA TRP B 69 27.78 -43.58 19.41
C TRP B 69 28.53 -42.46 18.67
N SER B 70 27.78 -41.54 18.07
CA SER B 70 28.37 -40.44 17.32
C SER B 70 29.34 -39.57 18.11
N GLY B 71 30.15 -38.81 17.38
CA GLY B 71 31.12 -37.92 17.99
C GLY B 71 31.79 -37.11 16.90
N SER B 72 33.11 -37.21 16.80
CA SER B 72 33.84 -36.51 15.77
C SER B 72 35.33 -36.85 15.82
N ALA B 73 35.98 -36.77 14.67
CA ALA B 73 37.41 -37.05 14.58
C ALA B 73 38.11 -35.80 14.06
N VAL B 74 39.39 -35.68 14.39
CA VAL B 74 40.19 -34.55 13.94
C VAL B 74 41.64 -34.99 14.00
N VAL B 75 42.52 -34.33 13.24
CA VAL B 75 43.93 -34.71 13.29
C VAL B 75 44.65 -33.67 14.13
N ASP B 76 45.39 -34.14 15.13
CA ASP B 76 46.13 -33.27 16.02
C ASP B 76 47.48 -32.97 15.38
N THR B 77 47.42 -32.14 14.34
CA THR B 77 48.59 -31.73 13.57
C THR B 77 49.79 -31.27 14.40
N ALA B 78 49.53 -30.48 15.43
CA ALA B 78 50.60 -29.96 16.29
C ALA B 78 50.91 -30.86 17.49
N ASN B 79 50.26 -32.02 17.54
CA ASN B 79 50.47 -32.97 18.63
C ASN B 79 50.28 -32.29 19.99
N THR B 80 49.10 -31.70 20.17
CA THR B 80 48.75 -31.02 21.41
C THR B 80 48.33 -32.05 22.45
N ALA B 81 47.72 -33.15 21.99
CA ALA B 81 47.25 -34.20 22.87
C ALA B 81 48.33 -35.14 23.36
N GLY B 82 49.50 -35.08 22.74
CA GLY B 82 50.59 -35.94 23.16
C GLY B 82 50.57 -37.37 22.62
N PHE B 83 49.78 -37.63 21.57
CA PHE B 83 49.74 -38.96 20.97
C PHE B 83 50.60 -39.00 19.71
N GLY B 84 51.42 -37.96 19.53
CA GLY B 84 52.27 -37.88 18.36
C GLY B 84 51.74 -36.90 17.33
N ALA B 85 52.65 -36.18 16.67
CA ALA B 85 52.25 -35.20 15.66
C ALA B 85 51.48 -35.86 14.53
N GLY B 86 50.37 -35.25 14.12
CA GLY B 86 49.56 -35.79 13.04
C GLY B 86 48.66 -36.97 13.37
N ALA B 87 48.48 -37.25 14.65
CA ALA B 87 47.63 -38.37 15.04
C ALA B 87 46.16 -38.03 14.86
N VAL B 88 45.33 -39.00 14.48
CA VAL B 88 43.92 -38.73 14.33
C VAL B 88 43.29 -39.03 15.69
N VAL B 89 42.68 -38.01 16.30
CA VAL B 89 42.01 -38.15 17.59
C VAL B 89 40.50 -38.06 17.42
N ALA B 90 39.78 -38.83 18.21
CA ALA B 90 38.33 -38.84 18.13
C ALA B 90 37.68 -38.95 19.50
N LEU B 91 36.50 -38.34 19.63
CA LEU B 91 35.72 -38.40 20.86
C LEU B 91 34.40 -39.02 20.46
N ALA B 92 33.87 -39.90 21.28
CA ALA B 92 32.60 -40.54 20.97
C ALA B 92 31.87 -40.82 22.27
N THR B 93 30.54 -40.72 22.20
CA THR B 93 29.71 -40.97 23.36
C THR B 93 29.46 -42.47 23.51
N GLN B 94 29.62 -42.95 24.73
CA GLN B 94 29.38 -44.35 25.01
C GLN B 94 28.65 -44.44 26.34
N PRO B 95 27.62 -45.30 26.41
CA PRO B 95 26.85 -45.45 27.65
C PRO B 95 27.64 -46.32 28.63
N THR B 96 28.44 -45.69 29.47
CA THR B 96 29.24 -46.41 30.46
C THR B 96 28.40 -47.40 31.29
N ASP B 97 28.87 -48.65 31.35
CA ASP B 97 28.19 -49.71 32.09
C ASP B 97 26.86 -50.05 31.45
N GLY B 98 26.68 -49.60 30.20
CA GLY B 98 25.44 -49.84 29.49
C GLY B 98 24.31 -48.96 30.00
N VAL B 99 24.64 -47.99 30.85
CA VAL B 99 23.64 -47.10 31.41
C VAL B 99 23.48 -45.77 30.65
N ARG B 100 22.28 -45.54 30.10
CA ARG B 100 21.98 -44.32 29.35
C ARG B 100 22.27 -43.02 30.13
N LYS B 101 21.88 -43.00 31.40
CA LYS B 101 22.09 -41.80 32.21
C LYS B 101 23.57 -41.56 32.48
N TYR B 102 24.41 -42.47 32.00
CA TYR B 102 25.86 -42.33 32.18
C TYR B 102 26.61 -41.99 30.90
N GLN B 103 25.91 -41.97 29.77
CA GLN B 103 26.55 -41.66 28.49
C GLN B 103 27.54 -40.51 28.65
N GLU B 104 28.79 -40.76 28.29
CA GLU B 104 29.83 -39.74 28.40
C GLU B 104 30.77 -39.82 27.20
N GLN B 105 31.76 -38.93 27.15
CA GLN B 105 32.67 -38.87 26.00
C GLN B 105 34.04 -39.54 26.12
N TYR B 106 34.25 -40.60 25.33
CA TYR B 106 35.51 -41.31 25.33
C TYR B 106 36.45 -40.86 24.20
N LEU B 107 37.75 -40.90 24.49
CA LEU B 107 38.79 -40.52 23.55
C LEU B 107 39.28 -41.78 22.80
N TYR B 108 39.60 -41.61 21.53
CA TYR B 108 40.11 -42.69 20.68
C TYR B 108 41.16 -42.09 19.76
N TRP B 109 42.33 -42.72 19.63
CA TRP B 109 43.34 -42.16 18.76
C TRP B 109 43.97 -43.16 17.80
N SER B 110 44.52 -42.62 16.72
CA SER B 110 45.15 -43.40 15.67
C SER B 110 46.43 -42.71 15.23
N THR B 111 47.46 -43.50 14.94
CA THR B 111 48.73 -42.96 14.50
C THR B 111 49.07 -43.48 13.11
N ASP B 112 48.05 -44.01 12.43
CA ASP B 112 48.21 -44.54 11.08
C ASP B 112 47.26 -43.85 10.11
N GLY B 113 46.97 -42.58 10.36
CA GLY B 113 46.09 -41.83 9.50
C GLY B 113 44.60 -42.14 9.66
N GLY B 114 44.24 -42.80 10.76
CA GLY B 114 42.83 -43.11 10.99
C GLY B 114 42.38 -44.44 10.42
N PHE B 115 43.23 -45.46 10.48
CA PHE B 115 42.87 -46.78 9.97
C PHE B 115 42.68 -47.78 11.11
N THR B 116 43.48 -47.65 12.18
CA THR B 116 43.34 -48.51 13.35
C THR B 116 43.27 -47.54 14.54
N PHE B 117 42.50 -47.88 15.57
CA PHE B 117 42.36 -47.02 16.74
C PHE B 117 42.59 -47.72 18.07
N THR B 118 42.91 -46.91 19.09
CA THR B 118 43.14 -47.39 20.45
C THR B 118 42.28 -46.54 21.37
N ALA B 119 41.62 -47.18 22.33
CA ALA B 119 40.74 -46.46 23.24
C ALA B 119 41.40 -46.01 24.53
N LEU B 120 41.08 -44.79 24.95
CA LEU B 120 41.60 -44.25 26.20
C LEU B 120 40.61 -44.78 27.22
N PRO B 121 41.05 -45.68 28.11
CA PRO B 121 40.22 -46.29 29.15
C PRO B 121 39.24 -45.36 29.88
N ASP B 122 39.75 -44.23 30.37
CA ASP B 122 38.91 -43.29 31.12
C ASP B 122 38.28 -42.18 30.27
N PRO B 123 36.97 -41.94 30.46
CA PRO B 123 36.21 -40.91 29.74
C PRO B 123 36.90 -39.55 29.85
N VAL B 124 36.95 -38.82 28.75
CA VAL B 124 37.60 -37.52 28.73
C VAL B 124 36.67 -36.41 29.26
N ILE B 125 35.37 -36.65 29.15
CA ILE B 125 34.36 -35.71 29.64
C ILE B 125 33.31 -36.55 30.37
N VAL B 126 33.34 -36.47 31.70
CA VAL B 126 32.43 -37.25 32.56
C VAL B 126 31.00 -36.73 32.69
N ASN B 127 30.05 -37.67 32.65
CA ASN B 127 28.64 -37.34 32.81
C ASN B 127 28.35 -37.36 34.31
N THR B 128 28.98 -36.42 35.04
CA THR B 128 28.81 -36.35 36.49
C THR B 128 27.36 -36.17 36.94
N ASP B 129 26.63 -35.28 36.29
CA ASP B 129 25.24 -35.04 36.67
C ASP B 129 24.42 -36.34 36.59
N GLY B 130 24.91 -37.31 35.82
CA GLY B 130 24.21 -38.57 35.69
C GLY B 130 24.25 -39.40 36.96
N ARG B 131 25.40 -39.40 37.63
CA ARG B 131 25.55 -40.16 38.87
C ARG B 131 24.85 -39.47 40.04
N ALA B 132 24.14 -38.38 39.75
CA ALA B 132 23.42 -37.64 40.78
C ALA B 132 21.93 -37.63 40.53
N ALA B 133 21.53 -38.06 39.33
CA ALA B 133 20.12 -38.08 38.95
C ALA B 133 19.25 -38.83 39.98
N THR B 134 17.94 -38.59 39.92
CA THR B 134 16.98 -39.22 40.83
C THR B 134 15.55 -38.94 40.36
N THR B 135 15.27 -37.67 40.07
CA THR B 135 13.95 -37.26 39.60
C THR B 135 13.88 -37.55 38.11
N PRO B 136 12.71 -38.00 37.61
CA PRO B 136 12.61 -38.30 36.17
C PRO B 136 13.21 -37.17 35.32
N ALA B 137 13.03 -35.93 35.77
CA ALA B 137 13.57 -34.79 35.05
C ALA B 137 15.08 -34.94 35.02
N GLU B 138 15.68 -35.02 36.21
CA GLU B 138 17.12 -35.17 36.35
C GLU B 138 17.73 -36.24 35.47
N ILE B 139 17.21 -37.46 35.55
CA ILE B 139 17.76 -38.54 34.74
C ILE B 139 17.54 -38.31 33.26
N GLU B 140 16.38 -37.80 32.88
CA GLU B 140 16.12 -37.54 31.47
C GLU B 140 17.19 -36.61 30.90
N ASN B 141 17.55 -35.58 31.66
CA ASN B 141 18.57 -34.64 31.22
C ASN B 141 19.91 -35.35 31.12
N ALA B 142 20.21 -36.20 32.10
CA ALA B 142 21.47 -36.94 32.12
C ALA B 142 21.52 -37.92 30.97
N GLU B 143 20.35 -38.25 30.42
CA GLU B 143 20.28 -39.18 29.30
C GLU B 143 20.43 -38.48 27.94
N TRP B 144 20.85 -37.23 27.98
CA TRP B 144 21.09 -36.45 26.77
C TRP B 144 22.34 -35.61 27.03
N PHE B 145 23.48 -36.18 26.64
CA PHE B 145 24.79 -35.56 26.82
C PHE B 145 25.67 -36.36 25.88
N ARG B 146 25.46 -36.18 24.58
CA ARG B 146 26.17 -36.94 23.57
C ARG B 146 26.62 -36.16 22.33
N ASP B 147 27.23 -36.90 21.40
CA ASP B 147 27.71 -36.38 20.13
C ASP B 147 28.68 -35.20 20.18
N PRO B 148 29.86 -35.37 20.79
CA PRO B 148 30.81 -34.25 20.86
C PRO B 148 31.46 -33.97 19.52
N LYS B 149 31.48 -32.69 19.12
CA LYS B 149 32.09 -32.30 17.85
C LYS B 149 33.22 -31.35 18.19
N ILE B 150 34.43 -31.72 17.80
CA ILE B 150 35.63 -30.95 18.08
C ILE B 150 35.96 -29.92 17.00
N HIS B 151 36.55 -28.81 17.40
CA HIS B 151 36.94 -27.76 16.46
C HIS B 151 38.12 -27.01 17.01
N TRP B 152 39.07 -26.69 16.15
CA TRP B 152 40.23 -25.94 16.60
C TRP B 152 39.94 -24.44 16.49
N ASP B 153 39.93 -23.79 17.64
CA ASP B 153 39.69 -22.35 17.69
C ASP B 153 41.01 -21.69 17.34
N THR B 154 41.19 -21.42 16.05
CA THR B 154 42.41 -20.79 15.58
C THR B 154 42.73 -19.50 16.35
N ALA B 155 41.77 -18.59 16.40
CA ALA B 155 41.96 -17.32 17.10
C ALA B 155 42.52 -17.48 18.51
N ARG B 156 41.83 -18.22 19.37
CA ARG B 156 42.28 -18.42 20.74
C ARG B 156 43.33 -19.52 20.86
N GLY B 157 43.55 -20.25 19.77
CA GLY B 157 44.54 -21.32 19.79
C GLY B 157 44.30 -22.38 20.85
N GLU B 158 43.17 -23.09 20.74
CA GLU B 158 42.85 -24.14 21.69
C GLU B 158 41.67 -24.93 21.11
N TRP B 159 41.32 -26.04 21.75
CA TRP B 159 40.20 -26.84 21.28
C TRP B 159 38.92 -26.41 21.97
N VAL B 160 37.81 -26.46 21.23
CA VAL B 160 36.49 -26.15 21.75
C VAL B 160 35.61 -27.30 21.27
N CYS B 161 34.72 -27.76 22.14
CA CYS B 161 33.86 -28.89 21.82
C CYS B 161 32.39 -28.62 22.16
N VAL B 162 31.49 -29.10 21.30
CA VAL B 162 30.05 -28.91 21.50
C VAL B 162 29.36 -30.24 21.77
N ILE B 163 28.45 -30.27 22.74
CA ILE B 163 27.74 -31.49 23.05
C ILE B 163 26.24 -31.25 23.06
N GLY B 164 25.49 -32.15 22.43
CA GLY B 164 24.05 -32.01 22.38
C GLY B 164 23.43 -32.37 23.72
N ARG B 165 22.47 -31.55 24.14
CA ARG B 165 21.76 -31.76 25.40
C ARG B 165 20.27 -31.65 25.10
N LEU B 166 19.43 -31.76 26.13
CA LEU B 166 17.99 -31.68 25.91
C LEU B 166 17.54 -30.25 25.64
N ARG B 167 17.33 -29.94 24.37
CA ARG B 167 16.89 -28.61 23.97
C ARG B 167 17.93 -27.52 24.20
N TYR B 168 19.20 -27.89 24.23
CA TYR B 168 20.26 -26.92 24.38
C TYR B 168 21.61 -27.56 24.08
N ALA B 169 22.62 -26.73 23.85
CA ALA B 169 23.95 -27.22 23.56
C ALA B 169 24.93 -26.85 24.66
N ALA B 170 25.92 -27.71 24.89
CA ALA B 170 26.92 -27.47 25.91
C ALA B 170 28.31 -27.30 25.28
N PHE B 171 29.17 -26.55 25.94
CA PHE B 171 30.51 -26.30 25.44
C PHE B 171 31.65 -26.57 26.43
N TYR B 172 32.78 -27.03 25.90
CA TYR B 172 33.95 -27.33 26.70
C TYR B 172 35.18 -26.89 25.90
N THR B 173 36.20 -26.39 26.58
CA THR B 173 37.43 -26.01 25.89
C THR B 173 38.55 -26.83 26.49
N SER B 174 39.59 -27.08 25.69
CA SER B 174 40.72 -27.87 26.14
C SER B 174 41.97 -27.57 25.32
N PRO B 175 43.14 -27.63 25.96
CA PRO B 175 44.41 -27.38 25.25
C PRO B 175 45.02 -28.65 24.66
N ASN B 176 44.49 -29.80 25.07
CA ASN B 176 45.04 -31.08 24.61
C ASN B 176 44.03 -32.17 24.31
N LEU B 177 42.75 -31.83 24.28
CA LEU B 177 41.72 -32.82 23.97
C LEU B 177 41.47 -33.83 25.08
N ARG B 178 42.21 -33.71 26.18
CA ARG B 178 42.07 -34.63 27.29
C ARG B 178 41.45 -33.94 28.50
N ASP B 179 41.84 -32.68 28.73
CA ASP B 179 41.33 -31.93 29.87
C ASP B 179 40.40 -30.80 29.49
N TRP B 180 39.12 -31.10 29.57
CA TRP B 180 38.08 -30.14 29.22
C TRP B 180 37.54 -29.33 30.36
N THR B 181 37.22 -28.07 30.05
CA THR B 181 36.64 -27.16 31.03
C THR B 181 35.25 -26.80 30.53
N LEU B 182 34.27 -26.82 31.42
CA LEU B 182 32.90 -26.51 31.04
C LEU B 182 32.72 -25.00 30.78
N ARG B 183 31.87 -24.69 29.81
CA ARG B 183 31.61 -23.29 29.46
C ARG B 183 30.11 -23.02 29.42
N ARG B 184 29.75 -21.77 29.16
CA ARG B 184 28.36 -21.35 29.08
C ARG B 184 27.62 -22.13 27.99
N ASN B 185 26.42 -22.59 28.30
CA ASN B 185 25.63 -23.32 27.32
C ASN B 185 25.06 -22.37 26.29
N PHE B 186 24.32 -22.92 25.34
CA PHE B 186 23.66 -22.13 24.33
C PHE B 186 22.19 -22.51 24.38
N ASP B 187 21.33 -21.50 24.48
CA ASP B 187 19.91 -21.75 24.51
C ASP B 187 19.24 -21.05 23.34
N TYR B 188 18.08 -21.57 22.94
CA TYR B 188 17.32 -20.98 21.86
C TYR B 188 15.86 -21.02 22.27
N PRO B 189 15.12 -19.94 22.01
CA PRO B 189 13.71 -19.84 22.37
C PRO B 189 12.71 -20.91 21.89
N ASN B 190 12.79 -21.29 20.62
CA ASN B 190 11.84 -22.26 20.07
C ASN B 190 12.12 -23.74 20.34
N HIS B 191 11.81 -24.23 21.53
CA HIS B 191 12.07 -25.63 21.84
C HIS B 191 11.29 -26.60 20.96
N ALA B 192 10.23 -26.12 20.30
CA ALA B 192 9.45 -26.98 19.42
C ALA B 192 10.30 -27.43 18.24
N LEU B 193 11.48 -26.81 18.10
CA LEU B 193 12.40 -27.15 17.02
C LEU B 193 13.03 -28.54 17.23
N GLY B 194 13.28 -28.89 18.49
CA GLY B 194 13.88 -30.17 18.80
C GLY B 194 15.12 -29.99 19.64
N GLY B 195 15.46 -31.01 20.43
CA GLY B 195 16.65 -30.94 21.28
C GLY B 195 17.84 -30.95 20.36
N ILE B 196 19.04 -30.96 20.90
CA ILE B 196 20.23 -30.95 20.05
C ILE B 196 20.92 -32.29 19.84
N GLU B 197 20.83 -32.79 18.61
CA GLU B 197 21.46 -34.06 18.20
C GLU B 197 22.57 -33.73 17.21
N CYS B 198 23.69 -34.45 17.30
CA CYS B 198 24.82 -34.27 16.40
C CYS B 198 25.11 -32.81 16.05
N PRO B 199 25.51 -32.02 17.05
CA PRO B 199 25.83 -30.59 16.84
C PRO B 199 27.07 -30.37 15.99
N ASP B 200 27.13 -29.20 15.35
CA ASP B 200 28.27 -28.84 14.50
C ASP B 200 28.75 -27.44 14.87
N LEU B 201 30.06 -27.22 14.80
CA LEU B 201 30.63 -25.93 15.14
C LEU B 201 31.85 -25.70 14.26
N PHE B 202 31.82 -24.66 13.44
CA PHE B 202 32.96 -24.40 12.57
C PHE B 202 33.11 -22.93 12.25
N GLU B 203 34.23 -22.61 11.61
CA GLU B 203 34.53 -21.25 11.18
C GLU B 203 34.60 -21.30 9.66
N ILE B 204 33.99 -20.32 9.00
CA ILE B 204 34.00 -20.26 7.55
C ILE B 204 34.01 -18.80 7.12
N THR B 205 34.67 -18.53 5.99
CA THR B 205 34.76 -17.17 5.49
C THR B 205 33.73 -16.94 4.38
N ALA B 206 33.01 -15.83 4.46
CA ALA B 206 31.98 -15.50 3.48
C ALA B 206 32.54 -14.94 2.17
N ASP B 207 31.66 -14.77 1.19
CA ASP B 207 32.07 -14.24 -0.10
C ASP B 207 32.60 -12.81 -0.01
N ASP B 208 32.48 -12.18 1.16
CA ASP B 208 33.00 -10.83 1.31
C ASP B 208 34.28 -10.83 2.14
N GLY B 209 34.76 -12.02 2.47
CA GLY B 209 35.98 -12.13 3.25
C GLY B 209 35.84 -12.06 4.76
N THR B 210 34.62 -11.92 5.27
CA THR B 210 34.43 -11.84 6.72
C THR B 210 34.40 -13.25 7.33
N ARG B 211 34.99 -13.37 8.52
CA ARG B 211 35.05 -14.65 9.23
C ARG B 211 33.80 -14.79 10.09
N HIS B 212 33.23 -15.98 10.11
CA HIS B 212 32.03 -16.23 10.89
C HIS B 212 32.05 -17.61 11.53
N TRP B 213 31.36 -17.75 12.63
CA TRP B 213 31.27 -19.04 13.30
C TRP B 213 29.90 -19.55 12.94
N VAL B 214 29.72 -20.86 12.99
CA VAL B 214 28.43 -21.45 12.70
C VAL B 214 28.15 -22.55 13.71
N LEU B 215 26.94 -22.56 14.25
CA LEU B 215 26.54 -23.60 15.20
C LEU B 215 25.31 -24.23 14.60
N ALA B 216 25.29 -25.55 14.51
CA ALA B 216 24.17 -26.24 13.92
C ALA B 216 23.93 -27.58 14.60
N ALA B 217 22.81 -28.22 14.26
CA ALA B 217 22.48 -29.51 14.84
C ALA B 217 21.33 -30.13 14.08
N SER B 218 21.06 -31.41 14.34
CA SER B 218 19.96 -32.08 13.69
C SER B 218 18.75 -31.84 14.61
N MET B 219 17.67 -31.35 14.02
CA MET B 219 16.46 -31.03 14.77
C MET B 219 15.29 -31.90 14.37
N ASP B 220 14.13 -31.64 14.98
CA ASP B 220 12.87 -32.34 14.71
C ASP B 220 11.74 -31.34 14.97
N ALA B 221 11.51 -30.44 14.02
CA ALA B 221 10.49 -29.40 14.17
C ALA B 221 9.25 -29.71 13.35
N TYR B 222 9.01 -30.99 13.11
CA TYR B 222 7.85 -31.42 12.35
C TYR B 222 6.54 -30.88 12.93
N GLY B 223 6.49 -30.85 14.27
CA GLY B 223 5.32 -30.38 14.97
C GLY B 223 4.92 -28.95 14.64
N ILE B 224 5.91 -28.11 14.33
CA ILE B 224 5.62 -26.73 13.98
C ILE B 224 5.80 -26.49 12.48
N GLY B 225 5.61 -27.55 11.70
CA GLY B 225 5.72 -27.44 10.25
C GLY B 225 7.10 -27.17 9.66
N LEU B 226 8.14 -27.36 10.45
CA LEU B 226 9.49 -27.16 9.97
C LEU B 226 10.20 -28.50 9.74
N PRO B 227 11.37 -28.49 9.10
CA PRO B 227 12.08 -29.75 8.83
C PRO B 227 12.57 -30.54 10.05
N MET B 228 13.03 -31.75 9.78
CA MET B 228 13.56 -32.68 10.79
C MET B 228 14.96 -32.95 10.26
N THR B 229 15.61 -31.88 9.80
CA THR B 229 16.93 -31.97 9.20
C THR B 229 18.09 -31.29 9.94
N TYR B 230 18.72 -30.32 9.29
CA TYR B 230 19.86 -29.62 9.84
C TYR B 230 19.52 -28.14 9.97
N ALA B 231 19.80 -27.57 11.14
CA ALA B 231 19.50 -26.16 11.39
C ALA B 231 20.74 -25.48 11.93
N TYR B 232 21.00 -24.26 11.47
CA TYR B 232 22.19 -23.55 11.93
C TYR B 232 22.01 -22.08 12.30
N TRP B 233 22.88 -21.63 13.19
CA TRP B 233 22.90 -20.25 13.67
C TRP B 233 24.26 -19.66 13.31
N THR B 234 24.27 -18.54 12.58
CA THR B 234 25.55 -17.92 12.28
C THR B 234 25.83 -17.09 13.53
N GLY B 235 27.10 -16.95 13.91
CA GLY B 235 27.38 -16.16 15.10
C GLY B 235 28.85 -16.02 15.46
N THR B 236 29.14 -16.10 16.75
CA THR B 236 30.50 -15.97 17.24
C THR B 236 30.72 -16.79 18.52
N TRP B 237 31.91 -17.36 18.64
CA TRP B 237 32.28 -18.12 19.82
C TRP B 237 33.47 -17.38 20.40
N ASP B 238 33.28 -16.77 21.58
CA ASP B 238 34.35 -15.99 22.20
C ASP B 238 35.26 -16.74 23.16
N GLY B 239 35.01 -18.03 23.32
CA GLY B 239 35.83 -18.83 24.21
C GLY B 239 35.08 -19.28 25.46
N GLU B 240 33.94 -18.65 25.70
CA GLU B 240 33.12 -18.98 26.86
C GLU B 240 31.65 -19.12 26.48
N GLN B 241 31.21 -18.36 25.50
CA GLN B 241 29.82 -18.41 25.10
C GLN B 241 29.62 -18.18 23.61
N PHE B 242 28.56 -18.77 23.05
CA PHE B 242 28.27 -18.62 21.63
C PHE B 242 27.11 -17.64 21.44
N HIS B 243 27.36 -16.56 20.70
CA HIS B 243 26.34 -15.54 20.43
C HIS B 243 25.76 -15.73 19.03
N ALA B 244 24.50 -16.14 18.94
CA ALA B 244 23.85 -16.31 17.65
C ALA B 244 23.45 -14.93 17.10
N ASP B 245 23.79 -14.66 15.83
CA ASP B 245 23.45 -13.39 15.21
C ASP B 245 21.94 -13.17 15.30
N ASP B 246 21.19 -14.27 15.27
CA ASP B 246 19.74 -14.25 15.36
C ASP B 246 19.28 -15.61 15.88
N LEU B 247 18.41 -15.63 16.88
CA LEU B 247 17.94 -16.86 17.50
C LEU B 247 17.05 -17.80 16.68
N THR B 248 16.60 -17.36 15.50
CA THR B 248 15.78 -18.21 14.66
C THR B 248 16.71 -18.87 13.64
N PRO B 249 16.99 -20.16 13.80
CA PRO B 249 17.89 -20.89 12.90
C PRO B 249 17.44 -20.95 11.43
N GLN B 250 18.40 -21.24 10.55
CA GLN B 250 18.14 -21.39 9.12
C GLN B 250 18.24 -22.88 8.81
N TRP B 251 17.80 -23.29 7.61
CA TRP B 251 17.84 -24.70 7.28
C TRP B 251 18.69 -25.05 6.05
N LEU B 252 19.29 -26.24 6.07
CA LEU B 252 20.12 -26.68 4.97
C LEU B 252 19.36 -27.61 4.06
N ASP B 253 18.32 -28.25 4.60
CA ASP B 253 17.51 -29.15 3.79
C ASP B 253 16.06 -29.17 4.26
N TRP B 254 15.14 -29.17 3.30
CA TRP B 254 13.71 -29.18 3.60
C TRP B 254 13.06 -30.52 3.25
N GLY B 255 13.89 -31.50 2.90
CA GLY B 255 13.35 -32.81 2.57
C GLY B 255 13.09 -33.63 3.82
N TRP B 256 12.78 -34.91 3.65
CA TRP B 256 12.52 -35.78 4.79
C TRP B 256 13.76 -36.48 5.32
N ASP B 257 14.71 -36.76 4.44
CA ASP B 257 15.91 -37.51 4.80
C ASP B 257 17.27 -36.82 4.61
N TRP B 258 17.80 -36.29 5.69
CA TRP B 258 19.10 -35.64 5.68
C TRP B 258 19.38 -35.39 7.16
N TYR B 259 19.59 -36.50 7.88
CA TYR B 259 19.80 -36.46 9.30
C TYR B 259 21.24 -36.69 9.75
N ALA B 260 21.58 -36.13 10.91
CA ALA B 260 22.91 -36.26 11.51
C ALA B 260 24.02 -35.78 10.56
N ALA B 261 23.74 -34.71 9.82
CA ALA B 261 24.71 -34.20 8.88
C ALA B 261 25.99 -33.70 9.55
N VAL B 262 27.10 -33.87 8.85
CA VAL B 262 28.39 -33.43 9.33
C VAL B 262 29.02 -32.64 8.20
N THR B 263 29.85 -31.67 8.54
CA THR B 263 30.51 -30.85 7.55
C THR B 263 32.01 -30.89 7.83
N TRP B 264 32.81 -30.60 6.81
CA TRP B 264 34.26 -30.61 6.96
C TRP B 264 34.91 -29.75 5.87
N PRO B 265 36.08 -29.19 6.16
CA PRO B 265 36.81 -28.34 5.21
C PRO B 265 37.29 -29.11 4.00
N SER B 266 37.19 -28.49 2.82
CA SER B 266 37.65 -29.11 1.59
C SER B 266 39.16 -28.86 1.54
N ILE B 267 39.89 -29.74 0.84
CA ILE B 267 41.33 -29.60 0.71
C ILE B 267 41.73 -28.32 -0.02
N ASP B 268 41.13 -28.08 -1.18
CA ASP B 268 41.46 -26.92 -2.01
C ASP B 268 41.13 -25.52 -1.47
N ALA B 269 40.09 -25.39 -0.65
CA ALA B 269 39.71 -24.10 -0.08
C ALA B 269 39.05 -24.28 1.27
N PRO B 270 39.82 -24.77 2.25
CA PRO B 270 39.34 -25.03 3.63
C PRO B 270 38.70 -23.84 4.35
N GLU B 271 39.06 -22.63 3.94
CA GLU B 271 38.53 -21.43 4.57
C GLU B 271 37.17 -21.05 4.03
N THR B 272 36.95 -21.31 2.74
CA THR B 272 35.69 -20.90 2.15
C THR B 272 34.75 -21.99 1.67
N LYS B 273 35.27 -23.16 1.32
CA LYS B 273 34.41 -24.21 0.85
C LYS B 273 34.40 -25.41 1.78
N ARG B 274 33.22 -25.75 2.29
CA ARG B 274 33.09 -26.90 3.17
C ARG B 274 32.28 -27.97 2.46
N LEU B 275 32.55 -29.23 2.82
CA LEU B 275 31.83 -30.36 2.25
C LEU B 275 30.90 -30.85 3.35
N ALA B 276 29.78 -31.45 2.96
CA ALA B 276 28.83 -31.95 3.93
C ALA B 276 28.16 -33.21 3.43
N ILE B 277 27.81 -34.09 4.36
CA ILE B 277 27.14 -35.33 4.00
C ILE B 277 26.18 -35.68 5.14
N ALA B 278 25.12 -36.41 4.83
CA ALA B 278 24.17 -36.80 5.86
C ALA B 278 23.57 -38.17 5.61
N TRP B 279 23.09 -38.77 6.69
CA TRP B 279 22.43 -40.07 6.62
C TRP B 279 21.06 -39.83 5.98
N MET B 280 20.81 -40.43 4.82
CA MET B 280 19.52 -40.26 4.15
C MET B 280 18.44 -41.14 4.75
N ASN B 281 17.99 -40.77 5.94
CA ASN B 281 16.97 -41.51 6.65
C ASN B 281 16.25 -40.58 7.63
N ASN B 282 15.27 -41.12 8.34
CA ASN B 282 14.50 -40.36 9.32
C ASN B 282 13.98 -41.27 10.43
N TRP B 283 14.21 -40.87 11.68
CA TRP B 283 13.78 -41.66 12.83
C TRP B 283 12.28 -41.93 12.99
N LYS B 284 11.46 -41.46 12.06
CA LYS B 284 10.04 -41.72 12.16
C LYS B 284 9.82 -43.13 11.58
N TYR B 285 10.83 -43.63 10.88
CA TYR B 285 10.72 -44.94 10.24
C TYR B 285 12.03 -45.66 9.95
N ALA B 286 13.17 -45.05 10.30
CA ALA B 286 14.48 -45.63 10.02
C ALA B 286 14.64 -47.09 10.44
N ALA B 287 14.06 -47.44 11.58
CA ALA B 287 14.14 -48.81 12.12
C ALA B 287 13.50 -49.86 11.22
N ARG B 288 12.38 -49.52 10.61
CA ARG B 288 11.68 -50.45 9.73
C ARG B 288 12.59 -51.00 8.64
N ASP B 289 12.15 -52.06 7.97
CA ASP B 289 12.96 -52.65 6.91
C ASP B 289 12.83 -51.93 5.59
N VAL B 290 13.85 -52.10 4.75
CA VAL B 290 13.91 -51.46 3.45
C VAL B 290 14.07 -52.54 2.38
N PRO B 291 13.57 -52.28 1.16
CA PRO B 291 13.68 -53.26 0.06
C PRO B 291 15.08 -53.84 -0.09
N THR B 292 16.07 -53.03 0.29
CA THR B 292 17.45 -53.44 0.16
C THR B 292 17.87 -54.49 1.20
N ASP B 293 17.10 -54.63 2.27
CA ASP B 293 17.41 -55.62 3.30
C ASP B 293 17.23 -57.01 2.69
N ALA B 294 16.12 -57.20 1.99
CA ALA B 294 15.81 -58.47 1.36
C ALA B 294 16.62 -58.71 0.09
N SER B 295 17.07 -57.64 -0.55
CA SER B 295 17.84 -57.75 -1.80
C SER B 295 19.36 -57.84 -1.63
N ASP B 296 19.90 -57.20 -0.60
CA ASP B 296 21.35 -57.20 -0.39
C ASP B 296 21.79 -57.25 1.08
N GLY B 297 20.84 -57.53 1.97
CA GLY B 297 21.15 -57.64 3.38
C GLY B 297 21.69 -56.42 4.11
N TYR B 298 21.51 -55.24 3.53
CA TYR B 298 21.98 -54.01 4.17
C TYR B 298 20.84 -53.00 4.16
N ASN B 299 20.89 -52.05 5.10
CA ASN B 299 19.87 -51.02 5.23
C ASN B 299 20.59 -49.68 5.44
N GLY B 300 20.39 -48.73 4.54
CA GLY B 300 21.04 -47.44 4.72
C GLY B 300 21.76 -46.83 3.54
N GLN B 301 21.73 -45.50 3.46
CA GLN B 301 22.35 -44.78 2.37
C GLN B 301 22.67 -43.35 2.81
N ASN B 302 23.83 -42.83 2.40
CA ASN B 302 24.20 -41.47 2.76
C ASN B 302 23.78 -40.53 1.61
N SER B 303 23.56 -39.26 1.92
CA SER B 303 23.17 -38.30 0.87
C SER B 303 24.34 -38.11 -0.07
N ILE B 304 24.14 -37.24 -1.06
CA ILE B 304 25.20 -36.92 -1.99
C ILE B 304 26.05 -35.93 -1.20
N VAL B 305 27.35 -35.91 -1.44
CA VAL B 305 28.18 -34.94 -0.73
C VAL B 305 27.93 -33.61 -1.45
N ARG B 306 27.71 -32.56 -0.67
CA ARG B 306 27.45 -31.24 -1.24
C ARG B 306 28.52 -30.26 -0.80
N GLU B 307 28.63 -29.16 -1.53
CA GLU B 307 29.59 -28.12 -1.21
C GLU B 307 28.79 -26.95 -0.61
N LEU B 308 29.32 -26.38 0.46
CA LEU B 308 28.67 -25.25 1.11
C LEU B 308 29.57 -24.03 1.03
N ARG B 309 28.96 -22.86 1.08
CA ARG B 309 29.70 -21.61 1.09
C ARG B 309 28.81 -20.59 1.80
N LEU B 310 29.41 -19.52 2.32
CA LEU B 310 28.61 -18.55 3.03
C LEU B 310 28.52 -17.25 2.24
N ALA B 311 27.31 -16.84 1.92
CA ALA B 311 27.08 -15.63 1.14
C ALA B 311 26.37 -14.52 1.90
N ARG B 312 26.87 -13.30 1.76
CA ARG B 312 26.27 -12.15 2.42
C ARG B 312 24.89 -11.89 1.82
N GLN B 313 24.00 -11.28 2.60
CA GLN B 313 22.66 -10.93 2.15
C GLN B 313 22.42 -9.47 2.49
N PRO B 314 21.50 -8.80 1.78
CA PRO B 314 21.20 -7.39 2.04
C PRO B 314 20.88 -7.24 3.52
N GLY B 315 21.40 -6.19 4.15
CA GLY B 315 21.13 -6.01 5.56
C GLY B 315 22.29 -6.38 6.46
N GLY B 316 23.19 -7.20 5.95
CA GLY B 316 24.35 -7.58 6.73
C GLY B 316 24.31 -8.97 7.36
N TRP B 317 23.42 -9.84 6.89
CA TRP B 317 23.38 -11.20 7.44
C TRP B 317 23.98 -12.17 6.42
N TYR B 318 24.13 -13.43 6.84
CA TYR B 318 24.73 -14.46 6.00
C TYR B 318 23.93 -15.75 5.98
N THR B 319 24.03 -16.48 4.87
CA THR B 319 23.30 -17.73 4.71
C THR B 319 24.16 -18.69 3.90
N LEU B 320 23.90 -19.99 4.05
CA LEU B 320 24.65 -21.01 3.31
C LEU B 320 23.96 -21.39 2.02
N LEU B 321 24.78 -21.72 1.02
CA LEU B 321 24.31 -22.15 -0.30
C LEU B 321 24.86 -23.56 -0.54
N SER B 322 24.06 -24.41 -1.17
CA SER B 322 24.45 -25.79 -1.43
C SER B 322 24.54 -26.13 -2.89
N THR B 323 25.42 -27.08 -3.20
CA THR B 323 25.60 -27.55 -4.58
C THR B 323 26.31 -28.92 -4.54
N PRO B 324 25.93 -29.83 -5.44
CA PRO B 324 26.56 -31.16 -5.49
C PRO B 324 28.08 -31.05 -5.69
N VAL B 325 28.85 -31.94 -5.08
CA VAL B 325 30.29 -31.91 -5.27
C VAL B 325 30.57 -31.86 -6.75
N ALA B 326 31.53 -31.04 -7.14
CA ALA B 326 31.87 -30.90 -8.54
C ALA B 326 32.30 -32.22 -9.20
N ALA B 327 33.06 -33.03 -8.48
CA ALA B 327 33.54 -34.29 -9.01
C ALA B 327 32.47 -35.22 -9.56
N LEU B 328 31.22 -35.04 -9.12
CA LEU B 328 30.14 -35.89 -9.61
C LEU B 328 30.02 -35.80 -11.14
N THR B 329 30.55 -34.73 -11.71
CA THR B 329 30.50 -34.54 -13.16
C THR B 329 31.38 -35.57 -13.86
N ASN B 330 32.40 -36.04 -13.15
CA ASN B 330 33.34 -37.02 -13.68
C ASN B 330 32.72 -38.40 -13.85
N TYR B 331 31.52 -38.60 -13.32
CA TYR B 331 30.88 -39.90 -13.45
C TYR B 331 29.78 -39.90 -14.50
N VAL B 332 29.69 -38.81 -15.26
CA VAL B 332 28.66 -38.70 -16.29
C VAL B 332 28.99 -39.53 -17.53
N THR B 333 28.18 -40.55 -17.79
CA THR B 333 28.38 -41.44 -18.93
C THR B 333 27.61 -41.05 -20.18
N ALA B 334 26.64 -40.14 -20.06
CA ALA B 334 25.85 -39.72 -21.20
C ALA B 334 25.10 -38.44 -20.95
N THR B 335 25.02 -37.59 -21.95
CA THR B 335 24.32 -36.31 -21.82
C THR B 335 23.22 -36.22 -22.87
N THR B 336 22.00 -36.04 -22.42
CA THR B 336 20.86 -35.94 -23.32
C THR B 336 20.15 -34.62 -23.11
N THR B 337 19.90 -33.92 -24.22
CA THR B 337 19.18 -32.68 -24.18
C THR B 337 17.90 -32.92 -24.95
N LEU B 338 16.79 -32.39 -24.46
CA LEU B 338 15.52 -32.55 -25.13
C LEU B 338 14.98 -31.18 -25.49
N PRO B 339 14.41 -31.04 -26.69
CA PRO B 339 13.84 -29.79 -27.20
C PRO B 339 12.96 -29.06 -26.19
N ASP B 340 13.05 -27.73 -26.17
CA ASP B 340 12.23 -26.91 -25.28
C ASP B 340 10.80 -27.27 -25.64
N ARG B 341 9.89 -27.12 -24.70
CA ARG B 341 8.51 -27.44 -25.01
C ARG B 341 7.53 -26.78 -24.07
N THR B 342 6.32 -26.55 -24.58
CA THR B 342 5.26 -25.94 -23.79
C THR B 342 4.23 -27.03 -23.51
N VAL B 343 3.79 -27.15 -22.27
CA VAL B 343 2.78 -28.15 -21.96
C VAL B 343 1.66 -27.53 -21.15
N ASP B 344 0.47 -28.05 -21.35
CA ASP B 344 -0.72 -27.59 -20.64
C ASP B 344 -1.44 -28.87 -20.23
N GLY B 345 -1.11 -29.38 -19.05
CA GLY B 345 -1.70 -30.61 -18.58
C GLY B 345 -0.58 -31.54 -18.19
N SER B 346 -0.18 -32.40 -19.11
CA SER B 346 0.91 -33.34 -18.86
C SER B 346 1.51 -33.88 -20.16
N ALA B 347 2.77 -34.27 -20.10
CA ALA B 347 3.47 -34.81 -21.25
C ALA B 347 4.58 -35.70 -20.76
N VAL B 348 4.81 -36.81 -21.46
CA VAL B 348 5.86 -37.75 -21.08
C VAL B 348 7.08 -37.49 -21.95
N LEU B 349 8.24 -37.32 -21.32
CA LEU B 349 9.47 -37.08 -22.08
C LEU B 349 9.97 -38.42 -22.62
N PRO B 350 10.52 -38.43 -23.83
CA PRO B 350 11.03 -39.66 -24.43
C PRO B 350 12.42 -39.99 -23.88
N TRP B 351 12.46 -40.37 -22.61
CA TRP B 351 13.72 -40.72 -21.97
C TRP B 351 13.43 -41.55 -20.73
N ASN B 352 14.32 -42.49 -20.42
CA ASN B 352 14.15 -43.35 -19.25
C ASN B 352 15.50 -43.64 -18.64
N GLY B 353 15.51 -43.82 -17.32
CA GLY B 353 16.76 -44.09 -16.62
C GLY B 353 16.54 -44.13 -15.12
N ARG B 354 17.45 -44.77 -14.40
CA ARG B 354 17.29 -44.87 -12.95
C ARG B 354 18.27 -44.05 -12.12
N ALA B 355 19.46 -43.79 -12.69
CA ALA B 355 20.48 -43.00 -11.99
C ALA B 355 20.93 -41.86 -12.88
N TYR B 356 20.45 -40.65 -12.60
CA TYR B 356 20.80 -39.49 -13.41
C TYR B 356 20.62 -38.19 -12.67
N GLU B 357 20.96 -37.12 -13.37
CA GLU B 357 20.85 -35.77 -12.86
C GLU B 357 20.16 -34.99 -13.97
N ILE B 358 19.05 -34.35 -13.66
CA ILE B 358 18.34 -33.59 -14.69
C ILE B 358 18.26 -32.13 -14.30
N GLU B 359 18.43 -31.27 -15.27
CA GLU B 359 18.40 -29.84 -15.05
C GLU B 359 17.43 -29.27 -16.05
N LEU B 360 16.65 -28.28 -15.63
CA LEU B 360 15.68 -27.65 -16.52
C LEU B 360 15.13 -26.39 -15.89
N ASP B 361 14.46 -25.60 -16.71
CA ASP B 361 13.83 -24.36 -16.27
C ASP B 361 12.35 -24.40 -16.62
N ILE B 362 11.53 -23.83 -15.74
CA ILE B 362 10.10 -23.81 -15.95
C ILE B 362 9.60 -22.39 -15.83
N ALA B 363 8.78 -21.96 -16.78
CA ALA B 363 8.23 -20.61 -16.76
C ALA B 363 6.74 -20.69 -17.03
N TRP B 364 5.96 -19.94 -16.27
CA TRP B 364 4.51 -19.97 -16.45
C TRP B 364 3.91 -18.61 -16.11
N ASP B 365 2.59 -18.50 -16.24
CA ASP B 365 1.88 -17.26 -15.95
C ASP B 365 0.68 -17.48 -15.03
N THR B 366 -0.44 -17.93 -15.59
CA THR B 366 -1.65 -18.18 -14.81
C THR B 366 -1.66 -19.53 -14.13
N ALA B 367 -0.82 -20.45 -14.57
CA ALA B 367 -0.77 -21.78 -13.99
C ALA B 367 -0.65 -21.71 -12.47
N THR B 368 -1.45 -22.50 -11.79
CA THR B 368 -1.46 -22.54 -10.34
C THR B 368 -0.54 -23.65 -9.83
N ASN B 369 -0.30 -24.66 -10.67
CA ASN B 369 0.59 -25.75 -10.31
C ASN B 369 1.46 -26.07 -11.51
N VAL B 370 2.72 -26.38 -11.24
CA VAL B 370 3.68 -26.64 -12.30
C VAL B 370 4.74 -27.58 -11.78
N GLY B 371 5.15 -28.55 -12.59
CA GLY B 371 6.16 -29.47 -12.13
C GLY B 371 6.67 -30.56 -13.05
N ILE B 372 7.51 -31.42 -12.47
CA ILE B 372 8.11 -32.53 -13.19
C ILE B 372 7.97 -33.79 -12.35
N SER B 373 7.60 -34.90 -13.00
CA SER B 373 7.46 -36.17 -12.31
C SER B 373 8.63 -37.07 -12.67
N VAL B 374 9.25 -37.62 -11.63
CA VAL B 374 10.42 -38.49 -11.77
C VAL B 374 10.10 -39.90 -11.32
N GLY B 375 10.83 -40.88 -11.86
CA GLY B 375 10.61 -42.27 -11.50
C GLY B 375 9.20 -42.68 -11.91
N ARG B 376 8.78 -42.22 -13.08
CA ARG B 376 7.44 -42.53 -13.57
C ARG B 376 7.34 -43.91 -14.19
N SER B 377 6.49 -44.77 -13.61
CA SER B 377 6.29 -46.11 -14.14
C SER B 377 5.41 -45.96 -15.38
N PRO B 378 5.66 -46.76 -16.41
CA PRO B 378 4.86 -46.67 -17.63
C PRO B 378 3.35 -46.90 -17.45
N ASP B 379 2.94 -47.61 -16.41
CA ASP B 379 1.52 -47.84 -16.19
C ASP B 379 0.87 -46.55 -15.67
N GLY B 380 1.68 -45.54 -15.42
CA GLY B 380 1.19 -44.25 -14.95
C GLY B 380 0.82 -44.13 -13.48
N THR B 381 0.91 -45.22 -12.72
CA THR B 381 0.52 -45.16 -11.32
C THR B 381 1.60 -44.74 -10.34
N ARG B 382 2.87 -44.86 -10.71
CA ARG B 382 3.97 -44.50 -9.81
C ARG B 382 4.81 -43.31 -10.28
N HIS B 383 5.18 -42.45 -9.34
CA HIS B 383 6.01 -41.28 -9.64
C HIS B 383 6.13 -40.32 -8.48
N THR B 384 7.26 -39.60 -8.44
CA THR B 384 7.51 -38.60 -7.41
C THR B 384 7.42 -37.25 -8.11
N ASN B 385 6.66 -36.33 -7.52
CA ASN B 385 6.45 -35.02 -8.12
C ASN B 385 7.20 -33.85 -7.51
N ILE B 386 7.91 -33.12 -8.34
CA ILE B 386 8.66 -31.95 -7.89
C ILE B 386 8.02 -30.77 -8.60
N GLY B 387 7.47 -29.84 -7.83
CA GLY B 387 6.82 -28.70 -8.45
C GLY B 387 6.73 -27.45 -7.59
N LYS B 388 6.03 -26.45 -8.12
CA LYS B 388 5.84 -25.19 -7.44
C LYS B 388 4.35 -24.92 -7.34
N TYR B 389 3.89 -24.62 -6.13
CA TYR B 389 2.49 -24.32 -5.88
C TYR B 389 2.46 -23.28 -4.77
N GLY B 390 1.69 -22.22 -4.97
CA GLY B 390 1.60 -21.18 -3.97
C GLY B 390 2.98 -20.72 -3.55
N ALA B 391 3.30 -20.87 -2.27
CA ALA B 391 4.59 -20.46 -1.76
C ALA B 391 5.43 -21.70 -1.45
N ASP B 392 5.20 -22.76 -2.22
CA ASP B 392 5.89 -24.02 -2.03
C ASP B 392 6.60 -24.60 -3.24
N LEU B 393 7.84 -25.05 -3.01
CA LEU B 393 8.59 -25.77 -4.04
C LEU B 393 8.54 -27.13 -3.31
N TYR B 394 7.64 -27.99 -3.74
CA TYR B 394 7.44 -29.27 -3.08
C TYR B 394 7.98 -30.50 -3.81
N VAL B 395 8.22 -31.54 -3.01
CA VAL B 395 8.65 -32.84 -3.51
C VAL B 395 7.65 -33.79 -2.88
N ASP B 396 6.80 -34.40 -3.71
CA ASP B 396 5.78 -35.32 -3.22
C ASP B 396 6.11 -36.72 -3.72
N ARG B 397 6.58 -37.55 -2.80
CA ARG B 397 6.95 -38.93 -3.14
C ARG B 397 5.78 -39.88 -2.87
N GLY B 398 4.63 -39.31 -2.53
CA GLY B 398 3.45 -40.12 -2.24
C GLY B 398 3.13 -41.18 -3.28
N PRO B 399 3.01 -40.81 -4.56
CA PRO B 399 2.69 -41.79 -5.60
C PRO B 399 3.79 -42.81 -5.83
N SER B 400 4.86 -42.74 -5.04
CA SER B 400 5.95 -43.68 -5.19
C SER B 400 6.02 -44.67 -4.03
N ASP B 401 5.04 -44.63 -3.14
CA ASP B 401 5.00 -45.55 -2.01
C ASP B 401 5.01 -46.99 -2.53
N LEU B 402 5.84 -47.82 -1.92
CA LEU B 402 5.97 -49.22 -2.32
C LEU B 402 5.32 -50.15 -1.30
N ALA B 403 4.49 -51.08 -1.78
CA ALA B 403 3.81 -52.04 -0.91
C ALA B 403 4.82 -52.72 0.02
N GLY B 404 4.60 -52.59 1.32
CA GLY B 404 5.49 -53.18 2.30
C GLY B 404 6.59 -52.24 2.74
N TYR B 405 6.68 -51.08 2.11
CA TYR B 405 7.73 -50.12 2.44
C TYR B 405 7.23 -48.68 2.38
N SER B 406 5.92 -48.51 2.48
CA SER B 406 5.31 -47.19 2.41
C SER B 406 5.94 -46.15 3.35
N LEU B 407 6.18 -44.95 2.81
CA LEU B 407 6.75 -43.85 3.59
C LEU B 407 5.64 -42.95 4.14
N ALA B 408 4.39 -43.32 3.88
CA ALA B 408 3.25 -42.56 4.36
C ALA B 408 3.35 -42.46 5.86
N PRO B 409 2.86 -41.36 6.46
CA PRO B 409 2.23 -40.19 5.83
C PRO B 409 3.20 -39.10 5.37
N TYR B 410 4.50 -39.34 5.50
CA TYR B 410 5.49 -38.34 5.11
C TYR B 410 5.74 -38.36 3.61
N SER B 411 4.82 -37.78 2.86
CA SER B 411 4.89 -37.78 1.41
C SER B 411 5.25 -36.45 0.75
N ARG B 412 4.67 -35.36 1.23
CA ARG B 412 4.91 -34.06 0.63
C ARG B 412 5.86 -33.17 1.41
N ALA B 413 7.07 -33.02 0.89
CA ALA B 413 8.06 -32.16 1.53
C ALA B 413 7.89 -30.81 0.84
N ALA B 414 8.38 -29.74 1.46
CA ALA B 414 8.23 -28.45 0.85
C ALA B 414 9.22 -27.42 1.34
N ALA B 415 9.82 -26.69 0.41
CA ALA B 415 10.76 -25.64 0.77
C ALA B 415 10.09 -24.35 0.38
N PRO B 416 10.28 -23.29 1.17
CA PRO B 416 9.64 -22.02 0.82
C PRO B 416 10.21 -21.44 -0.46
N ILE B 417 9.34 -20.80 -1.24
CA ILE B 417 9.72 -20.13 -2.48
C ILE B 417 8.80 -18.91 -2.63
N ASP B 418 9.31 -17.83 -3.23
CA ASP B 418 8.51 -16.64 -3.38
C ASP B 418 7.22 -16.94 -4.13
N PRO B 419 6.07 -16.66 -3.50
CA PRO B 419 4.77 -16.91 -4.13
C PRO B 419 4.59 -16.17 -5.45
N GLY B 420 5.37 -15.10 -5.63
CA GLY B 420 5.29 -14.31 -6.84
C GLY B 420 6.16 -14.83 -7.99
N ALA B 421 7.02 -15.81 -7.69
CA ALA B 421 7.88 -16.35 -8.74
C ALA B 421 7.01 -16.96 -9.83
N ARG B 422 7.44 -16.78 -11.07
CA ARG B 422 6.71 -17.33 -12.20
C ARG B 422 7.65 -18.15 -13.09
N SER B 423 8.80 -18.52 -12.51
CA SER B 423 9.81 -19.35 -13.18
C SER B 423 10.75 -19.93 -12.11
N VAL B 424 11.41 -21.05 -12.42
CA VAL B 424 12.35 -21.68 -11.50
C VAL B 424 13.34 -22.55 -12.23
N HIS B 425 14.53 -22.67 -11.67
CA HIS B 425 15.54 -23.55 -12.23
C HIS B 425 15.63 -24.70 -11.26
N LEU B 426 15.70 -25.91 -11.77
CA LEU B 426 15.79 -27.09 -10.92
C LEU B 426 16.90 -28.05 -11.33
N ARG B 427 17.58 -28.58 -10.33
CA ARG B 427 18.63 -29.55 -10.58
C ARG B 427 18.26 -30.73 -9.70
N ILE B 428 17.86 -31.82 -10.35
CA ILE B 428 17.41 -32.99 -9.64
C ILE B 428 18.30 -34.23 -9.80
N LEU B 429 18.81 -34.72 -8.69
CA LEU B 429 19.65 -35.92 -8.69
C LEU B 429 18.75 -37.09 -8.34
N VAL B 430 18.64 -38.05 -9.27
CA VAL B 430 17.83 -39.25 -9.06
C VAL B 430 18.71 -40.50 -9.00
N ASP B 431 18.44 -41.37 -8.03
CA ASP B 431 19.18 -42.62 -7.91
C ASP B 431 18.18 -43.72 -7.55
N THR B 432 18.61 -44.98 -7.58
CA THR B 432 17.72 -46.11 -7.31
C THR B 432 16.83 -46.02 -6.06
N GLN B 433 17.27 -45.33 -5.02
CA GLN B 433 16.47 -45.21 -3.81
C GLN B 433 16.36 -43.78 -3.27
N SER B 434 16.53 -42.77 -4.13
CA SER B 434 16.47 -41.39 -3.66
C SER B 434 16.18 -40.30 -4.70
N VAL B 435 15.90 -39.10 -4.19
CA VAL B 435 15.64 -37.92 -5.00
C VAL B 435 16.07 -36.70 -4.20
N GLU B 436 17.03 -35.97 -4.74
CA GLU B 436 17.56 -34.76 -4.09
C GLU B 436 17.39 -33.61 -5.07
N VAL B 437 16.71 -32.55 -4.65
CA VAL B 437 16.52 -31.41 -5.54
C VAL B 437 17.21 -30.14 -5.05
N PHE B 438 17.98 -29.52 -5.93
CA PHE B 438 18.65 -28.28 -5.61
C PHE B 438 17.90 -27.21 -6.40
N VAL B 439 17.22 -26.33 -5.67
CA VAL B 439 16.42 -25.26 -6.26
C VAL B 439 17.24 -24.01 -6.57
N ASN B 440 17.10 -23.49 -7.78
CA ASN B 440 17.81 -22.28 -8.18
C ASN B 440 19.32 -22.28 -7.90
N ALA B 441 19.80 -21.36 -7.07
CA ALA B 441 21.24 -21.30 -6.78
C ALA B 441 21.63 -21.99 -5.48
N GLY B 442 20.85 -22.98 -5.07
CA GLY B 442 21.17 -23.74 -3.88
C GLY B 442 20.80 -23.23 -2.49
N HIS B 443 19.89 -22.25 -2.39
CA HIS B 443 19.53 -21.77 -1.06
C HIS B 443 18.53 -22.75 -0.44
N THR B 444 17.82 -23.49 -1.28
CA THR B 444 16.87 -24.48 -0.80
C THR B 444 17.18 -25.82 -1.47
N VAL B 445 17.23 -26.86 -0.65
CA VAL B 445 17.52 -28.22 -1.10
C VAL B 445 16.54 -29.18 -0.44
N LEU B 446 16.06 -30.17 -1.18
CA LEU B 446 15.14 -31.15 -0.62
C LEU B 446 15.64 -32.56 -0.92
N SER B 447 16.04 -33.27 0.14
CA SER B 447 16.53 -34.62 -0.01
C SER B 447 15.55 -35.62 0.58
N GLN B 448 15.18 -36.62 -0.23
CA GLN B 448 14.24 -37.66 0.21
C GLN B 448 14.75 -39.02 -0.21
N GLN B 449 14.28 -40.03 0.51
CA GLN B 449 14.56 -41.41 0.21
C GLN B 449 13.28 -41.75 -0.54
N VAL B 450 13.38 -42.56 -1.58
CA VAL B 450 12.20 -42.98 -2.34
C VAL B 450 12.44 -44.41 -2.75
N HIS B 451 11.50 -45.30 -2.42
CA HIS B 451 11.66 -46.71 -2.75
C HIS B 451 11.12 -47.03 -4.14
N PHE B 452 11.89 -46.63 -5.15
CA PHE B 452 11.52 -46.85 -6.53
C PHE B 452 11.47 -48.33 -6.86
N ALA B 453 10.73 -48.66 -7.89
CA ALA B 453 10.61 -50.03 -8.34
C ALA B 453 11.45 -50.10 -9.60
N GLU B 454 11.88 -51.30 -9.97
CA GLU B 454 12.71 -51.47 -11.16
C GLU B 454 12.18 -50.71 -12.37
N GLY B 455 10.87 -50.75 -12.58
CA GLY B 455 10.28 -50.08 -13.73
C GLY B 455 9.97 -48.58 -13.61
N ASP B 456 10.29 -47.95 -12.48
CA ASP B 456 10.04 -46.51 -12.31
C ASP B 456 11.19 -45.75 -12.97
N THR B 457 11.12 -45.63 -14.29
CA THR B 457 12.18 -45.00 -15.04
C THR B 457 11.82 -43.75 -15.84
N GLY B 458 10.53 -43.47 -15.99
CA GLY B 458 10.12 -42.33 -16.78
C GLY B 458 10.20 -40.95 -16.16
N ILE B 459 9.92 -39.95 -16.98
CA ILE B 459 9.93 -38.56 -16.57
C ILE B 459 8.83 -37.83 -17.35
N SER B 460 7.95 -37.13 -16.65
CA SER B 460 6.90 -36.40 -17.34
C SER B 460 6.82 -34.97 -16.79
N LEU B 461 6.17 -34.11 -17.57
CA LEU B 461 5.98 -32.71 -17.20
C LEU B 461 4.49 -32.47 -17.02
N TYR B 462 4.13 -31.53 -16.16
CA TYR B 462 2.72 -31.25 -15.93
C TYR B 462 2.44 -29.83 -15.47
N THR B 463 1.20 -29.39 -15.67
CA THR B 463 0.75 -28.07 -15.27
C THR B 463 -0.74 -28.15 -14.93
N ASP B 464 -1.19 -27.22 -14.09
CA ASP B 464 -2.59 -27.14 -13.70
C ASP B 464 -2.95 -25.67 -13.74
N GLY B 465 -3.94 -25.32 -14.55
CA GLY B 465 -4.38 -23.94 -14.64
C GLY B 465 -3.73 -23.08 -15.70
N GLY B 466 -3.03 -23.71 -16.63
CA GLY B 466 -2.39 -22.93 -17.68
C GLY B 466 -1.16 -23.61 -18.24
N PRO B 467 -0.66 -23.13 -19.39
CA PRO B 467 0.53 -23.73 -19.99
C PRO B 467 1.80 -23.26 -19.29
N ALA B 468 2.87 -24.01 -19.49
CA ALA B 468 4.15 -23.68 -18.91
C ALA B 468 5.19 -23.96 -19.98
N HIS B 469 6.30 -23.23 -19.92
CA HIS B 469 7.36 -23.38 -20.89
C HIS B 469 8.53 -24.09 -20.21
N PHE B 470 8.85 -25.29 -20.68
CA PHE B 470 9.94 -26.08 -20.12
C PHE B 470 11.12 -25.99 -21.09
N THR B 471 12.22 -25.42 -20.60
CA THR B 471 13.39 -25.21 -21.44
C THR B 471 14.68 -25.59 -20.76
N GLY B 472 15.76 -25.70 -21.54
CA GLY B 472 17.05 -26.05 -21.00
C GLY B 472 17.05 -27.41 -20.32
N ILE B 473 16.34 -28.35 -20.93
CA ILE B 473 16.25 -29.70 -20.37
C ILE B 473 17.49 -30.51 -20.71
N VAL B 474 18.25 -30.89 -19.68
CA VAL B 474 19.47 -31.67 -19.86
C VAL B 474 19.50 -32.78 -18.83
N VAL B 475 19.65 -34.01 -19.32
CA VAL B 475 19.70 -35.16 -18.45
C VAL B 475 21.09 -35.80 -18.56
N ARG B 476 21.80 -35.85 -17.44
CA ARG B 476 23.11 -36.44 -17.43
C ARG B 476 23.08 -37.74 -16.66
N GLU B 477 23.25 -38.84 -17.38
CA GLU B 477 23.25 -40.18 -16.80
C GLU B 477 24.52 -40.37 -15.96
N ILE B 478 24.40 -41.08 -14.85
CA ILE B 478 25.54 -41.31 -13.97
C ILE B 478 25.89 -42.79 -13.77
N GLY B 479 27.16 -43.12 -14.00
CA GLY B 479 27.62 -44.48 -13.86
C GLY B 479 28.27 -44.77 -12.52
N GLN B 480 28.40 -46.06 -12.22
CA GLN B 480 28.99 -46.54 -10.97
C GLN B 480 30.31 -45.85 -10.68
N ALA C 2 35.40 11.11 -29.82
CA ALA C 2 34.86 9.76 -29.41
C ALA C 2 34.24 9.01 -30.60
N VAL C 3 34.75 7.82 -30.85
CA VAL C 3 34.28 7.03 -31.97
C VAL C 3 32.89 6.40 -31.82
N TYR C 4 32.52 5.98 -30.61
CA TYR C 4 31.21 5.37 -30.42
C TYR C 4 30.43 5.81 -29.19
N HIS C 5 30.66 7.05 -28.77
CA HIS C 5 29.98 7.64 -27.62
C HIS C 5 29.39 8.96 -28.10
N MET C 6 28.18 9.29 -27.66
CA MET C 6 27.55 10.52 -28.09
C MET C 6 28.26 11.76 -27.54
N THR C 7 28.41 12.76 -28.40
CA THR C 7 29.02 14.02 -28.03
C THR C 7 28.18 15.11 -28.70
N PRO C 8 28.05 16.27 -28.05
CA PRO C 8 27.27 17.34 -28.66
C PRO C 8 28.01 17.86 -29.88
N PRO C 9 27.29 18.29 -30.92
CA PRO C 9 27.95 18.82 -32.12
C PRO C 9 28.96 19.89 -31.72
N SER C 10 28.63 20.64 -30.67
CA SER C 10 29.50 21.68 -30.16
C SER C 10 28.94 22.16 -28.83
N GLY C 11 29.78 22.80 -28.03
CA GLY C 11 29.32 23.31 -26.75
C GLY C 11 29.44 22.36 -25.57
N TRP C 12 28.77 22.76 -24.50
CA TRP C 12 28.74 22.03 -23.24
C TRP C 12 27.62 21.00 -23.18
N LEU C 13 27.98 19.78 -22.77
CA LEU C 13 27.04 18.66 -22.64
C LEU C 13 26.77 18.38 -21.18
N CYS C 14 25.53 18.08 -20.85
CA CYS C 14 25.19 17.77 -19.48
C CYS C 14 24.09 16.70 -19.38
N ASP C 15 23.33 16.73 -18.29
CA ASP C 15 22.26 15.77 -18.01
C ASP C 15 21.36 15.25 -19.16
N PRO C 16 21.21 13.92 -19.28
CA PRO C 16 20.34 13.36 -20.32
C PRO C 16 18.95 13.21 -19.65
N GLN C 17 17.88 12.96 -20.41
CA GLN C 17 16.54 12.80 -19.82
C GLN C 17 15.86 11.50 -20.29
N ARG C 18 14.92 10.93 -19.52
CA ARG C 18 14.24 9.66 -19.91
C ARG C 18 13.81 9.81 -21.36
N PRO C 19 14.44 9.04 -22.26
CA PRO C 19 14.10 9.08 -23.68
C PRO C 19 12.66 8.66 -23.88
N VAL C 20 12.07 9.11 -24.97
CA VAL C 20 10.71 8.74 -25.27
C VAL C 20 10.79 7.91 -26.54
N THR C 21 9.84 7.00 -26.74
CA THR C 21 9.82 6.15 -27.93
C THR C 21 8.78 6.61 -28.96
N THR C 22 9.25 7.20 -30.05
CA THR C 22 8.35 7.68 -31.10
C THR C 22 9.05 7.67 -32.45
N HIS C 23 8.26 7.68 -33.52
CA HIS C 23 8.80 7.69 -34.88
C HIS C 23 9.83 6.60 -35.12
N GLY C 24 9.56 5.42 -34.56
CA GLY C 24 10.46 4.30 -34.73
C GLY C 24 11.88 4.54 -34.26
N ALA C 25 12.03 5.20 -33.11
CA ALA C 25 13.36 5.46 -32.57
C ALA C 25 13.27 5.95 -31.15
N TYR C 26 14.42 6.06 -30.49
CA TYR C 26 14.43 6.57 -29.13
C TYR C 26 14.74 8.06 -29.27
N GLN C 27 13.94 8.89 -28.61
CA GLN C 27 14.13 10.33 -28.65
C GLN C 27 14.81 10.73 -27.35
N LEU C 28 16.11 10.96 -27.42
CA LEU C 28 16.86 11.34 -26.24
C LEU C 28 16.97 12.86 -26.11
N TYR C 29 16.98 13.32 -24.87
CA TYR C 29 17.11 14.74 -24.59
C TYR C 29 18.26 14.89 -23.62
N TYR C 30 18.96 16.01 -23.72
CA TYR C 30 20.08 16.26 -22.84
C TYR C 30 20.29 17.74 -22.68
N LEU C 31 20.81 18.14 -21.52
CA LEU C 31 21.06 19.53 -21.22
C LEU C 31 22.22 20.01 -22.09
N HIS C 32 22.15 21.27 -22.52
CA HIS C 32 23.17 21.84 -23.37
C HIS C 32 23.35 23.35 -23.17
N SER C 33 24.60 23.78 -23.13
CA SER C 33 24.93 25.19 -22.96
C SER C 33 25.97 25.56 -24.00
N ASP C 34 25.99 26.82 -24.43
CA ASP C 34 26.98 27.28 -25.41
C ASP C 34 28.31 27.50 -24.72
N GLN C 35 28.26 27.73 -23.40
CA GLN C 35 29.45 27.95 -22.59
C GLN C 35 29.53 26.84 -21.55
N ASN C 36 30.74 26.38 -21.27
CA ASN C 36 30.93 25.31 -20.31
C ASN C 36 30.35 25.68 -18.95
N ASN C 37 29.40 24.86 -18.49
CA ASN C 37 28.69 25.09 -17.23
C ASN C 37 27.93 26.42 -17.26
N GLY C 38 27.58 26.85 -18.48
CA GLY C 38 26.82 28.07 -18.65
C GLY C 38 25.34 27.71 -18.67
N PRO C 39 24.44 28.71 -18.71
CA PRO C 39 23.00 28.42 -18.74
C PRO C 39 22.59 27.87 -20.10
N GLY C 40 21.66 26.92 -20.11
CA GLY C 40 21.22 26.34 -21.38
C GLY C 40 19.83 25.74 -21.29
N GLY C 41 19.50 24.87 -22.25
CA GLY C 41 18.19 24.24 -22.24
C GLY C 41 18.27 22.78 -22.66
N TRP C 42 17.19 22.28 -23.26
CA TRP C 42 17.13 20.90 -23.72
C TRP C 42 17.42 20.77 -25.21
N ASP C 43 18.36 19.88 -25.54
CA ASP C 43 18.70 19.60 -26.94
C ASP C 43 18.10 18.22 -27.25
N HIS C 44 17.97 17.91 -28.54
CA HIS C 44 17.35 16.65 -28.97
C HIS C 44 18.24 15.80 -29.87
N ALA C 45 18.10 14.49 -29.76
CA ALA C 45 18.87 13.57 -30.58
C ALA C 45 18.09 12.28 -30.73
N SER C 46 18.23 11.64 -31.88
CA SER C 46 17.53 10.38 -32.11
C SER C 46 18.50 9.25 -32.24
N THR C 47 18.02 8.04 -32.00
CA THR C 47 18.83 6.85 -32.11
C THR C 47 17.86 5.70 -32.27
N THR C 48 18.13 4.82 -33.23
CA THR C 48 17.25 3.68 -33.45
C THR C 48 17.86 2.40 -32.91
N ASP C 49 19.18 2.39 -32.73
CA ASP C 49 19.82 1.18 -32.23
C ASP C 49 20.45 1.38 -30.86
N GLY C 50 20.53 2.63 -30.42
CA GLY C 50 21.12 2.91 -29.11
C GLY C 50 22.62 3.14 -29.15
N VAL C 51 23.20 3.22 -30.34
CA VAL C 51 24.63 3.44 -30.47
C VAL C 51 24.90 4.72 -31.25
N ALA C 52 24.21 4.88 -32.39
CA ALA C 52 24.39 6.05 -33.22
C ALA C 52 23.28 7.07 -32.99
N PHE C 53 23.66 8.33 -32.84
CA PHE C 53 22.69 9.39 -32.63
C PHE C 53 22.75 10.44 -33.72
N THR C 54 21.63 11.10 -33.96
CA THR C 54 21.57 12.16 -34.95
C THR C 54 20.93 13.31 -34.19
N HIS C 55 21.66 14.41 -34.07
CA HIS C 55 21.19 15.58 -33.33
C HIS C 55 20.21 16.45 -34.08
N HIS C 56 19.32 17.11 -33.35
CA HIS C 56 18.30 17.97 -33.97
C HIS C 56 18.26 19.36 -33.37
N GLY C 57 19.33 19.73 -32.67
CA GLY C 57 19.38 21.05 -32.08
C GLY C 57 18.54 21.22 -30.83
N THR C 58 18.37 22.48 -30.42
CA THR C 58 17.60 22.81 -29.22
C THR C 58 16.12 22.55 -29.45
N VAL C 59 15.42 22.22 -28.37
CA VAL C 59 14.00 21.94 -28.45
C VAL C 59 13.23 22.66 -27.32
N MET C 60 13.93 23.01 -26.25
CA MET C 60 13.33 23.73 -25.12
C MET C 60 14.40 24.74 -24.68
N PRO C 61 14.49 25.86 -25.42
CA PRO C 61 15.38 27.02 -25.31
C PRO C 61 15.60 27.69 -23.97
N LEU C 62 16.78 28.26 -23.85
CA LEU C 62 17.17 29.03 -22.69
C LEU C 62 16.49 30.38 -22.93
N ARG C 63 16.21 31.10 -21.86
CA ARG C 63 15.60 32.42 -21.97
C ARG C 63 16.33 33.27 -20.97
N PRO C 64 16.41 34.58 -21.20
CA PRO C 64 17.12 35.44 -20.25
C PRO C 64 16.78 35.09 -18.81
N ASP C 65 17.80 34.71 -18.05
CA ASP C 65 17.62 34.33 -16.65
C ASP C 65 16.62 33.21 -16.46
N PHE C 66 16.41 32.41 -17.50
CA PHE C 66 15.45 31.33 -17.41
C PHE C 66 15.95 30.07 -18.11
N PRO C 67 17.01 29.44 -17.56
CA PRO C 67 17.55 28.21 -18.15
C PRO C 67 16.61 27.05 -17.87
N VAL C 68 16.75 25.99 -18.65
CA VAL C 68 15.91 24.81 -18.49
C VAL C 68 16.75 23.66 -17.95
N TRP C 69 16.48 23.26 -16.71
CA TRP C 69 17.21 22.17 -16.07
C TRP C 69 16.58 20.79 -16.36
N SER C 70 17.00 19.77 -15.62
CA SER C 70 16.50 18.42 -15.87
C SER C 70 15.10 18.05 -15.41
N GLY C 71 14.60 16.97 -16.00
CA GLY C 71 13.28 16.44 -15.68
C GLY C 71 13.09 15.13 -16.42
N SER C 72 11.97 15.01 -17.12
CA SER C 72 11.70 13.81 -17.90
C SER C 72 10.64 14.09 -18.94
N ALA C 73 10.50 13.17 -19.89
CA ALA C 73 9.52 13.30 -20.94
C ALA C 73 8.81 11.96 -21.07
N VAL C 74 7.53 11.99 -21.45
CA VAL C 74 6.77 10.77 -21.60
C VAL C 74 5.66 10.95 -22.63
N VAL C 75 5.34 9.89 -23.37
CA VAL C 75 4.28 9.97 -24.36
C VAL C 75 2.95 9.61 -23.71
N ASP C 76 2.04 10.58 -23.72
CA ASP C 76 0.71 10.47 -23.13
C ASP C 76 -0.24 9.78 -24.11
N THR C 77 -0.02 8.48 -24.24
CA THR C 77 -0.78 7.60 -25.14
C THR C 77 -2.29 7.75 -25.09
N ALA C 78 -2.85 7.78 -23.88
CA ALA C 78 -4.30 7.89 -23.71
C ALA C 78 -4.78 9.33 -23.59
N ASN C 79 -3.92 10.28 -23.95
CA ASN C 79 -4.26 11.68 -23.86
C ASN C 79 -4.92 12.00 -22.52
N THR C 80 -4.20 11.74 -21.44
CA THR C 80 -4.71 12.01 -20.11
C THR C 80 -4.47 13.47 -19.76
N ALA C 81 -3.47 14.06 -20.40
CA ALA C 81 -3.11 15.46 -20.17
C ALA C 81 -4.01 16.43 -20.92
N GLY C 82 -4.54 16.01 -22.07
CA GLY C 82 -5.42 16.86 -22.84
C GLY C 82 -4.76 17.57 -24.00
N PHE C 83 -3.55 17.15 -24.35
CA PHE C 83 -2.82 17.75 -25.46
C PHE C 83 -2.95 16.89 -26.70
N GLY C 84 -3.75 15.83 -26.60
CA GLY C 84 -3.94 14.92 -27.71
C GLY C 84 -3.29 13.59 -27.43
N ALA C 85 -3.91 12.50 -27.87
CA ALA C 85 -3.36 11.16 -27.65
C ALA C 85 -2.00 11.06 -28.33
N GLY C 86 -1.04 10.45 -27.64
CA GLY C 86 0.28 10.30 -28.22
C GLY C 86 1.14 11.55 -28.10
N ALA C 87 0.61 12.56 -27.41
CA ALA C 87 1.36 13.79 -27.23
C ALA C 87 2.57 13.47 -26.36
N VAL C 88 3.64 14.22 -26.54
CA VAL C 88 4.82 14.02 -25.73
C VAL C 88 4.84 15.16 -24.72
N VAL C 89 4.63 14.81 -23.45
CA VAL C 89 4.63 15.79 -22.38
C VAL C 89 5.94 15.69 -21.59
N ALA C 90 6.54 16.83 -21.29
CA ALA C 90 7.78 16.86 -20.54
C ALA C 90 7.69 17.82 -19.36
N LEU C 91 8.37 17.48 -18.28
CA LEU C 91 8.44 18.30 -17.07
C LEU C 91 9.92 18.60 -16.80
N ALA C 92 10.23 19.86 -16.53
CA ALA C 92 11.60 20.26 -16.25
C ALA C 92 11.65 21.32 -15.17
N THR C 93 12.73 21.33 -14.41
CA THR C 93 12.87 22.31 -13.37
C THR C 93 13.45 23.58 -13.96
N GLN C 94 12.91 24.72 -13.55
CA GLN C 94 13.38 26.01 -14.03
C GLN C 94 13.38 27.01 -12.88
N PRO C 95 14.40 27.88 -12.82
CA PRO C 95 14.48 28.89 -11.77
C PRO C 95 13.63 30.11 -12.14
N THR C 96 12.45 30.22 -11.52
CA THR C 96 11.54 31.33 -11.79
C THR C 96 12.18 32.65 -11.40
N ASP C 97 12.15 33.62 -12.31
CA ASP C 97 12.74 34.94 -12.05
C ASP C 97 14.22 34.77 -11.76
N GLY C 98 14.81 33.69 -12.25
CA GLY C 98 16.22 33.45 -12.02
C GLY C 98 16.57 33.24 -10.56
N VAL C 99 15.56 33.08 -9.73
CA VAL C 99 15.81 32.85 -8.31
C VAL C 99 15.97 31.36 -8.07
N ARG C 100 17.13 30.96 -7.54
CA ARG C 100 17.39 29.56 -7.29
C ARG C 100 16.45 28.95 -6.25
N LYS C 101 16.04 29.72 -5.24
CA LYS C 101 15.13 29.17 -4.25
C LYS C 101 13.71 29.08 -4.81
N TYR C 102 13.55 29.45 -6.08
CA TYR C 102 12.24 29.39 -6.73
C TYR C 102 12.17 28.30 -7.81
N GLN C 103 13.17 27.42 -7.86
CA GLN C 103 13.16 26.38 -8.88
C GLN C 103 11.84 25.60 -8.79
N GLU C 104 11.17 25.45 -9.92
CA GLU C 104 9.88 24.78 -9.97
C GLU C 104 9.76 23.90 -11.19
N GLN C 105 8.66 23.15 -11.25
CA GLN C 105 8.45 22.25 -12.36
C GLN C 105 7.49 22.81 -13.41
N TYR C 106 8.04 23.06 -14.59
CA TYR C 106 7.30 23.60 -15.73
C TYR C 106 6.98 22.48 -16.73
N LEU C 107 5.78 22.55 -17.33
CA LEU C 107 5.37 21.54 -18.31
C LEU C 107 5.56 22.03 -19.75
N TYR C 108 5.95 21.12 -20.63
CA TYR C 108 6.14 21.41 -22.05
C TYR C 108 5.47 20.25 -22.78
N TRP C 109 4.85 20.53 -23.93
CA TRP C 109 4.20 19.46 -24.69
C TRP C 109 4.49 19.53 -26.19
N SER C 110 4.49 18.37 -26.82
CA SER C 110 4.78 18.25 -28.24
C SER C 110 3.80 17.34 -28.93
N THR C 111 3.32 17.75 -30.10
CA THR C 111 2.38 16.92 -30.83
C THR C 111 2.99 16.39 -32.11
N ASP C 112 4.29 16.60 -32.31
CA ASP C 112 4.93 16.10 -33.51
C ASP C 112 5.92 14.98 -33.17
N GLY C 113 5.66 14.31 -32.04
CA GLY C 113 6.51 13.22 -31.61
C GLY C 113 7.77 13.57 -30.84
N GLY C 114 7.81 14.76 -30.25
CA GLY C 114 8.97 15.16 -29.48
C GLY C 114 10.03 15.92 -30.26
N PHE C 115 9.64 16.55 -31.36
CA PHE C 115 10.58 17.33 -32.18
C PHE C 115 10.39 18.83 -31.98
N THR C 116 9.17 19.20 -31.60
CA THR C 116 8.82 20.61 -31.36
C THR C 116 7.99 20.69 -30.09
N PHE C 117 8.37 21.56 -29.17
CA PHE C 117 7.62 21.69 -27.92
C PHE C 117 7.09 23.10 -27.69
N THR C 118 6.04 23.17 -26.88
CA THR C 118 5.41 24.44 -26.52
C THR C 118 5.36 24.52 -25.01
N ALA C 119 5.76 25.67 -24.47
CA ALA C 119 5.78 25.83 -23.04
C ALA C 119 4.42 26.18 -22.44
N LEU C 120 4.10 25.53 -21.33
CA LEU C 120 2.86 25.83 -20.61
C LEU C 120 3.36 26.88 -19.64
N PRO C 121 2.94 28.15 -19.83
CA PRO C 121 3.34 29.28 -18.98
C PRO C 121 3.47 29.08 -17.47
N ASP C 122 2.41 28.68 -16.78
CA ASP C 122 2.49 28.52 -15.32
C ASP C 122 2.94 27.13 -14.88
N PRO C 123 3.91 27.07 -13.95
CA PRO C 123 4.43 25.80 -13.46
C PRO C 123 3.33 24.89 -12.86
N VAL C 124 3.46 23.59 -13.11
CA VAL C 124 2.51 22.60 -12.64
C VAL C 124 2.77 22.15 -11.20
N ILE C 125 3.96 22.42 -10.70
CA ILE C 125 4.30 22.06 -9.33
C ILE C 125 5.13 23.21 -8.80
N VAL C 126 4.47 24.04 -8.00
CA VAL C 126 5.07 25.23 -7.42
C VAL C 126 5.95 25.02 -6.20
N ASN C 127 7.08 25.73 -6.18
CA ASN C 127 8.03 25.70 -5.08
C ASN C 127 7.50 26.74 -4.08
N THR C 128 6.36 26.42 -3.47
CA THR C 128 5.72 27.30 -2.52
C THR C 128 6.66 27.59 -1.35
N ASP C 129 7.50 26.62 -1.04
CA ASP C 129 8.46 26.72 0.05
C ASP C 129 9.42 27.90 -0.12
N GLY C 130 9.82 28.13 -1.36
CA GLY C 130 10.76 29.19 -1.69
C GLY C 130 10.42 30.62 -1.32
N ARG C 131 9.15 31.02 -1.45
CA ARG C 131 8.76 32.39 -1.13
C ARG C 131 8.64 32.57 0.38
N ALA C 132 8.98 31.53 1.13
CA ALA C 132 8.91 31.57 2.59
C ALA C 132 10.29 31.27 3.21
N ALA C 133 11.20 30.76 2.39
CA ALA C 133 12.54 30.42 2.85
C ALA C 133 13.23 31.66 3.43
N THR C 134 13.50 31.63 4.74
CA THR C 134 14.14 32.75 5.44
C THR C 134 15.56 32.40 5.90
N THR C 135 15.65 31.44 6.81
CA THR C 135 16.94 31.01 7.35
C THR C 135 17.82 30.35 6.29
N PRO C 136 19.13 30.24 6.57
CA PRO C 136 20.03 29.62 5.59
C PRO C 136 19.68 28.15 5.39
N ALA C 137 19.03 27.54 6.39
CA ALA C 137 18.62 26.15 6.29
C ALA C 137 17.41 26.07 5.36
N GLU C 138 16.48 27.00 5.55
CA GLU C 138 15.28 27.04 4.74
C GLU C 138 15.58 27.30 3.27
N ILE C 139 16.42 28.29 2.97
CA ILE C 139 16.76 28.58 1.57
C ILE C 139 17.44 27.39 0.92
N GLU C 140 18.35 26.76 1.65
CA GLU C 140 19.07 25.60 1.14
C GLU C 140 18.09 24.52 0.70
N ASN C 141 17.10 24.22 1.52
CA ASN C 141 16.13 23.19 1.15
C ASN C 141 15.24 23.62 0.00
N ALA C 142 15.02 24.92 -0.12
CA ALA C 142 14.17 25.42 -1.18
C ALA C 142 14.96 25.44 -2.51
N GLU C 143 16.28 25.49 -2.38
CA GLU C 143 17.14 25.51 -3.55
C GLU C 143 17.46 24.12 -4.07
N TRP C 144 16.71 23.12 -3.58
CA TRP C 144 16.88 21.74 -4.01
C TRP C 144 15.48 21.13 -4.13
N PHE C 145 14.88 21.30 -5.30
CA PHE C 145 13.53 20.83 -5.61
C PHE C 145 13.52 20.71 -7.13
N ARG C 146 14.16 19.66 -7.64
CA ARG C 146 14.30 19.51 -9.09
C ARG C 146 14.36 18.10 -9.66
N ASP C 147 14.48 18.04 -10.99
CA ASP C 147 14.57 16.80 -11.74
C ASP C 147 13.33 15.90 -11.66
N PRO C 148 12.16 16.41 -12.09
CA PRO C 148 10.94 15.61 -12.04
C PRO C 148 11.01 14.37 -12.92
N LYS C 149 10.81 13.21 -12.32
CA LYS C 149 10.83 11.96 -13.06
C LYS C 149 9.42 11.39 -13.06
N ILE C 150 8.84 11.31 -14.25
CA ILE C 150 7.47 10.85 -14.44
C ILE C 150 7.33 9.37 -14.75
N HIS C 151 6.39 8.72 -14.07
CA HIS C 151 6.14 7.29 -14.26
C HIS C 151 4.65 6.99 -14.21
N TRP C 152 4.19 6.13 -15.12
CA TRP C 152 2.79 5.74 -15.11
C TRP C 152 2.62 4.50 -14.24
N ASP C 153 1.85 4.64 -13.17
CA ASP C 153 1.60 3.53 -12.25
C ASP C 153 0.39 2.78 -12.76
N THR C 154 0.59 1.56 -13.25
CA THR C 154 -0.53 0.79 -13.77
C THR C 154 -1.48 0.30 -12.67
N ALA C 155 -0.92 -0.13 -11.55
CA ALA C 155 -1.74 -0.64 -10.46
C ALA C 155 -2.78 0.37 -9.97
N ARG C 156 -2.54 1.65 -10.20
CA ARG C 156 -3.47 2.68 -9.75
C ARG C 156 -4.03 3.60 -10.83
N GLY C 157 -3.67 3.34 -12.10
CA GLY C 157 -4.15 4.17 -13.20
C GLY C 157 -3.89 5.64 -12.94
N GLU C 158 -2.67 5.94 -12.49
CA GLU C 158 -2.24 7.30 -12.15
C GLU C 158 -0.85 7.61 -12.71
N TRP C 159 -0.44 8.85 -12.49
CA TRP C 159 0.89 9.33 -12.86
C TRP C 159 1.57 9.62 -11.51
N VAL C 160 2.77 9.08 -11.32
CA VAL C 160 3.52 9.33 -10.10
C VAL C 160 4.83 10.00 -10.54
N CYS C 161 5.29 10.96 -9.74
CA CYS C 161 6.48 11.70 -10.08
C CYS C 161 7.38 11.90 -8.86
N VAL C 162 8.68 11.66 -9.05
CA VAL C 162 9.66 11.81 -7.97
C VAL C 162 10.47 13.07 -8.22
N ILE C 163 10.76 13.79 -7.14
CA ILE C 163 11.55 14.99 -7.25
C ILE C 163 12.69 14.95 -6.26
N GLY C 164 13.87 15.34 -6.73
CA GLY C 164 15.04 15.32 -5.88
C GLY C 164 15.09 16.52 -4.96
N ARG C 165 15.32 16.25 -3.67
CA ARG C 165 15.42 17.28 -2.66
C ARG C 165 16.70 17.05 -1.85
N LEU C 166 16.97 17.90 -0.87
CA LEU C 166 18.17 17.76 -0.08
C LEU C 166 18.13 16.53 0.83
N ARG C 167 18.85 15.49 0.43
CA ARG C 167 18.95 14.25 1.20
C ARG C 167 17.64 13.47 1.36
N TYR C 168 16.70 13.70 0.46
CA TYR C 168 15.44 12.97 0.47
C TYR C 168 14.74 13.17 -0.85
N ALA C 169 13.68 12.39 -1.07
CA ALA C 169 12.94 12.50 -2.32
C ALA C 169 11.46 12.78 -2.07
N ALA C 170 10.85 13.53 -2.99
CA ALA C 170 9.45 13.84 -2.86
C ALA C 170 8.66 13.18 -3.98
N PHE C 171 7.41 12.83 -3.69
CA PHE C 171 6.56 12.18 -4.68
C PHE C 171 5.24 12.94 -4.82
N TYR C 172 4.71 12.97 -6.04
CA TYR C 172 3.44 13.62 -6.35
C TYR C 172 2.67 12.73 -7.31
N THR C 173 1.34 12.80 -7.23
CA THR C 173 0.54 11.99 -8.14
C THR C 173 -0.39 12.93 -8.92
N SER C 174 -0.79 12.50 -10.11
CA SER C 174 -1.66 13.30 -10.94
C SER C 174 -2.39 12.43 -11.96
N PRO C 175 -3.58 12.87 -12.37
CA PRO C 175 -4.37 12.13 -13.35
C PRO C 175 -4.22 12.74 -14.74
N ASN C 176 -3.62 13.93 -14.80
CA ASN C 176 -3.47 14.62 -16.08
C ASN C 176 -2.13 15.32 -16.29
N LEU C 177 -1.17 15.03 -15.42
CA LEU C 177 0.17 15.63 -15.51
C LEU C 177 0.19 17.14 -15.26
N ARG C 178 -0.94 17.70 -14.81
CA ARG C 178 -1.00 19.13 -14.55
C ARG C 178 -1.37 19.40 -13.10
N ASP C 179 -2.34 18.65 -12.58
CA ASP C 179 -2.78 18.81 -11.20
C ASP C 179 -2.12 17.72 -10.38
N TRP C 180 -1.15 18.13 -9.56
CA TRP C 180 -0.41 17.19 -8.75
C TRP C 180 -0.75 17.24 -7.27
N THR C 181 -0.63 16.10 -6.60
CA THR C 181 -0.90 16.01 -5.17
C THR C 181 0.33 15.48 -4.46
N LEU C 182 0.81 16.26 -3.50
CA LEU C 182 2.00 15.89 -2.73
C LEU C 182 1.73 14.60 -1.98
N ARG C 183 2.75 13.75 -1.91
CA ARG C 183 2.65 12.49 -1.20
C ARG C 183 3.73 12.44 -0.13
N ARG C 184 3.93 11.27 0.48
CA ARG C 184 4.92 11.16 1.52
C ARG C 184 6.34 11.07 1.00
N ASN C 185 7.27 11.70 1.71
CA ASN C 185 8.66 11.67 1.31
C ASN C 185 9.27 10.30 1.57
N PHE C 186 10.44 10.10 0.97
CA PHE C 186 11.20 8.87 1.15
C PHE C 186 12.49 9.31 1.81
N ASP C 187 12.82 8.73 2.94
CA ASP C 187 14.07 9.10 3.61
C ASP C 187 15.02 7.92 3.72
N TYR C 188 16.31 8.20 3.79
CA TYR C 188 17.31 7.16 3.94
C TYR C 188 18.23 7.60 5.09
N PRO C 189 18.54 6.66 6.00
CA PRO C 189 19.40 6.91 7.17
C PRO C 189 20.79 7.51 6.97
N ASN C 190 21.53 7.05 5.97
CA ASN C 190 22.88 7.57 5.77
C ASN C 190 22.90 8.77 4.83
N HIS C 191 22.97 9.97 5.39
CA HIS C 191 23.00 11.19 4.59
C HIS C 191 24.36 11.46 3.96
N ALA C 192 25.37 10.73 4.42
CA ALA C 192 26.72 10.89 3.88
C ALA C 192 26.77 10.33 2.47
N LEU C 193 25.69 9.66 2.06
CA LEU C 193 25.59 9.10 0.71
C LEU C 193 25.40 10.26 -0.27
N GLY C 194 24.73 11.32 0.19
CA GLY C 194 24.48 12.47 -0.66
C GLY C 194 23.01 12.68 -1.00
N GLY C 195 22.67 13.94 -1.30
CA GLY C 195 21.30 14.34 -1.64
C GLY C 195 20.80 13.56 -2.83
N ILE C 196 19.56 13.84 -3.24
CA ILE C 196 18.96 13.13 -4.37
C ILE C 196 18.93 14.00 -5.60
N GLU C 197 19.65 13.58 -6.62
CA GLU C 197 19.72 14.32 -7.87
C GLU C 197 19.24 13.42 -9.01
N CYS C 198 18.51 13.99 -9.97
CA CYS C 198 18.01 13.23 -11.11
C CYS C 198 17.47 11.88 -10.68
N PRO C 199 16.45 11.86 -9.82
CA PRO C 199 15.89 10.60 -9.36
C PRO C 199 15.28 9.83 -10.52
N ASP C 200 15.07 8.54 -10.30
CA ASP C 200 14.50 7.64 -11.30
C ASP C 200 13.50 6.78 -10.55
N LEU C 201 12.45 6.35 -11.23
CA LEU C 201 11.43 5.52 -10.59
C LEU C 201 10.78 4.69 -11.67
N PHE C 202 10.84 3.37 -11.53
CA PHE C 202 10.25 2.50 -12.52
C PHE C 202 9.90 1.14 -11.94
N GLU C 203 9.15 0.37 -12.72
CA GLU C 203 8.74 -0.98 -12.33
C GLU C 203 9.51 -1.93 -13.25
N ILE C 204 9.91 -3.08 -12.73
CA ILE C 204 10.62 -4.04 -13.57
C ILE C 204 10.41 -5.45 -13.03
N THR C 205 10.27 -6.40 -13.95
CA THR C 205 10.09 -7.80 -13.59
C THR C 205 11.43 -8.49 -13.61
N ALA C 206 11.71 -9.26 -12.57
CA ALA C 206 12.99 -9.95 -12.46
C ALA C 206 13.12 -11.27 -13.19
N ASP C 207 14.28 -11.85 -12.96
CA ASP C 207 14.69 -13.15 -13.47
C ASP C 207 13.59 -14.20 -13.29
N ASP C 208 13.12 -14.28 -12.04
CA ASP C 208 12.12 -15.26 -11.63
C ASP C 208 10.65 -14.87 -11.78
N GLY C 209 10.39 -13.76 -12.47
CA GLY C 209 9.02 -13.35 -12.68
C GLY C 209 8.43 -12.49 -11.58
N THR C 210 9.18 -12.27 -10.50
CA THR C 210 8.66 -11.44 -9.41
C THR C 210 8.67 -10.00 -9.90
N ARG C 211 7.61 -9.27 -9.56
CA ARG C 211 7.47 -7.87 -9.97
C ARG C 211 8.09 -6.94 -8.92
N HIS C 212 8.73 -5.87 -9.38
CA HIS C 212 9.38 -4.92 -8.48
C HIS C 212 9.32 -3.46 -8.91
N TRP C 213 9.61 -2.58 -7.96
CA TRP C 213 9.67 -1.15 -8.20
C TRP C 213 11.11 -0.78 -7.86
N VAL C 214 11.61 0.29 -8.46
CA VAL C 214 12.95 0.75 -8.18
C VAL C 214 13.04 2.27 -8.11
N LEU C 215 13.65 2.75 -7.04
CA LEU C 215 13.85 4.17 -6.83
C LEU C 215 15.36 4.35 -6.86
N ALA C 216 15.86 5.35 -7.59
CA ALA C 216 17.30 5.56 -7.68
C ALA C 216 17.62 7.03 -7.83
N ALA C 217 18.90 7.36 -7.77
CA ALA C 217 19.31 8.75 -7.90
C ALA C 217 20.81 8.89 -8.01
N SER C 218 21.25 10.03 -8.55
CA SER C 218 22.67 10.31 -8.66
C SER C 218 23.06 10.77 -7.26
N MET C 219 24.20 10.30 -6.77
CA MET C 219 24.66 10.62 -5.41
C MET C 219 26.09 11.14 -5.34
N ASP C 220 26.59 11.22 -4.11
CA ASP C 220 27.96 11.65 -3.85
C ASP C 220 28.37 11.05 -2.52
N ALA C 221 28.88 9.82 -2.56
CA ALA C 221 29.29 9.13 -1.35
C ALA C 221 30.80 9.04 -1.22
N TYR C 222 31.51 9.85 -1.97
CA TYR C 222 32.97 9.87 -1.93
C TYR C 222 33.47 9.86 -0.48
N GLY C 223 32.98 10.81 0.31
CA GLY C 223 33.38 10.93 1.69
C GLY C 223 33.34 9.68 2.55
N ILE C 224 32.53 8.70 2.15
CA ILE C 224 32.45 7.46 2.90
C ILE C 224 32.89 6.29 2.04
N GLY C 225 33.74 6.59 1.06
CA GLY C 225 34.29 5.59 0.18
C GLY C 225 33.33 4.85 -0.74
N LEU C 226 32.30 5.53 -1.22
CA LEU C 226 31.34 4.92 -2.14
C LEU C 226 31.27 5.80 -3.39
N PRO C 227 30.72 5.26 -4.50
CA PRO C 227 30.62 6.03 -5.74
C PRO C 227 29.85 7.33 -5.65
N MET C 228 30.06 8.18 -6.65
CA MET C 228 29.39 9.48 -6.77
C MET C 228 28.65 9.27 -8.08
N THR C 229 27.90 8.18 -8.14
CA THR C 229 27.20 7.82 -9.36
C THR C 229 25.69 7.63 -9.23
N TYR C 230 25.20 6.43 -9.53
CA TYR C 230 23.79 6.11 -9.50
C TYR C 230 23.53 5.01 -8.46
N ALA C 231 22.75 5.35 -7.43
CA ALA C 231 22.43 4.38 -6.38
C ALA C 231 20.94 4.06 -6.46
N TYR C 232 20.57 2.83 -6.12
CA TYR C 232 19.16 2.45 -6.19
C TYR C 232 18.66 1.55 -5.07
N TRP C 233 17.36 1.67 -4.80
CA TRP C 233 16.66 0.90 -3.79
C TRP C 233 15.54 0.13 -4.48
N THR C 234 15.51 -1.19 -4.29
CA THR C 234 14.41 -1.94 -4.86
C THR C 234 13.33 -1.85 -3.79
N GLY C 235 12.09 -1.99 -4.18
CA GLY C 235 11.04 -1.91 -3.20
C GLY C 235 9.69 -1.78 -3.87
N THR C 236 8.80 -1.05 -3.24
CA THR C 236 7.48 -0.88 -3.79
C THR C 236 6.87 0.48 -3.51
N TRP C 237 6.03 0.94 -4.44
CA TRP C 237 5.33 2.21 -4.32
C TRP C 237 3.85 1.84 -4.20
N ASP C 238 3.20 2.35 -3.16
CA ASP C 238 1.79 2.01 -2.95
C ASP C 238 0.82 3.15 -3.21
N GLY C 239 1.31 4.25 -3.77
CA GLY C 239 0.44 5.38 -4.06
C GLY C 239 0.55 6.49 -3.04
N GLU C 240 1.16 6.20 -1.90
CA GLU C 240 1.32 7.18 -0.83
C GLU C 240 2.79 7.40 -0.50
N GLN C 241 3.54 6.30 -0.46
CA GLN C 241 4.96 6.37 -0.17
C GLN C 241 5.74 5.23 -0.79
N PHE C 242 7.06 5.33 -0.73
CA PHE C 242 7.92 4.30 -1.27
C PHE C 242 8.53 3.52 -0.12
N HIS C 243 8.47 2.20 -0.24
CA HIS C 243 9.01 1.31 0.79
C HIS C 243 10.23 0.63 0.21
N ALA C 244 11.37 0.84 0.86
CA ALA C 244 12.61 0.23 0.40
C ALA C 244 12.83 -1.11 1.08
N ASP C 245 13.13 -2.14 0.29
CA ASP C 245 13.38 -3.46 0.86
C ASP C 245 14.53 -3.34 1.86
N ASP C 246 15.49 -2.46 1.54
CA ASP C 246 16.64 -2.25 2.40
C ASP C 246 17.10 -0.80 2.29
N LEU C 247 17.41 -0.18 3.43
CA LEU C 247 17.81 1.22 3.43
C LEU C 247 19.17 1.52 2.84
N THR C 248 20.03 0.51 2.75
CA THR C 248 21.35 0.70 2.15
C THR C 248 21.14 0.40 0.67
N PRO C 249 21.36 1.40 -0.18
CA PRO C 249 21.18 1.21 -1.63
C PRO C 249 22.33 0.49 -2.34
N GLN C 250 22.04 -0.01 -3.52
CA GLN C 250 23.03 -0.69 -4.35
C GLN C 250 23.56 0.36 -5.33
N TRP C 251 24.56 -0.01 -6.12
CA TRP C 251 25.14 0.92 -7.09
C TRP C 251 25.20 0.33 -8.50
N LEU C 252 25.01 1.18 -9.50
CA LEU C 252 25.04 0.75 -10.89
C LEU C 252 26.43 0.91 -11.52
N ASP C 253 27.27 1.74 -10.92
CA ASP C 253 28.60 1.93 -11.46
C ASP C 253 29.55 2.31 -10.35
N TRP C 254 30.79 1.83 -10.42
CA TRP C 254 31.77 2.15 -9.39
C TRP C 254 32.89 3.04 -9.90
N GLY C 255 32.71 3.62 -11.08
CA GLY C 255 33.71 4.50 -11.67
C GLY C 255 33.54 5.95 -11.23
N TRP C 256 34.28 6.87 -11.85
CA TRP C 256 34.17 8.27 -11.48
C TRP C 256 33.18 9.06 -12.34
N ASP C 257 32.98 8.61 -13.57
CA ASP C 257 32.13 9.34 -14.52
C ASP C 257 30.91 8.63 -15.10
N TRP C 258 29.83 8.60 -14.33
CA TRP C 258 28.57 8.01 -14.75
C TRP C 258 27.53 8.78 -13.92
N TYR C 259 27.26 10.00 -14.35
CA TYR C 259 26.36 10.86 -13.60
C TYR C 259 25.06 11.25 -14.28
N ALA C 260 24.08 11.60 -13.46
CA ALA C 260 22.77 12.00 -13.96
C ALA C 260 22.23 10.95 -14.92
N ALA C 261 22.44 9.68 -14.58
CA ALA C 261 21.98 8.59 -15.43
C ALA C 261 20.46 8.53 -15.54
N VAL C 262 19.98 8.14 -16.72
CA VAL C 262 18.55 7.98 -16.94
C VAL C 262 18.27 6.57 -17.43
N THR C 263 17.01 6.17 -17.31
CA THR C 263 16.60 4.84 -17.70
C THR C 263 15.29 4.87 -18.47
N TRP C 264 15.10 3.89 -19.33
CA TRP C 264 13.85 3.81 -20.09
C TRP C 264 13.62 2.38 -20.52
N PRO C 265 12.38 2.04 -20.88
CA PRO C 265 11.98 0.69 -21.33
C PRO C 265 12.43 0.35 -22.73
N SER C 266 12.95 -0.85 -22.91
CA SER C 266 13.39 -1.31 -24.21
C SER C 266 12.13 -1.66 -24.99
N ILE C 267 12.11 -1.34 -26.27
CA ILE C 267 10.93 -1.63 -27.10
C ILE C 267 10.62 -3.12 -27.19
N ASP C 268 11.67 -3.94 -27.30
CA ASP C 268 11.54 -5.39 -27.43
C ASP C 268 11.07 -6.16 -26.18
N ALA C 269 11.33 -5.61 -24.99
CA ALA C 269 10.93 -6.26 -23.74
C ALA C 269 10.87 -5.22 -22.63
N PRO C 270 9.96 -4.26 -22.72
CA PRO C 270 9.75 -3.18 -21.76
C PRO C 270 9.61 -3.54 -20.28
N GLU C 271 8.93 -4.63 -19.97
CA GLU C 271 8.77 -4.98 -18.56
C GLU C 271 9.94 -5.67 -17.89
N THR C 272 10.84 -6.23 -18.68
CA THR C 272 11.94 -6.97 -18.12
C THR C 272 13.35 -6.47 -18.46
N LYS C 273 13.44 -5.63 -19.48
CA LYS C 273 14.74 -5.14 -19.93
C LYS C 273 14.71 -3.63 -20.17
N ARG C 274 15.60 -2.90 -19.52
CA ARG C 274 15.65 -1.46 -19.69
C ARG C 274 16.97 -1.05 -20.31
N LEU C 275 17.00 0.18 -20.80
CA LEU C 275 18.20 0.76 -21.40
C LEU C 275 18.61 1.91 -20.51
N ALA C 276 19.90 2.16 -20.40
CA ALA C 276 20.36 3.27 -19.57
C ALA C 276 21.56 3.96 -20.20
N ILE C 277 21.68 5.25 -19.92
CA ILE C 277 22.78 6.06 -20.44
C ILE C 277 23.08 7.18 -19.43
N ALA C 278 24.33 7.61 -19.37
CA ALA C 278 24.68 8.65 -18.40
C ALA C 278 25.69 9.65 -18.94
N TRP C 279 25.82 10.76 -18.22
CA TRP C 279 26.78 11.80 -18.58
C TRP C 279 28.10 11.36 -17.98
N MET C 280 29.13 11.21 -18.82
CA MET C 280 30.45 10.79 -18.34
C MET C 280 31.24 11.98 -17.82
N ASN C 281 30.85 12.43 -16.63
CA ASN C 281 31.48 13.56 -15.98
C ASN C 281 31.26 13.48 -14.47
N ASN C 282 31.95 14.34 -13.73
CA ASN C 282 31.82 14.38 -12.28
C ASN C 282 31.93 15.83 -11.85
N TRP C 283 31.05 16.26 -10.94
CA TRP C 283 31.05 17.63 -10.50
C TRP C 283 32.22 18.04 -9.63
N LYS C 284 33.13 17.11 -9.36
CA LYS C 284 34.32 17.44 -8.59
C LYS C 284 35.25 18.22 -9.53
N TYR C 285 35.04 18.08 -10.84
CA TYR C 285 35.88 18.76 -11.82
C TYR C 285 35.23 19.04 -13.17
N ALA C 286 33.93 18.82 -13.31
CA ALA C 286 33.28 19.06 -14.59
C ALA C 286 33.39 20.51 -15.07
N ALA C 287 33.37 21.47 -14.16
CA ALA C 287 33.47 22.88 -14.54
C ALA C 287 34.88 23.20 -14.99
N ARG C 288 35.19 22.93 -16.25
CA ARG C 288 36.52 23.19 -16.75
C ARG C 288 36.55 23.04 -18.26
N ASP C 289 37.72 23.28 -18.84
CA ASP C 289 37.90 23.10 -20.28
C ASP C 289 38.59 21.75 -20.44
N VAL C 290 38.11 20.97 -21.40
CA VAL C 290 38.67 19.65 -21.65
C VAL C 290 39.47 19.70 -22.94
N PRO C 291 40.40 18.75 -23.16
CA PRO C 291 41.20 18.77 -24.39
C PRO C 291 40.32 18.88 -25.62
N THR C 292 39.13 18.30 -25.51
CA THR C 292 38.16 18.32 -26.60
C THR C 292 37.70 19.73 -26.94
N ASP C 293 37.72 20.63 -25.97
CA ASP C 293 37.32 22.01 -26.24
C ASP C 293 38.27 22.57 -27.29
N ALA C 294 39.57 22.50 -27.00
CA ALA C 294 40.60 23.00 -27.90
C ALA C 294 40.67 22.28 -29.24
N SER C 295 40.53 20.95 -29.22
CA SER C 295 40.60 20.21 -30.46
C SER C 295 39.37 20.34 -31.34
N ASP C 296 38.18 20.41 -30.74
CA ASP C 296 36.96 20.50 -31.54
C ASP C 296 35.85 21.44 -31.08
N GLY C 297 36.04 22.10 -29.95
CA GLY C 297 35.02 23.03 -29.49
C GLY C 297 33.81 22.44 -28.79
N TYR C 298 33.98 21.31 -28.09
CA TYR C 298 32.86 20.73 -27.36
C TYR C 298 33.37 20.17 -26.05
N ASN C 299 32.47 20.02 -25.08
CA ASN C 299 32.85 19.53 -23.76
C ASN C 299 31.88 18.47 -23.26
N GLY C 300 32.36 17.22 -23.16
CA GLY C 300 31.54 16.15 -22.65
C GLY C 300 31.05 15.05 -23.58
N GLN C 301 30.78 13.89 -22.98
CA GLN C 301 30.26 12.74 -23.71
C GLN C 301 29.41 11.87 -22.79
N ASN C 302 28.52 11.10 -23.39
CA ASN C 302 27.67 10.21 -22.61
C ASN C 302 28.33 8.84 -22.53
N SER C 303 27.83 8.01 -21.63
CA SER C 303 28.38 6.67 -21.48
C SER C 303 27.86 5.84 -22.63
N ILE C 304 28.33 4.60 -22.70
CA ILE C 304 27.86 3.70 -23.72
C ILE C 304 26.45 3.41 -23.21
N VAL C 305 25.50 3.12 -24.10
CA VAL C 305 24.16 2.80 -23.62
C VAL C 305 24.17 1.36 -23.11
N ARG C 306 23.88 1.15 -21.83
CA ARG C 306 23.88 -0.22 -21.31
C ARG C 306 22.47 -0.81 -21.23
N GLU C 307 22.38 -2.13 -21.22
CA GLU C 307 21.09 -2.84 -21.09
C GLU C 307 20.96 -3.23 -19.61
N LEU C 308 19.78 -3.05 -19.05
CA LEU C 308 19.54 -3.35 -17.64
C LEU C 308 18.46 -4.40 -17.44
N ARG C 309 18.68 -5.29 -16.47
CA ARG C 309 17.70 -6.32 -16.12
C ARG C 309 17.88 -6.64 -14.64
N LEU C 310 16.81 -7.06 -13.97
CA LEU C 310 16.86 -7.41 -12.55
C LEU C 310 16.98 -8.93 -12.38
N ALA C 311 18.04 -9.37 -11.71
CA ALA C 311 18.32 -10.80 -11.50
C ALA C 311 18.28 -11.29 -10.06
N ARG C 312 17.61 -12.42 -9.83
CA ARG C 312 17.55 -13.00 -8.49
C ARG C 312 18.96 -13.49 -8.17
N GLN C 313 19.46 -13.09 -7.00
CA GLN C 313 20.77 -13.48 -6.53
C GLN C 313 20.67 -14.64 -5.55
N PRO C 314 21.76 -15.42 -5.42
CA PRO C 314 21.74 -16.56 -4.49
C PRO C 314 21.27 -16.13 -3.11
N GLY C 315 20.21 -16.76 -2.60
CA GLY C 315 19.73 -16.40 -1.28
C GLY C 315 18.40 -15.70 -1.34
N GLY C 316 17.99 -15.29 -2.53
CA GLY C 316 16.71 -14.64 -2.69
C GLY C 316 16.66 -13.13 -2.87
N TRP C 317 17.80 -12.44 -2.96
CA TRP C 317 17.75 -10.99 -3.16
C TRP C 317 17.88 -10.59 -4.64
N TYR C 318 17.78 -9.29 -4.92
CA TYR C 318 17.83 -8.83 -6.31
C TYR C 318 18.77 -7.67 -6.60
N THR C 319 19.36 -7.70 -7.80
CA THR C 319 20.28 -6.65 -8.21
C THR C 319 20.13 -6.41 -9.71
N LEU C 320 20.64 -5.27 -10.17
CA LEU C 320 20.56 -4.95 -11.59
C LEU C 320 21.88 -5.28 -12.28
N LEU C 321 21.81 -6.12 -13.32
CA LEU C 321 23.01 -6.47 -14.07
C LEU C 321 23.11 -5.60 -15.33
N SER C 322 24.32 -5.14 -15.62
CA SER C 322 24.55 -4.29 -16.78
C SER C 322 25.36 -4.96 -17.89
N THR C 323 25.05 -4.58 -19.14
CA THR C 323 25.75 -5.11 -20.30
C THR C 323 25.59 -4.12 -21.47
N PRO C 324 26.67 -3.88 -22.25
CA PRO C 324 26.60 -2.95 -23.39
C PRO C 324 25.44 -3.32 -24.33
N VAL C 325 24.80 -2.32 -24.94
CA VAL C 325 23.67 -2.61 -25.82
C VAL C 325 24.15 -3.60 -26.87
N ALA C 326 23.27 -4.51 -27.28
CA ALA C 326 23.62 -5.52 -28.25
C ALA C 326 24.02 -4.97 -29.61
N ALA C 327 23.45 -3.84 -30.00
CA ALA C 327 23.76 -3.27 -31.29
C ALA C 327 25.22 -2.85 -31.46
N LEU C 328 25.93 -2.61 -30.36
CA LEU C 328 27.33 -2.20 -30.47
C LEU C 328 28.08 -3.19 -31.35
N THR C 329 27.59 -4.42 -31.42
CA THR C 329 28.23 -5.45 -32.23
C THR C 329 28.22 -5.11 -33.71
N ASN C 330 27.17 -4.44 -34.16
CA ASN C 330 27.05 -4.04 -35.56
C ASN C 330 28.16 -3.08 -35.99
N TYR C 331 28.79 -2.40 -35.01
CA TYR C 331 29.84 -1.43 -35.30
C TYR C 331 31.26 -1.99 -35.24
N VAL C 332 31.39 -3.29 -34.94
CA VAL C 332 32.71 -3.91 -34.89
C VAL C 332 33.25 -4.02 -36.32
N THR C 333 34.50 -3.59 -36.51
CA THR C 333 35.11 -3.61 -37.84
C THR C 333 36.11 -4.75 -38.01
N ALA C 334 36.56 -5.31 -36.90
CA ALA C 334 37.52 -6.41 -36.94
C ALA C 334 37.62 -7.14 -35.59
N THR C 335 37.69 -8.46 -35.65
CA THR C 335 37.78 -9.27 -34.44
C THR C 335 39.09 -10.04 -34.42
N THR C 336 39.95 -9.69 -33.47
CA THR C 336 41.25 -10.33 -33.35
C THR C 336 41.32 -11.16 -32.06
N THR C 337 41.67 -12.43 -32.19
CA THR C 337 41.79 -13.28 -31.01
C THR C 337 43.27 -13.56 -30.85
N LEU C 338 43.76 -13.46 -29.62
CA LEU C 338 45.16 -13.71 -29.35
C LEU C 338 45.28 -15.01 -28.56
N PRO C 339 46.33 -15.80 -28.83
CA PRO C 339 46.49 -17.06 -28.10
C PRO C 339 46.67 -16.88 -26.59
N ASP C 340 46.20 -17.85 -25.80
CA ASP C 340 46.31 -17.80 -24.35
C ASP C 340 47.78 -17.76 -23.97
N ARG C 341 48.07 -17.07 -22.88
CA ARG C 341 49.45 -16.98 -22.42
C ARG C 341 49.50 -16.83 -20.92
N THR C 342 50.64 -17.18 -20.34
CA THR C 342 50.80 -17.05 -18.91
C THR C 342 51.84 -15.96 -18.73
N VAL C 343 51.67 -15.11 -17.72
CA VAL C 343 52.66 -14.08 -17.49
C VAL C 343 52.98 -14.01 -16.01
N ASP C 344 54.22 -13.66 -15.72
CA ASP C 344 54.69 -13.51 -14.36
C ASP C 344 55.51 -12.24 -14.38
N GLY C 345 54.82 -11.12 -14.22
CA GLY C 345 55.44 -9.82 -14.25
C GLY C 345 54.66 -8.98 -15.23
N SER C 346 55.10 -8.90 -16.48
CA SER C 346 54.38 -8.12 -17.47
C SER C 346 54.70 -8.60 -18.88
N ALA C 347 53.79 -8.31 -19.81
CA ALA C 347 53.97 -8.70 -21.19
C ALA C 347 53.14 -7.79 -22.08
N VAL C 348 53.73 -7.32 -23.16
CA VAL C 348 53.02 -6.44 -24.07
C VAL C 348 52.24 -7.24 -25.12
N LEU C 349 50.99 -6.85 -25.36
CA LEU C 349 50.20 -7.55 -26.36
C LEU C 349 50.40 -6.93 -27.73
N PRO C 350 50.57 -7.77 -28.75
CA PRO C 350 50.78 -7.30 -30.12
C PRO C 350 49.51 -6.73 -30.73
N TRP C 351 49.04 -5.61 -30.19
CA TRP C 351 47.83 -4.95 -30.68
C TRP C 351 47.85 -3.49 -30.27
N ASN C 352 47.33 -2.64 -31.16
CA ASN C 352 47.28 -1.21 -30.90
C ASN C 352 46.01 -0.63 -31.47
N GLY C 353 45.35 0.22 -30.71
CA GLY C 353 44.11 0.82 -31.17
C GLY C 353 43.61 1.91 -30.26
N ARG C 354 42.67 2.71 -30.75
CA ARG C 354 42.11 3.80 -29.97
C ARG C 354 40.68 3.54 -29.54
N ALA C 355 39.93 2.84 -30.40
CA ALA C 355 38.54 2.54 -30.12
C ALA C 355 38.25 1.06 -30.32
N TYR C 356 38.03 0.36 -29.21
CA TYR C 356 37.75 -1.07 -29.29
C TYR C 356 37.15 -1.63 -28.01
N GLU C 357 36.92 -2.92 -28.05
CA GLU C 357 36.32 -3.67 -26.97
C GLU C 357 37.23 -4.90 -26.76
N ILE C 358 37.73 -5.11 -25.55
CA ILE C 358 38.55 -6.29 -25.30
C ILE C 358 38.00 -7.16 -24.18
N GLU C 359 37.86 -8.45 -24.45
CA GLU C 359 37.38 -9.38 -23.45
C GLU C 359 38.48 -10.37 -23.12
N LEU C 360 38.53 -10.79 -21.87
CA LEU C 360 39.53 -11.75 -21.46
C LEU C 360 39.18 -12.36 -20.11
N ASP C 361 39.87 -13.44 -19.78
CA ASP C 361 39.67 -14.12 -18.51
C ASP C 361 41.03 -14.18 -17.85
N ILE C 362 41.05 -14.08 -16.53
CA ILE C 362 42.30 -14.16 -15.79
C ILE C 362 42.09 -15.19 -14.71
N ALA C 363 43.08 -16.06 -14.52
CA ALA C 363 43.01 -17.08 -13.47
C ALA C 363 44.36 -17.07 -12.80
N TRP C 364 44.37 -17.22 -11.50
CA TRP C 364 45.64 -17.23 -10.78
C TRP C 364 45.57 -18.03 -9.49
N ASP C 365 46.67 -18.06 -8.76
CA ASP C 365 46.73 -18.81 -7.52
C ASP C 365 47.38 -17.97 -6.43
N THR C 366 48.68 -17.81 -6.51
CA THR C 366 49.44 -17.08 -5.52
C THR C 366 49.51 -15.57 -5.73
N ALA C 367 49.38 -15.13 -6.98
CA ALA C 367 49.45 -13.70 -7.30
C ALA C 367 48.51 -12.86 -6.44
N THR C 368 49.05 -11.76 -5.91
CA THR C 368 48.32 -10.82 -5.07
C THR C 368 47.70 -9.72 -5.90
N ASN C 369 48.36 -9.39 -7.00
CA ASN C 369 47.88 -8.36 -7.90
C ASN C 369 47.98 -8.90 -9.31
N VAL C 370 46.91 -8.73 -10.08
CA VAL C 370 46.89 -9.23 -11.43
C VAL C 370 46.00 -8.32 -12.27
N GLY C 371 46.34 -8.10 -13.54
CA GLY C 371 45.51 -7.23 -14.35
C GLY C 371 45.98 -6.90 -15.75
N ILE C 372 45.35 -5.88 -16.34
CA ILE C 372 45.66 -5.45 -17.70
C ILE C 372 45.81 -3.94 -17.84
N SER C 373 46.80 -3.51 -18.60
CA SER C 373 47.02 -2.09 -18.82
C SER C 373 46.42 -1.74 -20.17
N VAL C 374 45.79 -0.59 -20.25
CA VAL C 374 45.18 -0.17 -21.50
C VAL C 374 45.64 1.27 -21.81
N GLY C 375 45.65 1.64 -23.09
CA GLY C 375 46.09 2.97 -23.48
C GLY C 375 47.56 3.15 -23.11
N ARG C 376 48.33 2.08 -23.25
CA ARG C 376 49.75 2.06 -22.92
C ARG C 376 50.58 2.85 -23.92
N SER C 377 51.37 3.79 -23.41
CA SER C 377 52.22 4.62 -24.25
C SER C 377 53.39 3.74 -24.72
N PRO C 378 54.05 4.14 -25.82
CA PRO C 378 55.18 3.36 -26.34
C PRO C 378 56.18 2.99 -25.25
N ASP C 379 56.66 3.97 -24.49
CA ASP C 379 57.62 3.70 -23.41
C ASP C 379 56.97 3.09 -22.17
N GLY C 380 55.69 2.69 -22.30
CA GLY C 380 54.98 2.08 -21.19
C GLY C 380 54.81 2.86 -19.90
N THR C 381 55.22 4.13 -19.89
CA THR C 381 55.08 4.96 -18.68
C THR C 381 53.64 5.41 -18.44
N ARG C 382 52.90 5.59 -19.52
CA ARG C 382 51.50 6.01 -19.42
C ARG C 382 50.59 4.83 -19.74
N HIS C 383 49.51 4.71 -18.98
CA HIS C 383 48.52 3.64 -19.16
C HIS C 383 47.49 3.62 -18.04
N THR C 384 46.34 3.00 -18.31
CA THR C 384 45.28 2.88 -17.32
C THR C 384 45.20 1.40 -16.95
N ASN C 385 45.31 1.13 -15.66
CA ASN C 385 45.29 -0.24 -15.13
C ASN C 385 43.93 -0.75 -14.67
N ILE C 386 43.62 -1.98 -15.07
CA ILE C 386 42.38 -2.63 -14.70
C ILE C 386 42.75 -4.00 -14.13
N GLY C 387 42.64 -4.15 -12.82
CA GLY C 387 42.99 -5.42 -12.23
C GLY C 387 42.24 -5.82 -10.98
N LYS C 388 42.74 -6.88 -10.33
CA LYS C 388 42.16 -7.42 -9.13
C LYS C 388 43.21 -7.42 -8.01
N TYR C 389 42.85 -6.84 -6.86
CA TYR C 389 43.73 -6.76 -5.72
C TYR C 389 42.89 -6.80 -4.45
N GLY C 390 43.21 -7.73 -3.55
CA GLY C 390 42.44 -7.85 -2.32
C GLY C 390 40.97 -7.98 -2.66
N ALA C 391 40.13 -7.13 -2.06
CA ALA C 391 38.70 -7.17 -2.34
C ALA C 391 38.25 -6.12 -3.35
N ASP C 392 39.19 -5.62 -4.14
CA ASP C 392 38.90 -4.60 -5.15
C ASP C 392 39.11 -5.06 -6.58
N LEU C 393 38.22 -4.62 -7.46
CA LEU C 393 38.35 -4.86 -8.89
C LEU C 393 38.50 -3.39 -9.25
N TYR C 394 39.73 -2.96 -9.40
CA TYR C 394 40.03 -1.55 -9.65
C TYR C 394 40.34 -1.14 -11.09
N VAL C 395 40.27 0.17 -11.28
CA VAL C 395 40.59 0.81 -12.54
C VAL C 395 41.34 2.06 -12.11
N ASP C 396 42.65 2.07 -12.34
CA ASP C 396 43.48 3.22 -11.97
C ASP C 396 43.88 4.01 -13.20
N ARG C 397 43.30 5.20 -13.34
CA ARG C 397 43.62 6.04 -14.49
C ARG C 397 44.75 7.01 -14.13
N GLY C 398 45.33 6.82 -12.95
CA GLY C 398 46.43 7.67 -12.51
C GLY C 398 47.55 7.81 -13.52
N PRO C 399 48.17 6.70 -13.96
CA PRO C 399 49.27 6.75 -14.93
C PRO C 399 48.87 7.38 -16.25
N SER C 400 47.59 7.65 -16.42
CA SER C 400 47.10 8.26 -17.65
C SER C 400 46.76 9.73 -17.46
N ASP C 401 46.93 10.22 -16.23
CA ASP C 401 46.61 11.61 -15.94
C ASP C 401 47.33 12.55 -16.91
N LEU C 402 46.59 13.55 -17.39
CA LEU C 402 47.13 14.50 -18.33
C LEU C 402 47.52 15.80 -17.64
N ALA C 403 48.78 16.18 -17.80
CA ALA C 403 49.28 17.40 -17.19
C ALA C 403 48.47 18.59 -17.70
N GLY C 404 47.98 19.41 -16.77
CA GLY C 404 47.21 20.57 -17.16
C GLY C 404 45.71 20.31 -17.17
N TYR C 405 45.34 19.03 -17.25
CA TYR C 405 43.93 18.61 -17.24
C TYR C 405 43.84 17.49 -16.23
N SER C 406 44.60 17.61 -15.15
CA SER C 406 44.64 16.60 -14.11
C SER C 406 43.30 16.29 -13.47
N LEU C 407 43.10 15.01 -13.18
CA LEU C 407 41.89 14.50 -12.53
C LEU C 407 42.20 14.09 -11.09
N ALA C 408 43.46 14.16 -10.69
CA ALA C 408 43.86 13.83 -9.33
C ALA C 408 43.01 14.59 -8.28
N PRO C 409 42.75 14.00 -7.11
CA PRO C 409 43.16 12.70 -6.61
C PRO C 409 42.22 11.56 -7.04
N TYR C 410 41.23 11.88 -7.86
CA TYR C 410 40.28 10.88 -8.30
C TYR C 410 40.83 9.99 -9.40
N SER C 411 41.75 9.10 -9.03
CA SER C 411 42.37 8.23 -10.00
C SER C 411 42.12 6.72 -9.87
N ARG C 412 42.13 6.20 -8.65
CA ARG C 412 41.89 4.76 -8.46
C ARG C 412 40.47 4.39 -8.02
N ALA C 413 39.65 3.97 -8.98
CA ALA C 413 38.28 3.56 -8.70
C ALA C 413 38.31 2.07 -8.37
N ALA C 414 37.33 1.62 -7.59
CA ALA C 414 37.27 0.22 -7.21
C ALA C 414 35.88 -0.31 -6.92
N ALA C 415 35.56 -1.48 -7.47
CA ALA C 415 34.29 -2.12 -7.24
C ALA C 415 34.56 -3.31 -6.32
N PRO C 416 33.58 -3.68 -5.48
CA PRO C 416 33.80 -4.82 -4.59
C PRO C 416 33.85 -6.13 -5.34
N ILE C 417 34.67 -7.05 -4.85
CA ILE C 417 34.78 -8.38 -5.42
C ILE C 417 35.25 -9.31 -4.32
N ASP C 418 34.75 -10.55 -4.35
CA ASP C 418 35.12 -11.57 -3.37
C ASP C 418 36.65 -11.62 -3.30
N PRO C 419 37.23 -11.39 -2.12
CA PRO C 419 38.69 -11.42 -1.94
C PRO C 419 39.24 -12.81 -2.23
N GLY C 420 38.34 -13.79 -2.16
CA GLY C 420 38.75 -15.17 -2.40
C GLY C 420 38.75 -15.59 -3.85
N ALA C 421 38.17 -14.77 -4.71
CA ALA C 421 38.12 -15.07 -6.14
C ALA C 421 39.52 -15.30 -6.70
N ARG C 422 39.67 -16.30 -7.55
CA ARG C 422 40.97 -16.59 -8.16
C ARG C 422 40.87 -16.54 -9.68
N SER C 423 39.87 -15.80 -10.16
CA SER C 423 39.66 -15.64 -11.58
C SER C 423 38.61 -14.57 -11.80
N VAL C 424 38.60 -13.98 -13.00
CA VAL C 424 37.64 -12.95 -13.36
C VAL C 424 37.49 -12.83 -14.87
N HIS C 425 36.32 -12.39 -15.30
CA HIS C 425 36.08 -12.17 -16.71
C HIS C 425 35.91 -10.67 -16.88
N LEU C 426 36.71 -10.08 -17.76
CA LEU C 426 36.64 -8.65 -18.00
C LEU C 426 36.21 -8.33 -19.41
N ARG C 427 35.45 -7.27 -19.55
CA ARG C 427 35.02 -6.80 -20.86
C ARG C 427 35.25 -5.30 -20.74
N ILE C 428 36.21 -4.79 -21.50
CA ILE C 428 36.56 -3.39 -21.43
C ILE C 428 36.39 -2.60 -22.71
N LEU C 429 35.54 -1.58 -22.66
CA LEU C 429 35.27 -0.70 -23.80
C LEU C 429 36.21 0.49 -23.66
N VAL C 430 36.97 0.74 -24.73
CA VAL C 430 37.92 1.84 -24.77
C VAL C 430 37.63 2.76 -25.95
N ASP C 431 37.61 4.05 -25.70
CA ASP C 431 37.37 5.02 -26.77
C ASP C 431 38.40 6.12 -26.58
N THR C 432 38.44 7.08 -27.49
CA THR C 432 39.43 8.16 -27.43
C THR C 432 39.53 8.89 -26.10
N GLN C 433 38.43 8.97 -25.35
CA GLN C 433 38.47 9.67 -24.07
C GLN C 433 37.77 8.94 -22.91
N SER C 434 37.68 7.61 -22.98
CA SER C 434 37.03 6.89 -21.89
C SER C 434 37.37 5.40 -21.73
N VAL C 435 36.96 4.85 -20.59
CA VAL C 435 37.17 3.45 -20.29
C VAL C 435 35.98 2.96 -19.46
N GLU C 436 35.33 1.90 -19.94
CA GLU C 436 34.18 1.34 -19.25
C GLU C 436 34.43 -0.14 -19.04
N VAL C 437 34.51 -0.55 -17.78
CA VAL C 437 34.77 -1.95 -17.43
C VAL C 437 33.56 -2.73 -16.92
N PHE C 438 33.23 -3.80 -17.62
CA PHE C 438 32.11 -4.65 -17.25
C PHE C 438 32.69 -5.94 -16.70
N VAL C 439 32.58 -6.10 -15.38
CA VAL C 439 33.11 -7.26 -14.68
C VAL C 439 32.17 -8.46 -14.63
N ASN C 440 32.68 -9.61 -15.05
CA ASN C 440 31.91 -10.84 -15.04
C ASN C 440 30.54 -10.75 -15.71
N ALA C 441 29.48 -11.02 -14.95
CA ALA C 441 28.14 -11.00 -15.51
C ALA C 441 27.46 -9.62 -15.51
N GLY C 442 28.22 -8.58 -15.23
CA GLY C 442 27.64 -7.26 -15.23
C GLY C 442 27.14 -6.74 -13.89
N HIS C 443 27.52 -7.37 -12.77
CA HIS C 443 27.05 -6.89 -11.48
C HIS C 443 27.77 -5.59 -11.14
N THR C 444 29.07 -5.56 -11.37
CA THR C 444 29.84 -4.36 -11.11
C THR C 444 30.34 -3.82 -12.45
N VAL C 445 30.22 -2.50 -12.62
CA VAL C 445 30.68 -1.83 -13.84
C VAL C 445 31.47 -0.59 -13.40
N LEU C 446 32.49 -0.21 -14.16
CA LEU C 446 33.25 0.98 -13.82
C LEU C 446 33.43 1.83 -15.05
N SER C 447 32.88 3.04 -15.00
CA SER C 447 32.96 3.97 -16.10
C SER C 447 33.83 5.17 -15.73
N GLN C 448 34.72 5.56 -16.64
CA GLN C 448 35.63 6.68 -16.40
C GLN C 448 36.05 7.36 -17.67
N GLN C 449 36.26 8.67 -17.60
CA GLN C 449 36.77 9.35 -18.76
C GLN C 449 38.28 9.36 -18.52
N VAL C 450 39.06 9.22 -19.59
CA VAL C 450 40.50 9.21 -19.49
C VAL C 450 41.05 10.05 -20.63
N HIS C 451 41.91 11.01 -20.31
CA HIS C 451 42.50 11.87 -21.34
C HIS C 451 43.77 11.26 -21.93
N PHE C 452 43.58 10.26 -22.77
CA PHE C 452 44.67 9.55 -23.43
C PHE C 452 45.48 10.44 -24.36
N ALA C 453 46.80 10.32 -24.30
CA ALA C 453 47.69 11.09 -25.16
C ALA C 453 47.60 10.45 -26.54
N GLU C 454 47.98 11.21 -27.57
CA GLU C 454 47.88 10.71 -28.95
C GLU C 454 48.40 9.30 -29.17
N GLY C 455 49.61 9.02 -28.68
CA GLY C 455 50.19 7.70 -28.89
C GLY C 455 49.80 6.57 -27.94
N ASP C 456 49.11 6.86 -26.85
CA ASP C 456 48.72 5.83 -25.90
C ASP C 456 47.68 4.89 -26.51
N THR C 457 48.15 3.84 -27.19
CA THR C 457 47.26 2.90 -27.85
C THR C 457 47.57 1.44 -27.58
N GLY C 458 48.58 1.18 -26.77
CA GLY C 458 48.96 -0.20 -26.49
C GLY C 458 48.18 -0.92 -25.41
N ILE C 459 48.47 -2.21 -25.29
CA ILE C 459 47.83 -3.06 -24.29
C ILE C 459 48.89 -4.02 -23.74
N SER C 460 49.01 -4.09 -22.42
CA SER C 460 49.98 -5.01 -21.81
C SER C 460 49.30 -5.75 -20.68
N LEU C 461 49.92 -6.86 -20.25
CA LEU C 461 49.39 -7.69 -19.17
C LEU C 461 50.38 -7.71 -18.00
N TYR C 462 49.86 -7.85 -16.79
CA TYR C 462 50.74 -7.87 -15.62
C TYR C 462 50.20 -8.69 -14.45
N THR C 463 51.12 -9.07 -13.55
CA THR C 463 50.82 -9.83 -12.35
C THR C 463 51.87 -9.49 -11.28
N ASP C 464 51.60 -9.90 -10.04
CA ASP C 464 52.51 -9.66 -8.92
C ASP C 464 52.33 -10.75 -7.89
N GLY C 465 53.43 -11.44 -7.57
CA GLY C 465 53.38 -12.51 -6.58
C GLY C 465 52.95 -13.84 -7.15
N GLY C 466 53.15 -14.04 -8.44
CA GLY C 466 52.76 -15.30 -9.05
C GLY C 466 52.33 -15.15 -10.49
N PRO C 467 52.31 -16.26 -11.23
CA PRO C 467 51.89 -16.18 -12.63
C PRO C 467 50.37 -16.25 -12.71
N ALA C 468 49.83 -15.78 -13.83
CA ALA C 468 48.40 -15.83 -14.05
C ALA C 468 48.18 -16.35 -15.47
N HIS C 469 47.08 -17.05 -15.68
CA HIS C 469 46.75 -17.59 -16.99
C HIS C 469 45.67 -16.72 -17.66
N PHE C 470 46.10 -15.94 -18.64
CA PHE C 470 45.21 -15.05 -19.40
C PHE C 470 44.69 -15.80 -20.60
N THR C 471 43.38 -16.02 -20.65
CA THR C 471 42.77 -16.76 -21.74
C THR C 471 41.59 -16.03 -22.39
N GLY C 472 41.05 -16.62 -23.45
CA GLY C 472 39.93 -16.03 -24.16
C GLY C 472 40.13 -14.57 -24.51
N ILE C 473 41.34 -14.21 -24.93
CA ILE C 473 41.65 -12.83 -25.29
C ILE C 473 41.09 -12.50 -26.67
N VAL C 474 40.18 -11.54 -26.71
CA VAL C 474 39.56 -11.11 -27.96
C VAL C 474 39.45 -9.59 -27.99
N VAL C 475 39.91 -9.00 -29.09
CA VAL C 475 39.85 -7.55 -29.25
C VAL C 475 38.97 -7.26 -30.45
N ARG C 476 37.86 -6.57 -30.22
CA ARG C 476 36.95 -6.22 -31.30
C ARG C 476 37.04 -4.72 -31.52
N GLU C 477 37.61 -4.34 -32.66
CA GLU C 477 37.78 -2.94 -33.00
C GLU C 477 36.44 -2.33 -33.42
N ILE C 478 36.19 -1.12 -32.96
CA ILE C 478 34.95 -0.45 -33.28
C ILE C 478 35.16 0.79 -34.14
N GLY C 479 34.28 0.95 -35.13
CA GLY C 479 34.33 2.10 -36.00
C GLY C 479 33.09 2.93 -35.77
N GLN C 480 32.67 3.70 -36.76
CA GLN C 480 31.46 4.52 -36.65
C GLN C 480 30.82 4.71 -38.01
N ALA D 2 -24.29 -0.26 28.78
CA ALA D 2 -25.25 -1.38 28.48
C ALA D 2 -25.47 -2.26 29.70
N VAL D 3 -26.73 -2.50 30.06
CA VAL D 3 -27.04 -3.32 31.22
C VAL D 3 -26.85 -4.82 31.01
N TYR D 4 -27.24 -5.35 29.84
CA TYR D 4 -27.06 -6.78 29.62
C TYR D 4 -26.52 -7.15 28.24
N HIS D 5 -25.66 -6.30 27.69
CA HIS D 5 -25.04 -6.52 26.39
C HIS D 5 -23.54 -6.39 26.60
N MET D 6 -22.75 -7.26 25.96
CA MET D 6 -21.30 -7.22 26.11
C MET D 6 -20.68 -5.98 25.49
N THR D 7 -19.84 -5.30 26.27
CA THR D 7 -19.14 -4.13 25.78
C THR D 7 -17.68 -4.29 26.13
N PRO D 8 -16.77 -3.76 25.30
CA PRO D 8 -15.36 -3.90 25.65
C PRO D 8 -15.06 -3.04 26.89
N PRO D 9 -14.13 -3.51 27.74
CA PRO D 9 -13.79 -2.74 28.95
C PRO D 9 -13.45 -1.30 28.57
N SER D 10 -12.76 -1.15 27.44
CA SER D 10 -12.40 0.17 26.93
C SER D 10 -11.96 0.01 25.49
N GLY D 11 -12.09 1.08 24.71
CA GLY D 11 -11.66 1.03 23.33
C GLY D 11 -12.74 0.70 22.31
N TRP D 12 -12.28 0.28 21.14
CA TRP D 12 -13.15 -0.06 20.02
C TRP D 12 -13.47 -1.54 19.92
N LEU D 13 -14.75 -1.85 19.72
CA LEU D 13 -15.22 -3.22 19.57
C LEU D 13 -15.50 -3.50 18.11
N CYS D 14 -15.35 -4.76 17.70
CA CYS D 14 -15.64 -5.11 16.32
C CYS D 14 -15.97 -6.61 16.15
N ASP D 15 -15.80 -7.12 14.95
CA ASP D 15 -16.13 -8.50 14.63
C ASP D 15 -15.87 -9.55 15.70
N PRO D 16 -16.90 -10.32 16.06
CA PRO D 16 -16.72 -11.38 17.07
C PRO D 16 -16.22 -12.59 16.27
N GLN D 17 -15.66 -13.59 16.95
CA GLN D 17 -15.17 -14.78 16.25
C GLN D 17 -15.82 -16.02 16.87
N ARG D 18 -16.12 -17.02 16.04
CA ARG D 18 -16.75 -18.25 16.52
C ARG D 18 -16.25 -18.71 17.88
N PRO D 19 -17.11 -18.64 18.91
CA PRO D 19 -16.73 -19.06 20.26
C PRO D 19 -16.31 -20.53 20.30
N VAL D 20 -15.41 -20.85 21.22
CA VAL D 20 -14.90 -22.21 21.40
C VAL D 20 -15.29 -22.65 22.80
N THR D 21 -15.69 -23.91 22.96
CA THR D 21 -16.12 -24.40 24.27
C THR D 21 -15.07 -25.16 25.06
N THR D 22 -14.60 -24.54 26.13
CA THR D 22 -13.58 -25.15 26.98
C THR D 22 -13.74 -24.69 28.41
N HIS D 23 -13.13 -25.42 29.34
CA HIS D 23 -13.18 -25.09 30.75
C HIS D 23 -14.57 -24.72 31.24
N GLY D 24 -15.56 -25.54 30.84
CA GLY D 24 -16.94 -25.30 31.24
C GLY D 24 -17.45 -23.88 31.01
N ALA D 25 -17.44 -23.45 29.75
CA ALA D 25 -17.87 -22.11 29.37
C ALA D 25 -17.55 -21.86 27.91
N TYR D 26 -18.11 -20.79 27.36
CA TYR D 26 -17.85 -20.43 25.97
C TYR D 26 -16.73 -19.39 25.93
N GLN D 27 -15.74 -19.63 25.07
CA GLN D 27 -14.62 -18.71 24.93
C GLN D 27 -14.86 -17.87 23.69
N LEU D 28 -15.24 -16.62 23.90
CA LEU D 28 -15.51 -15.71 22.80
C LEU D 28 -14.32 -14.80 22.48
N TYR D 29 -14.07 -14.63 21.19
CA TYR D 29 -12.99 -13.78 20.73
C TYR D 29 -13.62 -12.67 19.89
N TYR D 30 -13.05 -11.47 19.96
CA TYR D 30 -13.58 -10.36 19.20
C TYR D 30 -12.46 -9.40 18.83
N LEU D 31 -12.62 -8.71 17.69
CA LEU D 31 -11.61 -7.77 17.25
C LEU D 31 -11.65 -6.57 18.19
N HIS D 32 -10.47 -6.10 18.58
CA HIS D 32 -10.38 -4.95 19.48
C HIS D 32 -9.26 -4.02 19.04
N SER D 33 -9.49 -2.73 19.22
CA SER D 33 -8.48 -1.73 18.85
C SER D 33 -8.48 -0.67 19.91
N ASP D 34 -7.34 0.00 20.07
CA ASP D 34 -7.23 1.07 21.05
C ASP D 34 -7.86 2.36 20.48
N GLN D 35 -7.75 2.54 19.17
CA GLN D 35 -8.33 3.71 18.51
C GLN D 35 -9.54 3.28 17.70
N ASN D 36 -10.62 4.05 17.78
CA ASN D 36 -11.83 3.69 17.03
C ASN D 36 -11.49 3.48 15.56
N ASN D 37 -11.77 2.27 15.08
CA ASN D 37 -11.47 1.88 13.70
C ASN D 37 -9.97 1.87 13.42
N GLY D 38 -9.17 1.73 14.46
CA GLY D 38 -7.72 1.66 14.28
C GLY D 38 -7.29 0.21 14.15
N PRO D 39 -6.00 -0.03 13.88
CA PRO D 39 -5.56 -1.43 13.77
C PRO D 39 -5.62 -2.13 15.13
N GLY D 40 -5.89 -3.44 15.11
CA GLY D 40 -5.96 -4.18 16.35
C GLY D 40 -5.81 -5.68 16.18
N GLY D 41 -6.35 -6.44 17.14
CA GLY D 41 -6.27 -7.89 17.06
C GLY D 41 -7.38 -8.56 17.85
N TRP D 42 -7.19 -9.82 18.22
CA TRP D 42 -8.19 -10.58 18.97
C TRP D 42 -8.09 -10.44 20.48
N ASP D 43 -9.23 -10.16 21.10
CA ASP D 43 -9.34 -10.07 22.55
C ASP D 43 -10.22 -11.25 22.95
N HIS D 44 -10.05 -11.72 24.17
CA HIS D 44 -10.78 -12.89 24.64
C HIS D 44 -11.65 -12.61 25.86
N ALA D 45 -12.89 -13.10 25.81
CA ALA D 45 -13.83 -12.95 26.92
C ALA D 45 -14.54 -14.29 27.11
N SER D 46 -14.87 -14.61 28.36
CA SER D 46 -15.54 -15.86 28.69
C SER D 46 -16.96 -15.67 29.18
N THR D 47 -17.82 -16.61 28.84
CA THR D 47 -19.21 -16.56 29.27
C THR D 47 -19.67 -17.96 29.58
N THR D 48 -20.29 -18.13 30.74
CA THR D 48 -20.76 -19.44 31.16
C THR D 48 -22.23 -19.65 30.80
N ASP D 49 -23.03 -18.59 30.87
CA ASP D 49 -24.46 -18.69 30.58
C ASP D 49 -24.90 -18.05 29.27
N GLY D 50 -24.01 -17.32 28.62
CA GLY D 50 -24.36 -16.70 27.36
C GLY D 50 -24.88 -15.29 27.52
N VAL D 51 -24.92 -14.79 28.75
CA VAL D 51 -25.39 -13.43 28.98
C VAL D 51 -24.28 -12.59 29.58
N ALA D 52 -23.69 -13.07 30.66
CA ALA D 52 -22.61 -12.36 31.35
C ALA D 52 -21.25 -12.75 30.79
N PHE D 53 -20.37 -11.75 30.66
CA PHE D 53 -19.02 -11.97 30.13
C PHE D 53 -17.95 -11.42 31.06
N THR D 54 -16.80 -12.10 31.09
CA THR D 54 -15.66 -11.64 31.88
C THR D 54 -14.57 -11.54 30.83
N HIS D 55 -13.94 -10.37 30.73
CA HIS D 55 -12.90 -10.16 29.73
C HIS D 55 -11.52 -10.53 30.24
N HIS D 56 -10.73 -11.16 29.38
CA HIS D 56 -9.37 -11.62 29.72
C HIS D 56 -8.27 -10.96 28.88
N GLY D 57 -8.56 -9.79 28.33
CA GLY D 57 -7.57 -9.07 27.54
C GLY D 57 -7.26 -9.64 26.16
N THR D 58 -6.20 -9.10 25.57
CA THR D 58 -5.73 -9.49 24.25
C THR D 58 -5.14 -10.90 24.26
N VAL D 59 -5.23 -11.60 23.13
CA VAL D 59 -4.73 -12.95 23.05
C VAL D 59 -3.96 -13.20 21.74
N MET D 60 -4.29 -12.43 20.71
CA MET D 60 -3.62 -12.51 19.41
C MET D 60 -3.48 -11.03 19.02
N PRO D 61 -2.43 -10.38 19.55
CA PRO D 61 -2.07 -8.97 19.38
C PRO D 61 -1.74 -8.42 18.00
N LEU D 62 -1.81 -7.09 17.93
CA LEU D 62 -1.50 -6.33 16.73
C LEU D 62 0.01 -6.12 16.73
N ARG D 63 0.58 -6.00 15.54
CA ARG D 63 2.00 -5.75 15.37
C ARG D 63 2.14 -4.73 14.25
N PRO D 64 3.26 -3.99 14.24
CA PRO D 64 3.53 -2.97 13.23
C PRO D 64 3.21 -3.41 11.81
N ASP D 65 2.22 -2.75 11.20
CA ASP D 65 1.78 -3.07 9.84
C ASP D 65 1.33 -4.50 9.74
N PHE D 66 0.78 -5.02 10.83
CA PHE D 66 0.34 -6.40 10.85
C PHE D 66 -0.80 -6.59 11.87
N PRO D 67 -2.00 -6.09 11.56
CA PRO D 67 -3.14 -6.22 12.46
C PRO D 67 -3.75 -7.61 12.28
N VAL D 68 -4.54 -8.06 13.24
CA VAL D 68 -5.18 -9.37 13.12
C VAL D 68 -6.65 -9.15 12.78
N TRP D 69 -7.08 -9.68 11.63
CA TRP D 69 -8.47 -9.52 11.21
C TRP D 69 -9.32 -10.73 11.60
N SER D 70 -10.54 -10.80 11.09
CA SER D 70 -11.43 -11.89 11.44
C SER D 70 -11.09 -13.26 10.88
N GLY D 71 -11.64 -14.29 11.53
CA GLY D 71 -11.43 -15.66 11.12
C GLY D 71 -12.36 -16.59 11.87
N SER D 72 -11.79 -17.55 12.59
CA SER D 72 -12.59 -18.50 13.36
C SER D 72 -11.71 -19.40 14.22
N ALA D 73 -12.29 -19.93 15.29
CA ALA D 73 -11.56 -20.81 16.20
C ALA D 73 -12.33 -22.12 16.37
N VAL D 74 -11.61 -23.18 16.72
CA VAL D 74 -12.23 -24.48 16.90
C VAL D 74 -11.28 -25.36 17.70
N VAL D 75 -11.82 -26.33 18.43
CA VAL D 75 -10.95 -27.21 19.20
C VAL D 75 -10.67 -28.50 18.43
N ASP D 76 -9.39 -28.75 18.18
CA ASP D 76 -8.95 -29.93 17.44
C ASP D 76 -8.97 -31.14 18.35
N THR D 77 -10.18 -31.67 18.55
CA THR D 77 -10.43 -32.82 19.41
C THR D 77 -9.55 -34.03 19.10
N ALA D 78 -9.63 -34.53 17.86
CA ALA D 78 -8.87 -35.70 17.44
C ALA D 78 -7.40 -35.42 17.09
N ASN D 79 -6.92 -34.24 17.46
CA ASN D 79 -5.53 -33.86 17.20
C ASN D 79 -5.12 -33.89 15.74
N THR D 80 -6.09 -33.81 14.83
CA THR D 80 -5.80 -33.84 13.39
C THR D 80 -4.72 -32.86 12.95
N ALA D 81 -4.62 -31.72 13.62
CA ALA D 81 -3.65 -30.70 13.25
C ALA D 81 -2.24 -30.96 13.78
N GLY D 82 -2.15 -31.73 14.87
CA GLY D 82 -0.85 -32.05 15.43
C GLY D 82 -0.29 -31.04 16.43
N PHE D 83 -1.16 -30.49 17.26
CA PHE D 83 -0.74 -29.53 18.28
C PHE D 83 -1.13 -30.08 19.64
N GLY D 84 -1.73 -31.27 19.61
CA GLY D 84 -2.17 -31.91 20.84
C GLY D 84 -3.67 -32.07 20.81
N ALA D 85 -4.19 -33.10 21.48
CA ALA D 85 -5.62 -33.34 21.52
C ALA D 85 -6.27 -32.19 22.29
N GLY D 86 -7.38 -31.69 21.77
CA GLY D 86 -8.10 -30.61 22.42
C GLY D 86 -7.44 -29.23 22.37
N ALA D 87 -6.58 -29.03 21.38
CA ALA D 87 -5.92 -27.74 21.26
C ALA D 87 -6.83 -26.83 20.45
N VAL D 88 -6.88 -25.55 20.80
CA VAL D 88 -7.69 -24.59 20.07
C VAL D 88 -6.89 -24.04 18.89
N VAL D 89 -7.38 -24.26 17.68
CA VAL D 89 -6.72 -23.77 16.47
C VAL D 89 -7.55 -22.66 15.83
N ALA D 90 -6.94 -21.51 15.58
CA ALA D 90 -7.66 -20.41 14.98
C ALA D 90 -6.99 -19.95 13.69
N LEU D 91 -7.80 -19.51 12.75
CA LEU D 91 -7.30 -18.99 11.48
C LEU D 91 -7.83 -17.57 11.38
N ALA D 92 -6.93 -16.63 11.12
CA ALA D 92 -7.29 -15.22 11.00
C ALA D 92 -6.57 -14.64 9.79
N THR D 93 -7.21 -13.67 9.14
CA THR D 93 -6.59 -13.04 7.99
C THR D 93 -5.67 -11.94 8.52
N GLN D 94 -4.63 -11.63 7.75
CA GLN D 94 -3.67 -10.58 8.11
C GLN D 94 -3.01 -10.04 6.84
N PRO D 95 -2.87 -8.70 6.74
CA PRO D 95 -2.23 -8.08 5.57
C PRO D 95 -0.72 -8.29 5.64
N THR D 96 -0.22 -9.28 4.90
CA THR D 96 1.21 -9.58 4.90
C THR D 96 2.00 -8.35 4.49
N ASP D 97 2.94 -7.95 5.34
CA ASP D 97 3.77 -6.77 5.08
C ASP D 97 2.88 -5.54 5.01
N GLY D 98 1.75 -5.59 5.70
CA GLY D 98 0.82 -4.47 5.71
C GLY D 98 0.25 -4.16 4.35
N VAL D 99 0.33 -5.11 3.43
CA VAL D 99 -0.20 -4.91 2.09
C VAL D 99 -1.58 -5.55 2.03
N ARG D 100 -2.57 -4.81 1.57
CA ARG D 100 -3.93 -5.31 1.50
C ARG D 100 -4.13 -6.37 0.40
N LYS D 101 -3.40 -6.24 -0.69
CA LYS D 101 -3.53 -7.20 -1.78
C LYS D 101 -2.90 -8.53 -1.41
N TYR D 102 -2.17 -8.57 -0.30
CA TYR D 102 -1.54 -9.80 0.15
C TYR D 102 -2.20 -10.38 1.39
N GLN D 103 -3.42 -9.96 1.70
CA GLN D 103 -4.10 -10.50 2.88
C GLN D 103 -4.20 -12.02 2.72
N GLU D 104 -3.77 -12.74 3.75
CA GLU D 104 -3.76 -14.20 3.73
C GLU D 104 -4.15 -14.73 5.10
N GLN D 105 -4.35 -16.05 5.18
CA GLN D 105 -4.77 -16.67 6.42
C GLN D 105 -3.63 -17.24 7.25
N TYR D 106 -3.52 -16.75 8.48
CA TYR D 106 -2.50 -17.21 9.40
C TYR D 106 -3.13 -18.09 10.48
N LEU D 107 -2.40 -19.14 10.87
CA LEU D 107 -2.89 -20.06 11.89
C LEU D 107 -2.22 -19.82 13.23
N TYR D 108 -3.03 -19.70 14.28
CA TYR D 108 -2.55 -19.54 15.65
C TYR D 108 -3.12 -20.75 16.37
N TRP D 109 -2.55 -21.12 17.51
CA TRP D 109 -3.05 -22.28 18.24
C TRP D 109 -2.78 -22.16 19.73
N SER D 110 -3.58 -22.85 20.52
CA SER D 110 -3.46 -22.82 21.97
C SER D 110 -3.50 -24.22 22.56
N THR D 111 -2.81 -24.41 23.68
CA THR D 111 -2.79 -25.70 24.35
C THR D 111 -3.27 -25.53 25.79
N ASP D 112 -3.96 -24.43 26.04
CA ASP D 112 -4.51 -24.19 27.38
C ASP D 112 -6.00 -23.85 27.35
N GLY D 113 -6.69 -24.34 26.34
CA GLY D 113 -8.12 -24.09 26.23
C GLY D 113 -8.51 -22.72 25.68
N GLY D 114 -7.59 -22.06 24.99
CA GLY D 114 -7.89 -20.77 24.40
C GLY D 114 -7.62 -19.51 25.24
N PHE D 115 -6.60 -19.55 26.09
CA PHE D 115 -6.26 -18.40 26.91
C PHE D 115 -4.94 -17.74 26.49
N THR D 116 -4.10 -18.51 25.80
CA THR D 116 -2.83 -17.99 25.29
C THR D 116 -2.57 -18.71 23.98
N PHE D 117 -2.13 -17.98 22.98
CA PHE D 117 -1.87 -18.60 21.69
C PHE D 117 -0.45 -18.41 21.21
N THR D 118 -0.06 -19.26 20.26
CA THR D 118 1.27 -19.21 19.66
C THR D 118 1.01 -19.11 18.17
N ALA D 119 1.74 -18.22 17.51
CA ALA D 119 1.56 -18.03 16.08
C ALA D 119 2.44 -18.89 15.18
N LEU D 120 1.80 -19.45 14.15
CA LEU D 120 2.50 -20.24 13.17
C LEU D 120 2.87 -19.19 12.12
N PRO D 121 4.17 -18.86 12.02
CA PRO D 121 4.76 -17.89 11.09
C PRO D 121 4.29 -17.84 9.65
N ASP D 122 4.28 -18.97 8.95
CA ASP D 122 3.90 -18.95 7.55
C ASP D 122 2.41 -19.17 7.29
N PRO D 123 1.80 -18.26 6.53
CA PRO D 123 0.38 -18.39 6.24
C PRO D 123 0.07 -19.77 5.68
N VAL D 124 -1.01 -20.39 6.17
CA VAL D 124 -1.42 -21.71 5.73
C VAL D 124 -2.19 -21.65 4.41
N ILE D 125 -2.66 -20.46 4.05
CA ILE D 125 -3.35 -20.28 2.79
C ILE D 125 -2.88 -18.98 2.17
N VAL D 126 -2.00 -19.12 1.20
CA VAL D 126 -1.38 -17.99 0.52
C VAL D 126 -2.22 -17.32 -0.56
N ASN D 127 -2.15 -15.99 -0.56
CA ASN D 127 -2.87 -15.18 -1.55
C ASN D 127 -1.93 -15.04 -2.74
N THR D 128 -1.83 -16.09 -3.55
CA THR D 128 -0.97 -16.06 -4.71
C THR D 128 -1.45 -14.99 -5.68
N ASP D 129 -2.76 -14.75 -5.66
CA ASP D 129 -3.38 -13.75 -6.53
C ASP D 129 -2.72 -12.38 -6.43
N GLY D 130 -2.57 -11.90 -5.20
CA GLY D 130 -1.99 -10.60 -4.95
C GLY D 130 -0.71 -10.28 -5.69
N ARG D 131 0.22 -11.22 -5.70
CA ARG D 131 1.50 -11.01 -6.35
C ARG D 131 1.44 -10.91 -7.87
N ALA D 132 0.43 -11.52 -8.47
CA ALA D 132 0.31 -11.47 -9.92
C ALA D 132 -0.57 -10.32 -10.37
N ALA D 133 -1.45 -9.88 -9.47
CA ALA D 133 -2.37 -8.77 -9.78
C ALA D 133 -1.58 -7.53 -10.18
N THR D 134 -1.97 -6.93 -11.30
CA THR D 134 -1.28 -5.74 -11.78
C THR D 134 -2.27 -4.64 -12.16
N THR D 135 -3.48 -5.02 -12.57
CA THR D 135 -4.46 -4.00 -12.93
C THR D 135 -5.35 -3.66 -11.74
N PRO D 136 -5.92 -2.44 -11.73
CA PRO D 136 -6.80 -2.00 -10.65
C PRO D 136 -7.89 -3.02 -10.32
N ALA D 137 -8.45 -3.61 -11.37
CA ALA D 137 -9.51 -4.60 -11.19
C ALA D 137 -8.95 -5.84 -10.52
N GLU D 138 -7.75 -6.25 -10.92
CA GLU D 138 -7.14 -7.42 -10.34
C GLU D 138 -6.77 -7.25 -8.88
N ILE D 139 -6.12 -6.14 -8.54
CA ILE D 139 -5.72 -5.91 -7.16
C ILE D 139 -6.94 -5.83 -6.26
N GLU D 140 -8.03 -5.26 -6.77
CA GLU D 140 -9.24 -5.16 -5.99
C GLU D 140 -9.74 -6.53 -5.57
N ASN D 141 -9.65 -7.49 -6.49
CA ASN D 141 -10.09 -8.85 -6.21
C ASN D 141 -9.16 -9.50 -5.21
N ALA D 142 -7.87 -9.16 -5.30
CA ALA D 142 -6.88 -9.72 -4.40
C ALA D 142 -6.97 -9.04 -3.05
N GLU D 143 -7.77 -7.98 -2.97
CA GLU D 143 -7.94 -7.26 -1.72
C GLU D 143 -9.17 -7.75 -0.97
N TRP D 144 -9.76 -8.83 -1.46
CA TRP D 144 -10.92 -9.42 -0.81
C TRP D 144 -10.70 -10.94 -0.77
N PHE D 145 -10.01 -11.36 0.29
CA PHE D 145 -9.68 -12.76 0.54
C PHE D 145 -9.56 -12.86 2.06
N ARG D 146 -10.68 -13.04 2.77
CA ARG D 146 -10.60 -13.05 4.23
C ARG D 146 -11.72 -13.70 5.03
N ASP D 147 -11.54 -13.64 6.36
CA ASP D 147 -12.47 -14.14 7.36
C ASP D 147 -12.74 -15.63 7.23
N PRO D 148 -11.69 -16.47 7.31
CA PRO D 148 -11.83 -17.92 7.20
C PRO D 148 -12.62 -18.60 8.32
N LYS D 149 -13.70 -19.28 7.94
CA LYS D 149 -14.53 -20.01 8.89
C LYS D 149 -14.17 -21.49 8.79
N ILE D 150 -13.73 -22.07 9.91
CA ILE D 150 -13.31 -23.47 9.95
C ILE D 150 -14.45 -24.38 10.42
N HIS D 151 -14.63 -25.52 9.75
CA HIS D 151 -15.68 -26.45 10.11
C HIS D 151 -15.34 -27.91 9.82
N TRP D 152 -15.59 -28.79 10.78
CA TRP D 152 -15.32 -30.21 10.58
C TRP D 152 -16.48 -30.90 9.86
N ASP D 153 -16.25 -31.27 8.60
CA ASP D 153 -17.26 -31.95 7.77
C ASP D 153 -17.55 -33.32 8.37
N THR D 154 -18.49 -33.36 9.30
CA THR D 154 -18.90 -34.58 9.99
C THR D 154 -18.90 -35.83 9.09
N ALA D 155 -19.60 -35.73 7.97
CA ALA D 155 -19.69 -36.86 7.04
C ALA D 155 -18.32 -37.30 6.52
N ARG D 156 -17.71 -36.47 5.68
CA ARG D 156 -16.43 -36.76 5.05
C ARG D 156 -15.24 -36.85 6.00
N GLY D 157 -15.43 -36.45 7.25
CA GLY D 157 -14.33 -36.49 8.20
C GLY D 157 -13.09 -35.74 7.73
N GLU D 158 -13.21 -34.42 7.55
CA GLU D 158 -12.12 -33.57 7.09
C GLU D 158 -12.52 -32.12 7.32
N TRP D 159 -11.54 -31.23 7.48
CA TRP D 159 -11.84 -29.81 7.69
C TRP D 159 -12.18 -29.13 6.38
N VAL D 160 -13.12 -28.18 6.45
CA VAL D 160 -13.51 -27.40 5.29
C VAL D 160 -13.43 -25.95 5.76
N CYS D 161 -13.01 -25.06 4.89
CA CYS D 161 -12.86 -23.65 5.24
C CYS D 161 -13.50 -22.73 4.22
N VAL D 162 -14.25 -21.75 4.71
CA VAL D 162 -14.89 -20.79 3.81
C VAL D 162 -14.12 -19.48 3.93
N ILE D 163 -13.90 -18.83 2.81
CA ILE D 163 -13.19 -17.57 2.78
C ILE D 163 -14.00 -16.61 1.92
N GLY D 164 -14.20 -15.40 2.43
CA GLY D 164 -14.97 -14.41 1.69
C GLY D 164 -14.18 -13.75 0.59
N ARG D 165 -14.79 -13.59 -0.58
CA ARG D 165 -14.14 -12.97 -1.73
C ARG D 165 -15.09 -11.92 -2.29
N LEU D 166 -14.65 -11.20 -3.31
CA LEU D 166 -15.50 -10.17 -3.89
C LEU D 166 -16.72 -10.73 -4.62
N ARG D 167 -17.85 -10.74 -3.91
CA ARG D 167 -19.12 -11.23 -4.44
C ARG D 167 -19.21 -12.74 -4.69
N TYR D 168 -18.48 -13.52 -3.89
CA TYR D 168 -18.53 -14.97 -4.00
C TYR D 168 -17.72 -15.57 -2.86
N ALA D 169 -17.86 -16.87 -2.64
CA ALA D 169 -17.13 -17.52 -1.57
C ALA D 169 -16.17 -18.60 -2.07
N ALA D 170 -15.05 -18.74 -1.38
CA ALA D 170 -14.05 -19.72 -1.74
C ALA D 170 -13.97 -20.78 -0.66
N PHE D 171 -13.86 -22.04 -1.07
CA PHE D 171 -13.79 -23.15 -0.11
C PHE D 171 -12.50 -23.95 -0.23
N TYR D 172 -11.99 -24.42 0.90
CA TYR D 172 -10.79 -25.24 0.93
C TYR D 172 -11.01 -26.37 1.92
N THR D 173 -10.33 -27.50 1.70
CA THR D 173 -10.42 -28.67 2.58
C THR D 173 -9.05 -29.06 3.09
N SER D 174 -8.98 -29.53 4.33
CA SER D 174 -7.71 -29.92 4.94
C SER D 174 -7.87 -31.04 5.97
N PRO D 175 -6.80 -31.83 6.18
CA PRO D 175 -6.81 -32.93 7.15
C PRO D 175 -6.24 -32.48 8.48
N ASN D 176 -5.45 -31.40 8.45
CA ASN D 176 -4.81 -30.92 9.67
C ASN D 176 -4.83 -29.40 9.87
N LEU D 177 -5.65 -28.70 9.10
CA LEU D 177 -5.78 -27.25 9.20
C LEU D 177 -4.56 -26.49 8.66
N ARG D 178 -3.52 -27.24 8.28
CA ARG D 178 -2.31 -26.63 7.75
C ARG D 178 -2.24 -26.73 6.22
N ASP D 179 -2.62 -27.87 5.68
CA ASP D 179 -2.58 -28.05 4.23
C ASP D 179 -3.97 -28.01 3.64
N TRP D 180 -4.25 -26.98 2.85
CA TRP D 180 -5.55 -26.80 2.25
C TRP D 180 -5.60 -27.03 0.76
N THR D 181 -6.78 -27.40 0.26
CA THR D 181 -6.97 -27.66 -1.16
C THR D 181 -8.16 -26.86 -1.70
N LEU D 182 -7.86 -25.98 -2.65
CA LEU D 182 -8.88 -25.14 -3.24
C LEU D 182 -10.00 -25.96 -3.89
N ARG D 183 -11.25 -25.65 -3.53
CA ARG D 183 -12.39 -26.35 -4.09
C ARG D 183 -13.20 -25.43 -5.00
N ARG D 184 -14.39 -25.87 -5.38
CA ARG D 184 -15.26 -25.10 -6.26
C ARG D 184 -15.83 -23.87 -5.52
N ASN D 185 -15.99 -22.76 -6.24
CA ASN D 185 -16.52 -21.54 -5.62
C ASN D 185 -18.03 -21.52 -5.61
N PHE D 186 -18.60 -20.78 -4.66
CA PHE D 186 -20.05 -20.63 -4.56
C PHE D 186 -20.41 -19.28 -5.13
N ASP D 187 -21.18 -19.28 -6.20
CA ASP D 187 -21.60 -18.04 -6.86
C ASP D 187 -23.10 -17.80 -6.74
N TYR D 188 -23.49 -16.53 -6.62
CA TYR D 188 -24.90 -16.18 -6.56
C TYR D 188 -25.23 -15.07 -7.55
N PRO D 189 -26.36 -15.19 -8.24
CA PRO D 189 -26.84 -14.23 -9.26
C PRO D 189 -26.97 -12.76 -8.87
N ASN D 190 -27.53 -12.49 -7.68
CA ASN D 190 -27.73 -11.11 -7.27
C ASN D 190 -26.52 -10.54 -6.54
N HIS D 191 -25.56 -10.01 -7.31
CA HIS D 191 -24.36 -9.44 -6.71
C HIS D 191 -24.62 -8.19 -5.88
N ALA D 192 -25.76 -7.56 -6.13
CA ALA D 192 -26.16 -6.36 -5.39
C ALA D 192 -26.36 -6.69 -3.91
N LEU D 193 -26.34 -7.98 -3.60
CA LEU D 193 -26.55 -8.44 -2.23
C LEU D 193 -25.40 -8.12 -1.26
N GLY D 194 -24.17 -8.08 -1.77
CA GLY D 194 -23.03 -7.84 -0.90
C GLY D 194 -21.97 -8.85 -1.28
N GLY D 195 -20.73 -8.63 -0.86
CA GLY D 195 -19.63 -9.50 -1.26
C GLY D 195 -19.06 -10.55 -0.33
N ILE D 196 -19.82 -10.99 0.67
CA ILE D 196 -19.32 -12.04 1.57
C ILE D 196 -18.18 -11.65 2.48
N GLU D 197 -18.53 -11.38 3.74
CA GLU D 197 -17.57 -11.02 4.77
C GLU D 197 -17.95 -11.88 5.97
N CYS D 198 -16.97 -12.34 6.73
CA CYS D 198 -17.22 -13.18 7.89
C CYS D 198 -18.21 -14.28 7.51
N PRO D 199 -17.85 -15.12 6.53
CA PRO D 199 -18.79 -16.17 6.16
C PRO D 199 -18.93 -17.20 7.28
N ASP D 200 -19.99 -17.99 7.20
CA ASP D 200 -20.26 -19.02 8.20
C ASP D 200 -20.64 -20.27 7.43
N LEU D 201 -20.40 -21.43 8.04
CA LEU D 201 -20.74 -22.70 7.42
C LEU D 201 -20.89 -23.73 8.51
N PHE D 202 -22.02 -24.41 8.54
CA PHE D 202 -22.26 -25.43 9.56
C PHE D 202 -23.33 -26.44 9.16
N GLU D 203 -23.44 -27.47 10.00
CA GLU D 203 -24.41 -28.55 9.81
C GLU D 203 -25.41 -28.44 10.94
N ILE D 204 -26.69 -28.57 10.61
CA ILE D 204 -27.76 -28.48 11.60
C ILE D 204 -28.83 -29.51 11.29
N THR D 205 -29.54 -29.96 12.33
CA THR D 205 -30.62 -30.94 12.17
C THR D 205 -31.96 -30.20 12.41
N ALA D 206 -32.89 -30.30 11.47
CA ALA D 206 -34.18 -29.61 11.60
C ALA D 206 -35.08 -30.28 12.65
N ASP D 207 -36.12 -29.57 13.06
CA ASP D 207 -37.02 -30.13 14.05
C ASP D 207 -37.75 -31.37 13.54
N ASP D 208 -37.68 -31.62 12.23
CA ASP D 208 -38.34 -32.79 11.68
C ASP D 208 -37.35 -33.95 11.58
N GLY D 209 -36.09 -33.68 11.90
CA GLY D 209 -35.07 -34.71 11.85
C GLY D 209 -34.15 -34.65 10.65
N THR D 210 -34.50 -33.89 9.62
CA THR D 210 -33.68 -33.78 8.41
C THR D 210 -32.36 -33.04 8.66
N ARG D 211 -31.28 -33.50 8.05
CA ARG D 211 -29.97 -32.90 8.22
C ARG D 211 -29.71 -31.88 7.11
N HIS D 212 -29.14 -30.75 7.49
CA HIS D 212 -28.89 -29.70 6.51
C HIS D 212 -27.56 -28.99 6.74
N TRP D 213 -27.07 -28.39 5.66
CA TRP D 213 -25.84 -27.58 5.68
C TRP D 213 -26.29 -26.14 5.52
N VAL D 214 -25.61 -25.24 6.22
CA VAL D 214 -25.93 -23.82 6.14
C VAL D 214 -24.69 -23.01 5.82
N LEU D 215 -24.77 -22.21 4.76
CA LEU D 215 -23.68 -21.34 4.35
C LEU D 215 -24.24 -19.94 4.49
N ALA D 216 -23.51 -19.06 5.17
CA ALA D 216 -23.99 -17.70 5.37
C ALA D 216 -22.85 -16.67 5.42
N ALA D 217 -23.21 -15.39 5.49
CA ALA D 217 -22.24 -14.29 5.57
C ALA D 217 -22.91 -12.92 5.76
N SER D 218 -22.11 -11.93 6.17
CA SER D 218 -22.61 -10.58 6.35
C SER D 218 -22.63 -9.95 4.96
N MET D 219 -23.69 -9.19 4.67
CA MET D 219 -23.86 -8.59 3.35
C MET D 219 -24.15 -7.08 3.37
N ASP D 220 -24.55 -6.55 2.22
CA ASP D 220 -24.90 -5.15 2.10
C ASP D 220 -25.88 -4.98 0.95
N ALA D 221 -27.15 -5.31 1.19
CA ALA D 221 -28.17 -5.20 0.16
C ALA D 221 -29.03 -3.94 0.30
N TYR D 222 -28.51 -2.93 0.99
CA TYR D 222 -29.24 -1.69 1.18
C TYR D 222 -29.68 -1.10 -0.15
N GLY D 223 -28.84 -1.28 -1.17
CA GLY D 223 -29.15 -0.75 -2.49
C GLY D 223 -30.38 -1.36 -3.11
N ILE D 224 -30.64 -2.63 -2.84
CA ILE D 224 -31.83 -3.25 -3.41
C ILE D 224 -32.89 -3.39 -2.33
N GLY D 225 -32.91 -2.42 -1.43
CA GLY D 225 -33.88 -2.40 -0.35
C GLY D 225 -33.89 -3.61 0.57
N LEU D 226 -32.73 -4.24 0.74
CA LEU D 226 -32.62 -5.40 1.62
C LEU D 226 -31.64 -5.11 2.76
N PRO D 227 -31.52 -6.03 3.73
CA PRO D 227 -30.64 -5.87 4.89
C PRO D 227 -29.13 -5.82 4.66
N MET D 228 -28.43 -5.31 5.67
CA MET D 228 -26.97 -5.21 5.69
C MET D 228 -26.57 -6.05 6.90
N THR D 229 -27.18 -7.23 6.99
CA THR D 229 -26.95 -8.11 8.12
C THR D 229 -26.33 -9.48 7.81
N TYR D 230 -27.05 -10.55 8.14
CA TYR D 230 -26.58 -11.92 7.94
C TYR D 230 -27.55 -12.69 7.07
N ALA D 231 -27.14 -12.97 5.84
CA ALA D 231 -27.96 -13.71 4.89
C ALA D 231 -27.42 -15.14 4.84
N TYR D 232 -28.29 -16.11 4.62
CA TYR D 232 -27.84 -17.49 4.58
C TYR D 232 -28.56 -18.37 3.55
N TRP D 233 -27.84 -19.37 3.06
CA TRP D 233 -28.36 -20.33 2.10
C TRP D 233 -28.33 -21.73 2.72
N THR D 234 -29.48 -22.38 2.77
CA THR D 234 -29.49 -23.74 3.29
C THR D 234 -29.09 -24.61 2.12
N GLY D 235 -28.48 -25.75 2.39
CA GLY D 235 -28.08 -26.63 1.31
C GLY D 235 -27.16 -27.75 1.76
N THR D 236 -26.29 -28.17 0.86
CA THR D 236 -25.37 -29.26 1.16
C THR D 236 -23.97 -29.00 0.62
N TRP D 237 -22.98 -29.55 1.34
CA TRP D 237 -21.58 -29.44 0.97
C TRP D 237 -21.05 -30.85 0.73
N ASP D 238 -20.76 -31.17 -0.53
CA ASP D 238 -20.27 -32.49 -0.92
C ASP D 238 -18.76 -32.67 -0.89
N GLY D 239 -18.04 -31.67 -0.36
CA GLY D 239 -16.60 -31.76 -0.30
C GLY D 239 -15.96 -31.12 -1.52
N GLU D 240 -16.76 -30.91 -2.56
CA GLU D 240 -16.29 -30.32 -3.80
C GLU D 240 -16.83 -28.89 -3.92
N GLN D 241 -18.13 -28.74 -3.72
CA GLN D 241 -18.77 -27.43 -3.82
C GLN D 241 -20.01 -27.37 -2.94
N PHE D 242 -20.57 -26.17 -2.78
CA PHE D 242 -21.77 -25.99 -1.98
C PHE D 242 -22.97 -25.83 -2.90
N HIS D 243 -23.97 -26.70 -2.72
CA HIS D 243 -25.18 -26.62 -3.52
C HIS D 243 -26.25 -26.00 -2.64
N ALA D 244 -26.81 -24.88 -3.09
CA ALA D 244 -27.84 -24.21 -2.33
C ALA D 244 -29.22 -24.61 -2.79
N ASP D 245 -30.11 -24.85 -1.84
CA ASP D 245 -31.48 -25.23 -2.17
C ASP D 245 -32.09 -24.17 -3.08
N ASP D 246 -31.92 -22.90 -2.72
CA ASP D 246 -32.42 -21.79 -3.51
C ASP D 246 -31.35 -20.71 -3.58
N LEU D 247 -31.23 -20.03 -4.71
CA LEU D 247 -30.19 -19.02 -4.84
C LEU D 247 -30.35 -17.70 -4.08
N THR D 248 -31.57 -17.19 -3.95
CA THR D 248 -31.73 -15.95 -3.19
C THR D 248 -31.75 -16.42 -1.73
N PRO D 249 -30.88 -15.85 -0.88
CA PRO D 249 -30.79 -16.21 0.54
C PRO D 249 -31.88 -15.70 1.48
N GLN D 250 -31.81 -16.17 2.71
CA GLN D 250 -32.75 -15.76 3.74
C GLN D 250 -31.97 -14.82 4.66
N TRP D 251 -32.67 -14.11 5.54
CA TRP D 251 -31.99 -13.18 6.43
C TRP D 251 -32.26 -13.48 7.90
N LEU D 252 -31.24 -13.30 8.74
CA LEU D 252 -31.37 -13.56 10.17
C LEU D 252 -31.80 -12.32 10.95
N ASP D 253 -31.69 -11.16 10.32
CA ASP D 253 -32.07 -9.91 10.97
C ASP D 253 -32.44 -8.85 9.95
N TRP D 254 -33.41 -8.01 10.31
CA TRP D 254 -33.82 -6.94 9.40
C TRP D 254 -33.58 -5.60 10.07
N GLY D 255 -32.74 -5.58 11.09
CA GLY D 255 -32.44 -4.33 11.76
C GLY D 255 -31.32 -3.62 11.03
N TRP D 256 -30.64 -2.71 11.70
CA TRP D 256 -29.55 -1.98 11.09
C TRP D 256 -28.22 -2.46 11.62
N ASP D 257 -28.26 -2.92 12.87
CA ASP D 257 -27.04 -3.32 13.54
C ASP D 257 -26.93 -4.73 14.03
N TRP D 258 -26.56 -5.62 13.12
CA TRP D 258 -26.35 -7.04 13.42
C TRP D 258 -25.32 -7.51 12.39
N TYR D 259 -24.07 -7.09 12.60
CA TYR D 259 -23.00 -7.39 11.64
C TYR D 259 -21.92 -8.35 12.13
N ALA D 260 -21.23 -8.94 11.15
CA ALA D 260 -20.14 -9.88 11.41
C ALA D 260 -20.61 -10.96 12.38
N ALA D 261 -21.84 -11.42 12.18
CA ALA D 261 -22.43 -12.44 13.05
C ALA D 261 -21.73 -13.78 12.95
N VAL D 262 -21.63 -14.45 14.09
CA VAL D 262 -21.03 -15.78 14.17
C VAL D 262 -21.93 -16.74 14.96
N THR D 263 -21.89 -18.02 14.61
CA THR D 263 -22.69 -19.03 15.29
C THR D 263 -21.82 -20.18 15.75
N TRP D 264 -22.25 -20.85 16.82
CA TRP D 264 -21.52 -21.99 17.34
C TRP D 264 -22.53 -22.94 17.99
N PRO D 265 -22.18 -24.23 18.15
CA PRO D 265 -23.05 -25.26 18.75
C PRO D 265 -23.27 -25.06 20.25
N SER D 266 -24.50 -25.28 20.72
CA SER D 266 -24.79 -25.13 22.14
C SER D 266 -24.33 -26.40 22.84
N ILE D 267 -23.93 -26.29 24.10
CA ILE D 267 -23.47 -27.47 24.83
C ILE D 267 -24.53 -28.54 24.97
N ASP D 268 -25.72 -28.14 25.40
CA ASP D 268 -26.81 -29.08 25.60
C ASP D 268 -27.33 -29.75 24.33
N ALA D 269 -27.52 -29.00 23.25
CA ALA D 269 -28.05 -29.60 22.02
C ALA D 269 -27.34 -29.10 20.76
N PRO D 270 -26.04 -29.41 20.64
CA PRO D 270 -25.16 -29.03 19.53
C PRO D 270 -25.65 -29.31 18.11
N GLU D 271 -26.37 -30.42 17.93
CA GLU D 271 -26.88 -30.81 16.61
C GLU D 271 -28.15 -30.07 16.22
N THR D 272 -28.91 -29.64 17.22
CA THR D 272 -30.18 -28.98 16.99
C THR D 272 -30.28 -27.50 17.38
N LYS D 273 -29.52 -27.08 18.38
CA LYS D 273 -29.60 -25.70 18.83
C LYS D 273 -28.26 -24.97 18.83
N ARG D 274 -28.16 -23.92 18.02
CA ARG D 274 -26.94 -23.13 17.96
C ARG D 274 -27.12 -21.76 18.63
N LEU D 275 -26.01 -21.17 19.06
CA LEU D 275 -26.02 -19.86 19.68
C LEU D 275 -25.48 -18.86 18.66
N ALA D 276 -25.87 -17.60 18.77
CA ALA D 276 -25.41 -16.62 17.82
C ALA D 276 -25.27 -15.25 18.48
N ILE D 277 -24.22 -14.52 18.09
CA ILE D 277 -23.98 -13.20 18.62
C ILE D 277 -23.41 -12.36 17.48
N ALA D 278 -23.69 -11.07 17.51
CA ALA D 278 -23.22 -10.17 16.45
C ALA D 278 -22.80 -8.82 17.00
N TRP D 279 -22.04 -8.09 16.18
CA TRP D 279 -21.58 -6.74 16.49
C TRP D 279 -22.73 -5.80 16.16
N MET D 280 -23.28 -5.13 17.17
CA MET D 280 -24.38 -4.23 16.86
C MET D 280 -23.86 -2.91 16.32
N ASN D 281 -23.49 -2.92 15.05
CA ASN D 281 -23.00 -1.74 14.40
C ASN D 281 -23.27 -1.82 12.89
N ASN D 282 -22.82 -0.81 12.15
CA ASN D 282 -23.02 -0.79 10.70
C ASN D 282 -21.99 0.12 10.07
N TRP D 283 -21.23 -0.45 9.12
CA TRP D 283 -20.17 0.29 8.44
C TRP D 283 -20.56 1.58 7.76
N LYS D 284 -21.86 1.83 7.58
CA LYS D 284 -22.30 3.07 6.97
C LYS D 284 -21.95 4.22 7.91
N TYR D 285 -21.69 3.88 9.18
CA TYR D 285 -21.36 4.90 10.16
C TYR D 285 -20.61 4.40 11.38
N ALA D 286 -20.13 3.16 11.36
CA ALA D 286 -19.41 2.63 12.52
C ALA D 286 -18.18 3.46 12.91
N ALA D 287 -17.46 3.97 11.90
CA ALA D 287 -16.25 4.77 12.16
C ALA D 287 -16.61 6.15 12.70
N ARG D 288 -16.77 6.27 14.01
CA ARG D 288 -17.13 7.55 14.60
C ARG D 288 -17.02 7.46 16.10
N ASP D 289 -17.25 8.56 16.79
CA ASP D 289 -17.23 8.54 18.23
C ASP D 289 -18.68 8.36 18.63
N VAL D 290 -18.91 7.75 19.77
CA VAL D 290 -20.26 7.48 20.22
C VAL D 290 -20.46 8.07 21.62
N PRO D 291 -21.72 8.30 22.03
CA PRO D 291 -21.92 8.86 23.37
C PRO D 291 -21.10 8.11 24.42
N THR D 292 -21.04 6.79 24.24
CA THR D 292 -20.31 5.92 25.14
C THR D 292 -18.82 6.30 25.22
N ASP D 293 -18.28 6.81 24.12
CA ASP D 293 -16.88 7.23 24.07
C ASP D 293 -16.63 8.36 25.05
N ALA D 294 -17.46 9.40 25.01
CA ALA D 294 -17.30 10.53 25.91
C ALA D 294 -17.55 10.13 27.35
N SER D 295 -18.50 9.24 27.57
CA SER D 295 -18.83 8.82 28.92
C SER D 295 -18.05 7.67 29.55
N ASP D 296 -17.52 6.74 28.76
CA ASP D 296 -16.79 5.62 29.35
C ASP D 296 -15.54 5.13 28.62
N GLY D 297 -15.12 5.88 27.61
CA GLY D 297 -13.93 5.51 26.86
C GLY D 297 -14.02 4.26 26.00
N TYR D 298 -15.23 3.85 25.62
CA TYR D 298 -15.36 2.66 24.77
C TYR D 298 -16.38 2.89 23.68
N ASN D 299 -16.29 2.11 22.61
CA ASN D 299 -17.18 2.28 21.47
C ASN D 299 -17.64 0.92 20.92
N GLY D 300 -18.92 0.63 21.09
CA GLY D 300 -19.46 -0.62 20.56
C GLY D 300 -19.94 -1.63 21.57
N GLN D 301 -20.95 -2.40 21.16
CA GLN D 301 -21.53 -3.44 22.00
C GLN D 301 -21.96 -4.59 21.10
N ASN D 302 -22.17 -5.75 21.71
CA ASN D 302 -22.62 -6.91 20.94
C ASN D 302 -24.12 -7.04 21.14
N SER D 303 -24.77 -7.89 20.36
CA SER D 303 -26.20 -8.10 20.48
C SER D 303 -26.42 -9.07 21.63
N ILE D 304 -27.69 -9.33 21.93
CA ILE D 304 -28.03 -10.30 22.97
C ILE D 304 -27.71 -11.61 22.24
N VAL D 305 -27.27 -12.63 22.96
CA VAL D 305 -26.98 -13.89 22.29
C VAL D 305 -28.34 -14.54 21.98
N ARG D 306 -28.49 -15.04 20.76
CA ARG D 306 -29.74 -15.68 20.39
C ARG D 306 -29.53 -17.17 20.16
N GLU D 307 -30.60 -17.94 20.33
CA GLU D 307 -30.58 -19.37 20.11
C GLU D 307 -31.20 -19.58 18.74
N LEU D 308 -30.61 -20.46 17.94
CA LEU D 308 -31.13 -20.71 16.60
C LEU D 308 -31.58 -22.14 16.43
N ARG D 309 -32.60 -22.34 15.59
CA ARG D 309 -33.12 -23.66 15.29
C ARG D 309 -33.54 -23.63 13.83
N LEU D 310 -33.50 -24.78 13.18
CA LEU D 310 -33.93 -24.86 11.79
C LEU D 310 -35.30 -25.52 11.85
N ALA D 311 -36.33 -24.84 11.33
CA ALA D 311 -37.69 -25.37 11.38
C ALA D 311 -38.35 -25.66 10.03
N ARG D 312 -39.13 -26.75 9.96
CA ARG D 312 -39.82 -27.08 8.72
C ARG D 312 -40.95 -26.07 8.61
N GLN D 313 -41.04 -25.42 7.46
CA GLN D 313 -42.06 -24.44 7.20
C GLN D 313 -43.15 -25.07 6.36
N PRO D 314 -44.40 -24.62 6.53
CA PRO D 314 -45.50 -25.19 5.74
C PRO D 314 -45.11 -25.25 4.27
N GLY D 315 -45.18 -26.44 3.69
CA GLY D 315 -44.81 -26.59 2.30
C GLY D 315 -43.56 -27.46 2.15
N GLY D 316 -42.72 -27.47 3.18
CA GLY D 316 -41.51 -28.28 3.13
C GLY D 316 -40.17 -27.58 3.23
N TRP D 317 -40.13 -26.25 3.20
CA TRP D 317 -38.85 -25.54 3.28
C TRP D 317 -38.39 -25.29 4.71
N TYR D 318 -37.13 -24.89 4.87
CA TYR D 318 -36.56 -24.65 6.20
C TYR D 318 -36.08 -23.23 6.44
N THR D 319 -36.21 -22.77 7.68
CA THR D 319 -35.80 -21.43 8.06
C THR D 319 -35.21 -21.42 9.47
N LEU D 320 -34.42 -20.41 9.78
CA LEU D 320 -33.81 -20.30 11.10
C LEU D 320 -34.66 -19.41 12.00
N LEU D 321 -35.10 -19.96 13.13
CA LEU D 321 -35.92 -19.19 14.06
C LEU D 321 -35.01 -18.69 15.18
N SER D 322 -35.24 -17.46 15.63
CA SER D 322 -34.42 -16.86 16.69
C SER D 322 -35.17 -16.57 17.98
N THR D 323 -34.47 -16.75 19.10
CA THR D 323 -35.03 -16.47 20.41
C THR D 323 -33.89 -16.14 21.37
N PRO D 324 -34.09 -15.12 22.24
CA PRO D 324 -33.08 -14.69 23.22
C PRO D 324 -32.61 -15.86 24.08
N VAL D 325 -31.32 -15.90 24.43
CA VAL D 325 -30.82 -17.00 25.26
C VAL D 325 -31.73 -17.15 26.47
N ALA D 326 -32.09 -18.38 26.76
CA ALA D 326 -32.97 -18.69 27.88
C ALA D 326 -32.44 -18.15 29.19
N ALA D 327 -31.12 -18.26 29.39
CA ALA D 327 -30.48 -17.79 30.62
C ALA D 327 -30.78 -16.32 30.97
N LEU D 328 -31.21 -15.53 29.99
CA LEU D 328 -31.53 -14.13 30.24
C LEU D 328 -32.56 -13.98 31.37
N THR D 329 -33.44 -14.97 31.49
CA THR D 329 -34.47 -14.97 32.52
C THR D 329 -33.89 -14.88 33.93
N ASN D 330 -32.66 -15.36 34.12
CA ASN D 330 -32.02 -15.32 35.42
C ASN D 330 -31.65 -13.89 35.81
N TYR D 331 -31.78 -12.97 34.87
CA TYR D 331 -31.42 -11.58 35.17
C TYR D 331 -32.62 -10.68 35.37
N VAL D 332 -33.82 -11.23 35.24
CA VAL D 332 -35.03 -10.45 35.44
C VAL D 332 -35.15 -10.15 36.93
N THR D 333 -35.31 -8.88 37.27
CA THR D 333 -35.41 -8.48 38.67
C THR D 333 -36.84 -8.20 39.09
N ALA D 334 -37.72 -8.05 38.11
CA ALA D 334 -39.13 -7.80 38.38
C ALA D 334 -39.97 -8.04 37.13
N THR D 335 -41.13 -8.65 37.33
CA THR D 335 -42.06 -8.94 36.23
C THR D 335 -43.35 -8.17 36.50
N THR D 336 -43.73 -7.31 35.56
CA THR D 336 -44.94 -6.52 35.72
C THR D 336 -45.91 -6.79 34.57
N THR D 337 -47.08 -7.31 34.89
CA THR D 337 -48.09 -7.55 33.86
C THR D 337 -49.08 -6.40 33.94
N LEU D 338 -49.46 -5.85 32.79
CA LEU D 338 -50.40 -4.74 32.75
C LEU D 338 -51.74 -5.22 32.18
N PRO D 339 -52.85 -4.78 32.78
CA PRO D 339 -54.18 -5.19 32.32
C PRO D 339 -54.40 -4.94 30.82
N ASP D 340 -55.07 -5.88 30.15
CA ASP D 340 -55.35 -5.74 28.72
C ASP D 340 -56.15 -4.48 28.50
N ARG D 341 -55.94 -3.86 27.35
CA ARG D 341 -56.65 -2.64 27.02
C ARG D 341 -56.84 -2.46 25.52
N THR D 342 -57.82 -1.63 25.17
CA THR D 342 -58.09 -1.33 23.78
C THR D 342 -57.75 0.12 23.60
N VAL D 343 -56.99 0.43 22.55
CA VAL D 343 -56.63 1.82 22.30
C VAL D 343 -56.94 2.19 20.86
N ASP D 344 -57.42 3.41 20.70
CA ASP D 344 -57.77 3.96 19.41
C ASP D 344 -57.11 5.32 19.41
N GLY D 345 -55.90 5.38 18.87
CA GLY D 345 -55.17 6.61 18.85
C GLY D 345 -53.85 6.37 19.56
N SER D 346 -53.78 6.75 20.83
CA SER D 346 -52.56 6.56 21.60
C SER D 346 -52.85 6.51 23.08
N ALA D 347 -51.96 5.87 23.84
CA ALA D 347 -52.12 5.75 25.28
C ALA D 347 -50.78 5.42 25.88
N VAL D 348 -50.46 6.04 27.01
CA VAL D 348 -49.19 5.82 27.66
C VAL D 348 -49.29 4.74 28.73
N LEU D 349 -48.27 3.88 28.82
CA LEU D 349 -48.28 2.82 29.83
C LEU D 349 -47.69 3.35 31.13
N PRO D 350 -48.22 2.90 32.28
CA PRO D 350 -47.70 3.35 33.57
C PRO D 350 -46.40 2.63 33.96
N TRP D 351 -45.40 2.74 33.10
CA TRP D 351 -44.10 2.09 33.32
C TRP D 351 -42.96 2.87 32.68
N ASN D 352 -41.80 2.81 33.32
CA ASN D 352 -40.60 3.51 32.84
C ASN D 352 -39.37 2.71 33.23
N GLY D 353 -38.43 2.60 32.30
CA GLY D 353 -37.21 1.86 32.56
C GLY D 353 -36.21 2.01 31.43
N ARG D 354 -34.97 1.59 31.67
CA ARG D 354 -33.95 1.69 30.65
C ARG D 354 -33.55 0.34 30.11
N ALA D 355 -33.68 -0.68 30.95
CA ALA D 355 -33.29 -2.04 30.55
C ALA D 355 -34.34 -3.08 30.90
N TYR D 356 -35.09 -3.50 29.89
CA TYR D 356 -36.15 -4.48 30.11
C TYR D 356 -36.48 -5.31 28.87
N GLU D 357 -37.48 -6.15 29.05
CA GLU D 357 -37.98 -7.01 28.00
C GLU D 357 -39.49 -6.89 28.09
N ILE D 358 -40.14 -6.54 26.97
CA ILE D 358 -41.60 -6.43 26.98
C ILE D 358 -42.23 -7.25 25.86
N GLU D 359 -43.20 -8.08 26.23
CA GLU D 359 -43.92 -8.90 25.26
C GLU D 359 -45.39 -8.49 25.28
N LEU D 360 -46.04 -8.58 24.13
CA LEU D 360 -47.45 -8.22 24.04
C LEU D 360 -48.02 -8.73 22.73
N ASP D 361 -49.33 -8.91 22.69
CA ASP D 361 -50.01 -9.35 21.47
C ASP D 361 -50.89 -8.18 21.04
N ILE D 362 -51.04 -8.00 19.74
CA ILE D 362 -51.88 -6.92 19.24
C ILE D 362 -52.82 -7.45 18.17
N ALA D 363 -54.11 -7.13 18.32
CA ALA D 363 -55.12 -7.58 17.38
C ALA D 363 -55.90 -6.39 16.87
N TRP D 364 -56.24 -6.41 15.58
CA TRP D 364 -56.97 -5.29 15.01
C TRP D 364 -57.80 -5.73 13.82
N ASP D 365 -58.50 -4.77 13.22
CA ASP D 365 -59.34 -5.06 12.06
C ASP D 365 -59.14 -4.05 10.93
N THR D 366 -59.69 -2.85 11.08
CA THR D 366 -59.61 -1.80 10.07
C THR D 366 -58.39 -0.89 10.22
N ALA D 367 -57.72 -0.97 11.37
CA ALA D 367 -56.55 -0.15 11.60
C ALA D 367 -55.52 -0.40 10.49
N THR D 368 -54.92 0.67 9.98
CA THR D 368 -53.92 0.55 8.93
C THR D 368 -52.51 0.57 9.53
N ASN D 369 -52.39 1.11 10.73
CA ASN D 369 -51.11 1.17 11.44
C ASN D 369 -51.36 0.91 12.92
N VAL D 370 -50.53 0.04 13.50
CA VAL D 370 -50.65 -0.34 14.89
C VAL D 370 -49.23 -0.50 15.46
N GLY D 371 -49.03 -0.16 16.72
CA GLY D 371 -47.70 -0.31 17.27
C GLY D 371 -47.43 0.16 18.68
N ILE D 372 -46.17 0.08 19.06
CA ILE D 372 -45.72 0.47 20.39
C ILE D 372 -44.49 1.38 20.33
N SER D 373 -44.44 2.37 21.23
CA SER D 373 -43.31 3.29 21.28
C SER D 373 -42.47 3.03 22.52
N VAL D 374 -41.18 2.89 22.31
CA VAL D 374 -40.25 2.63 23.39
C VAL D 374 -39.29 3.82 23.50
N GLY D 375 -38.68 3.98 24.67
CA GLY D 375 -37.75 5.07 24.91
C GLY D 375 -38.47 6.40 24.75
N ARG D 376 -39.72 6.45 25.16
CA ARG D 376 -40.53 7.66 25.05
C ARG D 376 -40.14 8.72 26.06
N SER D 377 -39.96 9.95 25.57
CA SER D 377 -39.59 11.08 26.42
C SER D 377 -40.82 11.62 27.15
N PRO D 378 -40.62 12.47 28.17
CA PRO D 378 -41.74 13.03 28.93
C PRO D 378 -42.75 13.76 28.06
N ASP D 379 -42.26 14.47 27.04
CA ASP D 379 -43.16 15.18 26.15
C ASP D 379 -43.64 14.29 25.01
N GLY D 380 -43.21 13.04 25.01
CA GLY D 380 -43.63 12.11 23.97
C GLY D 380 -43.21 12.46 22.56
N THR D 381 -42.23 13.35 22.40
CA THR D 381 -41.76 13.72 21.08
C THR D 381 -40.62 12.80 20.63
N ARG D 382 -39.88 12.27 21.60
CA ARG D 382 -38.79 11.34 21.30
C ARG D 382 -39.25 9.92 21.60
N HIS D 383 -38.94 8.99 20.69
CA HIS D 383 -39.33 7.59 20.87
C HIS D 383 -39.03 6.74 19.63
N THR D 384 -38.86 5.45 19.86
CA THR D 384 -38.62 4.50 18.78
C THR D 384 -39.91 3.69 18.64
N ASN D 385 -40.41 3.57 17.41
CA ASN D 385 -41.65 2.85 17.19
C ASN D 385 -41.51 1.47 16.54
N ILE D 386 -42.19 0.50 17.12
CA ILE D 386 -42.20 -0.86 16.59
C ILE D 386 -43.65 -1.13 16.23
N GLY D 387 -43.92 -1.35 14.95
CA GLY D 387 -45.30 -1.60 14.56
C GLY D 387 -45.52 -2.36 13.26
N LYS D 388 -46.80 -2.56 12.94
CA LYS D 388 -47.20 -3.27 11.73
C LYS D 388 -47.95 -2.31 10.81
N TYR D 389 -47.51 -2.23 9.56
CA TYR D 389 -48.11 -1.36 8.57
C TYR D 389 -47.92 -2.00 7.20
N GLY D 390 -49.03 -2.20 6.48
CA GLY D 390 -48.96 -2.82 5.17
C GLY D 390 -48.33 -4.20 5.26
N ALA D 391 -47.23 -4.40 4.53
CA ALA D 391 -46.52 -5.67 4.53
C ALA D 391 -45.25 -5.58 5.39
N ASP D 392 -45.16 -4.49 6.15
CA ASP D 392 -44.01 -4.24 7.00
C ASP D 392 -44.26 -4.43 8.50
N LEU D 393 -43.26 -5.01 9.18
CA LEU D 393 -43.27 -5.10 10.63
C LEU D 393 -42.00 -4.25 10.77
N TYR D 394 -42.21 -2.97 11.05
CA TYR D 394 -41.12 -2.01 11.14
C TYR D 394 -40.68 -1.60 12.52
N VAL D 395 -39.50 -0.99 12.56
CA VAL D 395 -38.92 -0.44 13.77
C VAL D 395 -38.29 0.87 13.29
N ASP D 396 -38.96 1.98 13.60
CA ASP D 396 -38.51 3.31 13.20
C ASP D 396 -37.83 4.01 14.36
N ARG D 397 -36.51 4.13 14.28
CA ARG D 397 -35.73 4.78 15.34
C ARG D 397 -35.50 6.27 15.04
N GLY D 398 -36.14 6.77 14.00
CA GLY D 398 -35.98 8.17 13.63
C GLY D 398 -36.26 9.16 14.76
N PRO D 399 -37.47 9.16 15.32
CA PRO D 399 -37.73 10.11 16.41
C PRO D 399 -36.88 9.94 17.67
N SER D 400 -35.93 9.01 17.64
CA SER D 400 -35.05 8.83 18.78
C SER D 400 -33.62 9.27 18.39
N ASP D 401 -33.48 9.73 17.15
CA ASP D 401 -32.18 10.19 16.63
C ASP D 401 -31.54 11.24 17.54
N LEU D 402 -30.27 11.06 17.85
CA LEU D 402 -29.54 11.98 18.71
C LEU D 402 -28.71 13.00 17.92
N ALA D 403 -29.09 14.27 18.01
CA ALA D 403 -28.38 15.32 17.30
C ALA D 403 -26.88 15.24 17.58
N GLY D 404 -26.07 15.27 16.53
CA GLY D 404 -24.62 15.21 16.70
C GLY D 404 -24.06 13.80 16.58
N TYR D 405 -24.94 12.83 16.73
CA TYR D 405 -24.62 11.41 16.63
C TYR D 405 -25.72 10.80 15.78
N SER D 406 -26.16 11.56 14.79
CA SER D 406 -27.24 11.16 13.91
C SER D 406 -27.00 9.86 13.15
N LEU D 407 -28.06 9.07 13.00
CA LEU D 407 -28.00 7.80 12.27
C LEU D 407 -28.77 7.92 10.95
N ALA D 408 -29.38 9.08 10.72
CA ALA D 408 -30.12 9.32 9.48
C ALA D 408 -29.16 9.08 8.32
N PRO D 409 -29.65 8.61 7.17
CA PRO D 409 -31.02 8.28 6.76
C PRO D 409 -31.46 6.86 7.10
N TYR D 410 -30.69 6.16 7.93
CA TYR D 410 -31.03 4.79 8.31
C TYR D 410 -31.89 4.79 9.57
N SER D 411 -33.17 5.12 9.40
CA SER D 411 -34.10 5.21 10.51
C SER D 411 -35.18 4.14 10.58
N ARG D 412 -35.91 3.96 9.49
CA ARG D 412 -37.00 2.99 9.47
C ARG D 412 -36.62 1.62 8.90
N ALA D 413 -36.31 0.68 9.78
CA ALA D 413 -35.97 -0.68 9.34
C ALA D 413 -37.29 -1.43 9.19
N ALA D 414 -37.34 -2.45 8.34
CA ALA D 414 -38.58 -3.18 8.18
C ALA D 414 -38.41 -4.63 7.78
N ALA D 415 -39.21 -5.51 8.39
CA ALA D 415 -39.17 -6.93 8.08
C ALA D 415 -40.48 -7.23 7.37
N PRO D 416 -40.47 -8.25 6.49
CA PRO D 416 -41.67 -8.64 5.73
C PRO D 416 -42.69 -9.31 6.64
N ILE D 417 -43.97 -9.13 6.34
CA ILE D 417 -45.03 -9.76 7.12
C ILE D 417 -46.28 -9.81 6.26
N ASP D 418 -47.12 -10.82 6.48
CA ASP D 418 -48.34 -10.97 5.71
C ASP D 418 -49.15 -9.68 5.80
N PRO D 419 -49.46 -9.07 4.65
CA PRO D 419 -50.22 -7.82 4.66
C PRO D 419 -51.60 -8.03 5.29
N GLY D 420 -52.14 -9.24 5.14
CA GLY D 420 -53.45 -9.55 5.67
C GLY D 420 -53.45 -9.92 7.15
N ALA D 421 -52.25 -10.03 7.72
CA ALA D 421 -52.13 -10.36 9.14
C ALA D 421 -52.90 -9.31 9.94
N ARG D 422 -53.67 -9.78 10.93
CA ARG D 422 -54.44 -8.85 11.74
C ARG D 422 -54.06 -8.99 13.20
N SER D 423 -52.87 -9.53 13.43
CA SER D 423 -52.34 -9.71 14.77
C SER D 423 -50.87 -10.13 14.75
N VAL D 424 -50.16 -9.83 15.85
CA VAL D 424 -48.76 -10.21 16.00
C VAL D 424 -48.38 -10.25 17.46
N HIS D 425 -47.32 -11.00 17.72
CA HIS D 425 -46.77 -11.15 19.04
C HIS D 425 -45.41 -10.45 18.97
N LEU D 426 -45.04 -9.72 20.00
CA LEU D 426 -43.77 -9.03 19.98
C LEU D 426 -43.00 -9.29 21.26
N ARG D 427 -41.69 -9.44 21.11
CA ARG D 427 -40.81 -9.62 22.27
C ARG D 427 -39.71 -8.60 22.01
N ILE D 428 -39.72 -7.52 22.78
CA ILE D 428 -38.75 -6.45 22.58
C ILE D 428 -37.76 -6.28 23.71
N LEU D 429 -36.47 -6.36 23.36
CA LEU D 429 -35.40 -6.18 24.32
C LEU D 429 -34.90 -4.75 24.20
N VAL D 430 -34.97 -4.04 25.32
CA VAL D 430 -34.54 -2.65 25.37
C VAL D 430 -33.41 -2.48 26.39
N ASP D 431 -32.31 -1.88 25.95
CA ASP D 431 -31.18 -1.61 26.84
C ASP D 431 -30.81 -0.16 26.57
N THR D 432 -29.94 0.41 27.40
CA THR D 432 -29.57 1.81 27.25
C THR D 432 -29.24 2.30 25.84
N GLN D 433 -28.65 1.46 25.02
CA GLN D 433 -28.29 1.89 23.67
C GLN D 433 -28.83 1.02 22.52
N SER D 434 -29.83 0.19 22.78
CA SER D 434 -30.35 -0.67 21.72
C SER D 434 -31.77 -1.19 21.87
N VAL D 435 -32.31 -1.65 20.74
CA VAL D 435 -33.65 -2.21 20.65
C VAL D 435 -33.62 -3.41 19.70
N GLU D 436 -33.93 -4.59 20.25
CA GLU D 436 -33.96 -5.82 19.45
C GLU D 436 -35.38 -6.35 19.49
N VAL D 437 -35.97 -6.56 18.31
CA VAL D 437 -37.35 -7.04 18.22
C VAL D 437 -37.49 -8.45 17.65
N PHE D 438 -38.09 -9.32 18.43
CA PHE D 438 -38.33 -10.70 17.98
C PHE D 438 -39.82 -10.81 17.69
N VAL D 439 -40.16 -10.97 16.41
CA VAL D 439 -41.54 -11.08 15.97
C VAL D 439 -42.08 -12.49 15.99
N ASN D 440 -43.31 -12.65 16.48
CA ASN D 440 -43.97 -13.94 16.55
C ASN D 440 -43.07 -15.08 17.04
N ALA D 441 -42.90 -16.13 16.24
CA ALA D 441 -42.07 -17.25 16.68
C ALA D 441 -40.58 -17.08 16.39
N GLY D 442 -40.18 -15.87 16.04
CA GLY D 442 -38.77 -15.62 15.78
C GLY D 442 -38.29 -15.79 14.35
N HIS D 443 -39.20 -15.83 13.39
CA HIS D 443 -38.77 -15.97 12.01
C HIS D 443 -38.09 -14.69 11.59
N THR D 444 -38.64 -13.56 12.05
CA THR D 444 -38.09 -12.25 11.74
C THR D 444 -37.64 -11.56 13.02
N VAL D 445 -36.49 -10.89 12.93
CA VAL D 445 -35.89 -10.19 14.05
C VAL D 445 -35.27 -8.88 13.56
N LEU D 446 -35.47 -7.79 14.29
CA LEU D 446 -34.86 -6.52 13.91
C LEU D 446 -34.03 -5.97 15.07
N SER D 447 -32.74 -5.80 14.83
CA SER D 447 -31.81 -5.30 15.83
C SER D 447 -31.17 -4.00 15.38
N GLN D 448 -31.21 -2.99 16.25
CA GLN D 448 -30.63 -1.68 15.95
C GLN D 448 -30.19 -0.98 17.22
N GLN D 449 -29.15 -0.17 17.12
CA GLN D 449 -28.73 0.57 18.27
C GLN D 449 -29.56 1.83 18.27
N VAL D 450 -29.79 2.37 19.45
CA VAL D 450 -30.57 3.59 19.59
C VAL D 450 -29.95 4.41 20.71
N HIS D 451 -29.49 5.61 20.38
CA HIS D 451 -28.90 6.49 21.37
C HIS D 451 -29.98 7.19 22.16
N PHE D 452 -30.59 6.44 23.07
CA PHE D 452 -31.64 6.98 23.94
C PHE D 452 -30.98 8.02 24.82
N ALA D 453 -31.70 9.08 25.12
CA ALA D 453 -31.18 10.14 25.96
C ALA D 453 -31.64 9.89 27.40
N GLU D 454 -31.26 10.79 28.30
CA GLU D 454 -31.67 10.70 29.70
C GLU D 454 -33.14 11.04 29.75
N GLY D 455 -33.95 10.16 30.34
CA GLY D 455 -35.37 10.43 30.42
C GLY D 455 -36.20 9.63 29.43
N ASP D 456 -35.66 9.33 28.25
CA ASP D 456 -36.42 8.56 27.27
C ASP D 456 -36.62 7.15 27.84
N THR D 457 -37.58 7.03 28.74
CA THR D 457 -37.84 5.76 29.40
C THR D 457 -39.29 5.30 29.35
N GLY D 458 -40.15 6.08 28.70
CA GLY D 458 -41.55 5.70 28.64
C GLY D 458 -41.92 4.68 27.57
N ILE D 459 -43.18 4.22 27.63
CA ILE D 459 -43.70 3.26 26.67
C ILE D 459 -45.13 3.68 26.42
N SER D 460 -45.54 3.70 25.16
CA SER D 460 -46.90 4.07 24.82
C SER D 460 -47.41 3.18 23.69
N LEU D 461 -48.72 3.13 23.52
CA LEU D 461 -49.34 2.32 22.49
C LEU D 461 -50.01 3.24 21.48
N TYR D 462 -50.17 2.78 20.25
CA TYR D 462 -50.80 3.60 19.23
C TYR D 462 -51.42 2.79 18.10
N THR D 463 -52.37 3.41 17.41
CA THR D 463 -53.05 2.80 16.27
C THR D 463 -53.53 3.92 15.35
N ASP D 464 -53.80 3.57 14.11
CA ASP D 464 -54.28 4.54 13.12
C ASP D 464 -55.34 3.89 12.29
N GLY D 465 -56.50 4.54 12.21
CA GLY D 465 -57.59 4.02 11.41
C GLY D 465 -58.42 2.92 12.05
N GLY D 466 -58.34 2.79 13.37
CA GLY D 466 -59.11 1.76 14.03
C GLY D 466 -58.57 1.35 15.37
N PRO D 467 -59.42 0.76 16.21
CA PRO D 467 -59.00 0.32 17.55
C PRO D 467 -58.19 -0.96 17.43
N ALA D 468 -57.39 -1.22 18.46
CA ALA D 468 -56.57 -2.42 18.52
C ALA D 468 -56.64 -2.90 19.95
N HIS D 469 -56.66 -4.22 20.12
CA HIS D 469 -56.72 -4.81 21.46
C HIS D 469 -55.29 -5.25 21.82
N PHE D 470 -54.71 -4.58 22.80
CA PHE D 470 -53.35 -4.88 23.27
C PHE D 470 -53.46 -5.80 24.48
N THR D 471 -52.95 -7.01 24.36
CA THR D 471 -53.05 -7.98 25.44
C THR D 471 -51.77 -8.74 25.78
N GLY D 472 -51.77 -9.35 26.96
CA GLY D 472 -50.62 -10.11 27.41
C GLY D 472 -49.42 -9.22 27.63
N ILE D 473 -49.68 -7.99 28.05
CA ILE D 473 -48.60 -7.02 28.28
C ILE D 473 -47.80 -7.39 29.51
N VAL D 474 -46.55 -7.79 29.30
CA VAL D 474 -45.66 -8.18 30.38
C VAL D 474 -44.26 -7.55 30.23
N VAL D 475 -43.91 -6.71 31.19
CA VAL D 475 -42.61 -6.05 31.18
C VAL D 475 -41.73 -6.69 32.24
N ARG D 476 -40.60 -7.22 31.81
CA ARG D 476 -39.65 -7.85 32.72
C ARG D 476 -38.38 -7.00 32.76
N GLU D 477 -38.09 -6.47 33.95
CA GLU D 477 -36.93 -5.63 34.12
C GLU D 477 -35.67 -6.49 34.30
N ILE D 478 -34.65 -6.17 33.51
CA ILE D 478 -33.37 -6.88 33.52
C ILE D 478 -32.31 -6.14 34.32
N GLY D 479 -31.52 -6.89 35.08
CA GLY D 479 -30.48 -6.30 35.90
C GLY D 479 -29.08 -6.79 35.61
N GLN D 480 -28.13 -6.35 36.44
CA GLN D 480 -26.71 -6.68 36.34
C GLN D 480 -26.00 -5.75 35.35
#